data_5XHZ
# 
_entry.id   5XHZ 
# 
_audit_conform.dict_name       mmcif_pdbx.dic 
_audit_conform.dict_version    5.380 
_audit_conform.dict_location   http://mmcif.pdb.org/dictionaries/ascii/mmcif_pdbx.dic 
# 
loop_
_database_2.database_id 
_database_2.database_code 
_database_2.pdbx_database_accession 
_database_2.pdbx_DOI 
PDB   5XHZ         pdb_00005xhz 10.2210/pdb5xhz/pdb 
WWPDB D_1300003537 ?            ?                   
# 
_pdbx_database_status.status_code                     REL 
_pdbx_database_status.status_code_sf                  REL 
_pdbx_database_status.status_code_mr                  ? 
_pdbx_database_status.entry_id                        5XHZ 
_pdbx_database_status.recvd_initial_deposition_date   2017-04-25 
_pdbx_database_status.SG_entry                        N 
_pdbx_database_status.deposit_site                    PDBJ 
_pdbx_database_status.process_site                    PDBJ 
_pdbx_database_status.status_code_cs                  ? 
_pdbx_database_status.methods_development_category    ? 
_pdbx_database_status.pdb_format_compatible           Y 
_pdbx_database_status.status_code_nmr_data            ? 
# 
loop_
_audit_author.name 
_audit_author.pdbx_ordinal 
_audit_author.identifier_ORCID 
'Liu, W.'  1 ? 
'Yang, W.' 2 ? 
# 
_citation.abstract                  ? 
_citation.abstract_id_CAS           ? 
_citation.book_id_ISBN              ? 
_citation.book_publisher            ? 
_citation.book_publisher_city       ? 
_citation.book_title                ? 
_citation.coordinate_linkage        ? 
_citation.country                   US 
_citation.database_id_Medline       ? 
_citation.details                   ? 
_citation.id                        primary 
_citation.journal_abbrev            Biochemistry 
_citation.journal_id_ASTM           BICHAW 
_citation.journal_id_CSD            0033 
_citation.journal_id_ISSN           1520-4995 
_citation.journal_full              ? 
_citation.journal_issue             ? 
_citation.journal_volume            57 
_citation.language                  ? 
_citation.page_first                2132 
_citation.page_last                 2139 
_citation.title                     'Biochemical and Structural Studies of the Interaction between ARAP1 and CIN85.' 
_citation.year                      2018 
_citation.database_id_CSD           ? 
_citation.pdbx_database_id_DOI      10.1021/acs.biochem.8b00057 
_citation.pdbx_database_id_PubMed   29589748 
_citation.unpublished_flag          ? 
# 
loop_
_citation_author.citation_id 
_citation_author.name 
_citation_author.ordinal 
_citation_author.identifier_ORCID 
primary 'Li, Q.'   1 ? 
primary 'Yang, W.' 2 ? 
primary 'Wang, Y.' 3 ? 
primary 'Liu, W.'  4 ? 
# 
_cell.angle_alpha                  90.000 
_cell.angle_alpha_esd              ? 
_cell.angle_beta                   90.000 
_cell.angle_beta_esd               ? 
_cell.angle_gamma                  90.000 
_cell.angle_gamma_esd              ? 
_cell.entry_id                     5XHZ 
_cell.details                      ? 
_cell.formula_units_Z              ? 
_cell.length_a                     66.162 
_cell.length_a_esd                 ? 
_cell.length_b                     66.162 
_cell.length_b_esd                 ? 
_cell.length_c                     34.935 
_cell.length_c_esd                 ? 
_cell.volume                       ? 
_cell.volume_esd                   ? 
_cell.Z_PDB                        8 
_cell.reciprocal_angle_alpha       ? 
_cell.reciprocal_angle_beta        ? 
_cell.reciprocal_angle_gamma       ? 
_cell.reciprocal_angle_alpha_esd   ? 
_cell.reciprocal_angle_beta_esd    ? 
_cell.reciprocal_angle_gamma_esd   ? 
_cell.reciprocal_length_a          ? 
_cell.reciprocal_length_b          ? 
_cell.reciprocal_length_c          ? 
_cell.reciprocal_length_a_esd      ? 
_cell.reciprocal_length_b_esd      ? 
_cell.reciprocal_length_c_esd      ? 
_cell.pdbx_unique_axis             ? 
# 
_symmetry.entry_id                         5XHZ 
_symmetry.cell_setting                     ? 
_symmetry.Int_Tables_number                78 
_symmetry.space_group_name_Hall            ? 
_symmetry.space_group_name_H-M             'P 43' 
_symmetry.pdbx_full_space_group_name_H-M   ? 
# 
loop_
_entity.id 
_entity.type 
_entity.src_method 
_entity.pdbx_description 
_entity.formula_weight 
_entity.pdbx_number_of_molecules 
_entity.pdbx_ec 
_entity.pdbx_mutation 
_entity.pdbx_fragment 
_entity.details 
1 polymer     man 'SH3 domain-containing kinase-binding protein 1'                             7481.354 2   ? ? 
'SH3B (UNP RESIDUES 98-157)' ? 
2 polymer     syn 'Arf-GAP with Rho-GAP domain, ANK repeat and PH domain-containing protein 1' 1441.811 2   ? ? 
'P2 (UNP RESIDUES 80-90)'    ? 
3 non-polymer syn 'ACETATE ION'                                                                59.044   1   ? ? ? ? 
4 water       nat water                                                                        18.015   266 ? ? ? ? 
# 
loop_
_entity_name_com.entity_id 
_entity_name_com.name 
1 'Regulator of ubiquitous kinase,Ruk,SH3-containing,expressed in tumorigenic astrocytes' 
2 Centaurin-delta-2,Cnt-d2                                                                
# 
loop_
_entity_poly.entity_id 
_entity_poly.type 
_entity_poly.nstd_linkage 
_entity_poly.nstd_monomer 
_entity_poly.pdbx_seq_one_letter_code 
_entity_poly.pdbx_seq_one_letter_code_can 
_entity_poly.pdbx_strand_id 
_entity_poly.pdbx_target_identifier 
1 'polypeptide(L)' no no GPGSEFRRRRRCQVAFSYLPQNDDELELKVGDIIEVVGEVEEGWWEGVLNGKTGMFPSNFIKELSG 
GPGSEFRRRRRCQVAFSYLPQNDDELELKVGDIIEVVGEVEEGWWEGVLNGKTGMFPSNFIKELSG A,B ? 
2 'polypeptide(L)' no no RPVPMKRHIFR                                                        RPVPMKRHIFR C,D ? 
# 
loop_
_entity_poly_seq.entity_id 
_entity_poly_seq.num 
_entity_poly_seq.mon_id 
_entity_poly_seq.hetero 
1 1  GLY n 
1 2  PRO n 
1 3  GLY n 
1 4  SER n 
1 5  GLU n 
1 6  PHE n 
1 7  ARG n 
1 8  ARG n 
1 9  ARG n 
1 10 ARG n 
1 11 ARG n 
1 12 CYS n 
1 13 GLN n 
1 14 VAL n 
1 15 ALA n 
1 16 PHE n 
1 17 SER n 
1 18 TYR n 
1 19 LEU n 
1 20 PRO n 
1 21 GLN n 
1 22 ASN n 
1 23 ASP n 
1 24 ASP n 
1 25 GLU n 
1 26 LEU n 
1 27 GLU n 
1 28 LEU n 
1 29 LYS n 
1 30 VAL n 
1 31 GLY n 
1 32 ASP n 
1 33 ILE n 
1 34 ILE n 
1 35 GLU n 
1 36 VAL n 
1 37 VAL n 
1 38 GLY n 
1 39 GLU n 
1 40 VAL n 
1 41 GLU n 
1 42 GLU n 
1 43 GLY n 
1 44 TRP n 
1 45 TRP n 
1 46 GLU n 
1 47 GLY n 
1 48 VAL n 
1 49 LEU n 
1 50 ASN n 
1 51 GLY n 
1 52 LYS n 
1 53 THR n 
1 54 GLY n 
1 55 MET n 
1 56 PHE n 
1 57 PRO n 
1 58 SER n 
1 59 ASN n 
1 60 PHE n 
1 61 ILE n 
1 62 LYS n 
1 63 GLU n 
1 64 LEU n 
1 65 SER n 
1 66 GLY n 
2 1  ARG n 
2 2  PRO n 
2 3  VAL n 
2 4  PRO n 
2 5  MET n 
2 6  LYS n 
2 7  ARG n 
2 8  HIS n 
2 9  ILE n 
2 10 PHE n 
2 11 ARG n 
# 
_entity_src_gen.entity_id                          1 
_entity_src_gen.pdbx_src_id                        1 
_entity_src_gen.pdbx_alt_source_flag               sample 
_entity_src_gen.pdbx_seq_type                      'Biological sequence' 
_entity_src_gen.pdbx_beg_seq_num                   1 
_entity_src_gen.pdbx_end_seq_num                   66 
_entity_src_gen.gene_src_common_name               Mouse 
_entity_src_gen.gene_src_genus                     ? 
_entity_src_gen.pdbx_gene_src_gene                 'Sh3kbp1, Ruk, Seta' 
_entity_src_gen.gene_src_species                   ? 
_entity_src_gen.gene_src_strain                    ? 
_entity_src_gen.gene_src_tissue                    ? 
_entity_src_gen.gene_src_tissue_fraction           ? 
_entity_src_gen.gene_src_details                   ? 
_entity_src_gen.pdbx_gene_src_fragment             ? 
_entity_src_gen.pdbx_gene_src_scientific_name      'Mus musculus' 
_entity_src_gen.pdbx_gene_src_ncbi_taxonomy_id     10090 
_entity_src_gen.pdbx_gene_src_variant              ? 
_entity_src_gen.pdbx_gene_src_cell_line            ? 
_entity_src_gen.pdbx_gene_src_atcc                 ? 
_entity_src_gen.pdbx_gene_src_organ                ? 
_entity_src_gen.pdbx_gene_src_organelle            ? 
_entity_src_gen.pdbx_gene_src_cell                 ? 
_entity_src_gen.pdbx_gene_src_cellular_location    ? 
_entity_src_gen.host_org_common_name               ? 
_entity_src_gen.pdbx_host_org_scientific_name      'Escherichia coli' 
_entity_src_gen.pdbx_host_org_ncbi_taxonomy_id     469008 
_entity_src_gen.host_org_genus                     ? 
_entity_src_gen.pdbx_host_org_gene                 ? 
_entity_src_gen.pdbx_host_org_organ                ? 
_entity_src_gen.host_org_species                   ? 
_entity_src_gen.pdbx_host_org_tissue               ? 
_entity_src_gen.pdbx_host_org_tissue_fraction      ? 
_entity_src_gen.pdbx_host_org_strain               'BL21(DE3)' 
_entity_src_gen.pdbx_host_org_variant              ? 
_entity_src_gen.pdbx_host_org_cell_line            ? 
_entity_src_gen.pdbx_host_org_atcc                 ? 
_entity_src_gen.pdbx_host_org_culture_collection   ? 
_entity_src_gen.pdbx_host_org_cell                 ? 
_entity_src_gen.pdbx_host_org_organelle            ? 
_entity_src_gen.pdbx_host_org_cellular_location    ? 
_entity_src_gen.pdbx_host_org_vector_type          plasmid 
_entity_src_gen.pdbx_host_org_vector               ? 
_entity_src_gen.host_org_details                   ? 
_entity_src_gen.expression_system_id               ? 
_entity_src_gen.plasmid_name                       pET32a 
_entity_src_gen.plasmid_details                    ? 
_entity_src_gen.pdbx_description                   ? 
# 
_pdbx_entity_src_syn.entity_id              2 
_pdbx_entity_src_syn.pdbx_src_id            1 
_pdbx_entity_src_syn.pdbx_alt_source_flag   sample 
_pdbx_entity_src_syn.pdbx_beg_seq_num       ? 
_pdbx_entity_src_syn.pdbx_end_seq_num       ? 
_pdbx_entity_src_syn.organism_scientific    'Mus musculus' 
_pdbx_entity_src_syn.organism_common_name   Mouse 
_pdbx_entity_src_syn.ncbi_taxonomy_id       10090 
_pdbx_entity_src_syn.details                ? 
# 
loop_
_struct_ref.id 
_struct_ref.db_name 
_struct_ref.db_code 
_struct_ref.pdbx_db_accession 
_struct_ref.pdbx_db_isoform 
_struct_ref.entity_id 
_struct_ref.pdbx_seq_one_letter_code 
_struct_ref.pdbx_align_begin 
1 UNP SH3K1_MOUSE Q8R550 ? 1 RRRRRCQVAFSYLPQNDDELELKVGDIIEVVGEVEEGWWEGVLNGKTGMFPSNFIKELSG 98 
2 UNP ARAP1_MOUSE Q4LDD4 ? 2 RPVPMKRHIFR                                                  80 
# 
loop_
_struct_ref_seq.align_id 
_struct_ref_seq.ref_id 
_struct_ref_seq.pdbx_PDB_id_code 
_struct_ref_seq.pdbx_strand_id 
_struct_ref_seq.seq_align_beg 
_struct_ref_seq.pdbx_seq_align_beg_ins_code 
_struct_ref_seq.seq_align_end 
_struct_ref_seq.pdbx_seq_align_end_ins_code 
_struct_ref_seq.pdbx_db_accession 
_struct_ref_seq.db_align_beg 
_struct_ref_seq.pdbx_db_align_beg_ins_code 
_struct_ref_seq.db_align_end 
_struct_ref_seq.pdbx_db_align_end_ins_code 
_struct_ref_seq.pdbx_auth_seq_align_beg 
_struct_ref_seq.pdbx_auth_seq_align_end 
1 1 5XHZ A 7 ? 66 ? Q8R550 98 ? 157 ? 108 167 
2 1 5XHZ B 7 ? 66 ? Q8R550 98 ? 157 ? 108 167 
3 2 5XHZ C 1 ? 11 ? Q4LDD4 80 ? 90  ? 159 169 
4 2 5XHZ D 1 ? 11 ? Q4LDD4 80 ? 90  ? 133 143 
# 
loop_
_struct_ref_seq_dif.align_id 
_struct_ref_seq_dif.pdbx_pdb_id_code 
_struct_ref_seq_dif.mon_id 
_struct_ref_seq_dif.pdbx_pdb_strand_id 
_struct_ref_seq_dif.seq_num 
_struct_ref_seq_dif.pdbx_pdb_ins_code 
_struct_ref_seq_dif.pdbx_seq_db_name 
_struct_ref_seq_dif.pdbx_seq_db_accession_code 
_struct_ref_seq_dif.db_mon_id 
_struct_ref_seq_dif.pdbx_seq_db_seq_num 
_struct_ref_seq_dif.details 
_struct_ref_seq_dif.pdbx_auth_seq_num 
_struct_ref_seq_dif.pdbx_ordinal 
1 5XHZ GLY A 1 ? UNP Q8R550 ? ? 'expression tag' 102 1  
1 5XHZ PRO A 2 ? UNP Q8R550 ? ? 'expression tag' 103 2  
1 5XHZ GLY A 3 ? UNP Q8R550 ? ? 'expression tag' 104 3  
1 5XHZ SER A 4 ? UNP Q8R550 ? ? 'expression tag' 105 4  
1 5XHZ GLU A 5 ? UNP Q8R550 ? ? 'expression tag' 106 5  
1 5XHZ PHE A 6 ? UNP Q8R550 ? ? 'expression tag' 107 6  
2 5XHZ GLY B 1 ? UNP Q8R550 ? ? 'expression tag' 102 7  
2 5XHZ PRO B 2 ? UNP Q8R550 ? ? 'expression tag' 103 8  
2 5XHZ GLY B 3 ? UNP Q8R550 ? ? 'expression tag' 104 9  
2 5XHZ SER B 4 ? UNP Q8R550 ? ? 'expression tag' 105 10 
2 5XHZ GLU B 5 ? UNP Q8R550 ? ? 'expression tag' 106 11 
2 5XHZ PHE B 6 ? UNP Q8R550 ? ? 'expression tag' 107 12 
# 
loop_
_chem_comp.id 
_chem_comp.type 
_chem_comp.mon_nstd_flag 
_chem_comp.name 
_chem_comp.pdbx_synonyms 
_chem_comp.formula 
_chem_comp.formula_weight 
ACT non-polymer         . 'ACETATE ION'   ? 'C2 H3 O2 -1'    59.044  
ALA 'L-peptide linking' y ALANINE         ? 'C3 H7 N O2'     89.093  
ARG 'L-peptide linking' y ARGININE        ? 'C6 H15 N4 O2 1' 175.209 
ASN 'L-peptide linking' y ASPARAGINE      ? 'C4 H8 N2 O3'    132.118 
ASP 'L-peptide linking' y 'ASPARTIC ACID' ? 'C4 H7 N O4'     133.103 
CYS 'L-peptide linking' y CYSTEINE        ? 'C3 H7 N O2 S'   121.158 
GLN 'L-peptide linking' y GLUTAMINE       ? 'C5 H10 N2 O3'   146.144 
GLU 'L-peptide linking' y 'GLUTAMIC ACID' ? 'C5 H9 N O4'     147.129 
GLY 'peptide linking'   y GLYCINE         ? 'C2 H5 N O2'     75.067  
HIS 'L-peptide linking' y HISTIDINE       ? 'C6 H10 N3 O2 1' 156.162 
HOH non-polymer         . WATER           ? 'H2 O'           18.015  
ILE 'L-peptide linking' y ISOLEUCINE      ? 'C6 H13 N O2'    131.173 
LEU 'L-peptide linking' y LEUCINE         ? 'C6 H13 N O2'    131.173 
LYS 'L-peptide linking' y LYSINE          ? 'C6 H15 N2 O2 1' 147.195 
MET 'L-peptide linking' y METHIONINE      ? 'C5 H11 N O2 S'  149.211 
PHE 'L-peptide linking' y PHENYLALANINE   ? 'C9 H11 N O2'    165.189 
PRO 'L-peptide linking' y PROLINE         ? 'C5 H9 N O2'     115.130 
SER 'L-peptide linking' y SERINE          ? 'C3 H7 N O3'     105.093 
THR 'L-peptide linking' y THREONINE       ? 'C4 H9 N O3'     119.119 
TRP 'L-peptide linking' y TRYPTOPHAN      ? 'C11 H12 N2 O2'  204.225 
TYR 'L-peptide linking' y TYROSINE        ? 'C9 H11 N O3'    181.189 
VAL 'L-peptide linking' y VALINE          ? 'C5 H11 N O2'    117.146 
# 
_exptl.absorpt_coefficient_mu     ? 
_exptl.absorpt_correction_T_max   ? 
_exptl.absorpt_correction_T_min   ? 
_exptl.absorpt_correction_type    ? 
_exptl.absorpt_process_details    ? 
_exptl.entry_id                   5XHZ 
_exptl.crystals_number            1 
_exptl.details                    ? 
_exptl.method                     'X-RAY DIFFRACTION' 
_exptl.method_details             ? 
# 
_exptl_crystal.colour                      ? 
_exptl_crystal.density_diffrn              ? 
_exptl_crystal.density_Matthews            2.29 
_exptl_crystal.density_method              ? 
_exptl_crystal.density_percent_sol         46.28 
_exptl_crystal.description                 ? 
_exptl_crystal.F_000                       ? 
_exptl_crystal.id                          1 
_exptl_crystal.preparation                 ? 
_exptl_crystal.size_max                    ? 
_exptl_crystal.size_mid                    ? 
_exptl_crystal.size_min                    ? 
_exptl_crystal.size_rad                    ? 
_exptl_crystal.colour_lustre               ? 
_exptl_crystal.colour_modifier             ? 
_exptl_crystal.colour_primary              ? 
_exptl_crystal.density_meas                ? 
_exptl_crystal.density_meas_esd            ? 
_exptl_crystal.density_meas_gt             ? 
_exptl_crystal.density_meas_lt             ? 
_exptl_crystal.density_meas_temp           ? 
_exptl_crystal.density_meas_temp_esd       ? 
_exptl_crystal.density_meas_temp_gt        ? 
_exptl_crystal.density_meas_temp_lt        ? 
_exptl_crystal.pdbx_crystal_image_url      ? 
_exptl_crystal.pdbx_crystal_image_format   ? 
_exptl_crystal.pdbx_mosaicity              ? 
_exptl_crystal.pdbx_mosaicity_esd          ? 
# 
_exptl_crystal_grow.apparatus       ? 
_exptl_crystal_grow.atmosphere      ? 
_exptl_crystal_grow.crystal_id      1 
_exptl_crystal_grow.details         ? 
_exptl_crystal_grow.method          EVAPORATION 
_exptl_crystal_grow.method_ref      ? 
_exptl_crystal_grow.pH              8.5 
_exptl_crystal_grow.pressure        ? 
_exptl_crystal_grow.pressure_esd    ? 
_exptl_crystal_grow.seeding         ? 
_exptl_crystal_grow.seeding_ref     ? 
_exptl_crystal_grow.temp            289 
_exptl_crystal_grow.temp_details    ? 
_exptl_crystal_grow.temp_esd        ? 
_exptl_crystal_grow.time            ? 
_exptl_crystal_grow.pdbx_details    
'0.2M Sodium acetate trihydrate, 0.1M TRIS hydrochloride pH 8.5, 30% w/v Polyethylene glycol 4000' 
_exptl_crystal_grow.pdbx_pH_range   ? 
# 
_diffrn.ambient_environment    ? 
_diffrn.ambient_temp           100 
_diffrn.ambient_temp_details   ? 
_diffrn.ambient_temp_esd       ? 
_diffrn.crystal_id             1 
_diffrn.crystal_support        ? 
_diffrn.crystal_treatment      ? 
_diffrn.details                ? 
_diffrn.id                     1 
_diffrn.ambient_pressure       ? 
_diffrn.ambient_pressure_esd   ? 
_diffrn.ambient_pressure_gt    ? 
_diffrn.ambient_pressure_lt    ? 
_diffrn.ambient_temp_gt        ? 
_diffrn.ambient_temp_lt        ? 
# 
_diffrn_detector.details                      ? 
_diffrn_detector.detector                     PIXEL 
_diffrn_detector.diffrn_id                    1 
_diffrn_detector.type                         'DECTRIS PILATUS3 6M' 
_diffrn_detector.area_resol_mean              ? 
_diffrn_detector.dtime                        ? 
_diffrn_detector.pdbx_frames_total            ? 
_diffrn_detector.pdbx_collection_time_total   ? 
_diffrn_detector.pdbx_collection_date         2016-06-19 
# 
_diffrn_radiation.collimation                      ? 
_diffrn_radiation.diffrn_id                        1 
_diffrn_radiation.filter_edge                      ? 
_diffrn_radiation.inhomogeneity                    ? 
_diffrn_radiation.monochromator                    ? 
_diffrn_radiation.polarisn_norm                    ? 
_diffrn_radiation.polarisn_ratio                   ? 
_diffrn_radiation.probe                            ? 
_diffrn_radiation.type                             ? 
_diffrn_radiation.xray_symbol                      ? 
_diffrn_radiation.wavelength_id                    1 
_diffrn_radiation.pdbx_monochromatic_or_laue_m_l   M 
_diffrn_radiation.pdbx_wavelength_list             ? 
_diffrn_radiation.pdbx_wavelength                  ? 
_diffrn_radiation.pdbx_diffrn_protocol             'SINGLE WAVELENGTH' 
_diffrn_radiation.pdbx_analyzer                    ? 
_diffrn_radiation.pdbx_scattering_type             x-ray 
# 
_diffrn_radiation_wavelength.id           1 
_diffrn_radiation_wavelength.wavelength   0.9785 
_diffrn_radiation_wavelength.wt           1.0 
# 
_diffrn_source.current                     ? 
_diffrn_source.details                     ? 
_diffrn_source.diffrn_id                   1 
_diffrn_source.power                       ? 
_diffrn_source.size                        ? 
_diffrn_source.source                      SYNCHROTRON 
_diffrn_source.target                      ? 
_diffrn_source.type                        'SSRF BEAMLINE BL19U1' 
_diffrn_source.voltage                     ? 
_diffrn_source.take-off_angle              ? 
_diffrn_source.pdbx_wavelength_list        0.9785 
_diffrn_source.pdbx_wavelength             ? 
_diffrn_source.pdbx_synchrotron_beamline   BL19U1 
_diffrn_source.pdbx_synchrotron_site       SSRF 
# 
_reflns.B_iso_Wilson_estimate            13.910 
_reflns.entry_id                         5XHZ 
_reflns.data_reduction_details           ? 
_reflns.data_reduction_method            ? 
_reflns.d_resolution_high                1.3190 
_reflns.d_resolution_low                 50.000 
_reflns.details                          ? 
_reflns.limit_h_max                      ? 
_reflns.limit_h_min                      ? 
_reflns.limit_k_max                      ? 
_reflns.limit_k_min                      ? 
_reflns.limit_l_max                      ? 
_reflns.limit_l_min                      ? 
_reflns.number_all                       ? 
_reflns.number_obs                       34450 
_reflns.observed_criterion               ? 
_reflns.observed_criterion_F_max         ? 
_reflns.observed_criterion_F_min         ? 
_reflns.observed_criterion_I_max         ? 
_reflns.observed_criterion_I_min         ? 
_reflns.observed_criterion_sigma_F       ? 
_reflns.observed_criterion_sigma_I       ? 
_reflns.percent_possible_obs             96.000 
_reflns.R_free_details                   ? 
_reflns.Rmerge_F_all                     ? 
_reflns.Rmerge_F_obs                     ? 
_reflns.Friedel_coverage                 ? 
_reflns.number_gt                        ? 
_reflns.threshold_expression             ? 
_reflns.pdbx_redundancy                  9.300 
_reflns.pdbx_Rmerge_I_obs                0.081 
_reflns.pdbx_Rmerge_I_all                ? 
_reflns.pdbx_Rsym_value                  ? 
_reflns.pdbx_netI_over_av_sigmaI         ? 
_reflns.pdbx_netI_over_sigmaI            3.200 
_reflns.pdbx_res_netI_over_av_sigmaI_2   ? 
_reflns.pdbx_res_netI_over_sigmaI_2      ? 
_reflns.pdbx_chi_squared                 0.469 
_reflns.pdbx_scaling_rejects             ? 
_reflns.pdbx_d_res_high_opt              ? 
_reflns.pdbx_d_res_low_opt               ? 
_reflns.pdbx_d_res_opt_method            ? 
_reflns.phase_calculation_details        ? 
_reflns.pdbx_Rrim_I_all                  0.085 
_reflns.pdbx_Rpim_I_all                  0.027 
_reflns.pdbx_d_opt                       ? 
_reflns.pdbx_number_measured_all         ? 
_reflns.pdbx_diffrn_id                   1 
_reflns.pdbx_ordinal                     1 
_reflns.pdbx_CC_half                     ? 
_reflns.pdbx_R_split                     ? 
# 
loop_
_reflns_shell.d_res_high 
_reflns_shell.d_res_low 
_reflns_shell.meanI_over_sigI_all 
_reflns_shell.meanI_over_sigI_obs 
_reflns_shell.number_measured_all 
_reflns_shell.number_measured_obs 
_reflns_shell.number_possible 
_reflns_shell.number_unique_all 
_reflns_shell.number_unique_obs 
_reflns_shell.percent_possible_all 
_reflns_shell.percent_possible_obs 
_reflns_shell.Rmerge_F_all 
_reflns_shell.Rmerge_F_obs 
_reflns_shell.Rmerge_I_all 
_reflns_shell.Rmerge_I_obs 
_reflns_shell.meanI_over_sigI_gt 
_reflns_shell.meanI_over_uI_all 
_reflns_shell.meanI_over_uI_gt 
_reflns_shell.number_measured_gt 
_reflns_shell.number_unique_gt 
_reflns_shell.percent_possible_gt 
_reflns_shell.Rmerge_F_gt 
_reflns_shell.Rmerge_I_gt 
_reflns_shell.pdbx_redundancy 
_reflns_shell.pdbx_Rsym_value 
_reflns_shell.pdbx_chi_squared 
_reflns_shell.pdbx_netI_over_sigmaI_all 
_reflns_shell.pdbx_netI_over_sigmaI_obs 
_reflns_shell.pdbx_Rrim_I_all 
_reflns_shell.pdbx_Rpim_I_all 
_reflns_shell.pdbx_rejects 
_reflns_shell.pdbx_ordinal 
_reflns_shell.pdbx_diffrn_id 
_reflns_shell.pdbx_CC_half 
_reflns_shell.pdbx_R_split 
1.320 1.340  ? ? ? ? ? ? ? 97.400 ? ? ? ? 0.698 ? ? ? ? ? ? ? ? 8.700  ? 0.449 ? ? 0.741 0.248 ? 1  1 0.857 ? 
1.340 1.370  ? ? ? ? ? ? ? 99.500 ? ? ? ? 0.624 ? ? ? ? ? ? ? ? 8.300  ? 0.455 ? ? 0.665 0.226 ? 2  1 0.881 ? 
1.370 1.390  ? ? ? ? ? ? ? 97.900 ? ? ? ? 0.576 ? ? ? ? ? ? ? ? 9.400  ? 0.457 ? ? 0.609 0.197 ? 3  1 0.899 ? 
1.390 1.420  ? ? ? ? ? ? ? 99.100 ? ? ? ? 0.518 ? ? ? ? ? ? ? ? 9.500  ? 0.460 ? ? 0.547 0.177 ? 4  1 0.926 ? 
1.420 1.450  ? ? ? ? ? ? ? 97.700 ? ? ? ? 0.423 ? ? ? ? ? ? ? ? 9.400  ? 0.460 ? ? 0.447 0.144 ? 5  1 0.942 ? 
1.450 1.490  ? ? ? ? ? ? ? 99.300 ? ? ? ? 0.365 ? ? ? ? ? ? ? ? 9.300  ? 0.458 ? ? 0.386 0.126 ? 6  1 0.959 ? 
1.490 1.520  ? ? ? ? ? ? ? 97.000 ? ? ? ? 0.320 ? ? ? ? ? ? ? ? 9.100  ? 0.457 ? ? 0.339 0.110 ? 7  1 0.962 ? 
1.520 1.570  ? ? ? ? ? ? ? 99.600 ? ? ? ? 0.287 ? ? ? ? ? ? ? ? 8.700  ? 0.466 ? ? 0.305 0.102 ? 8  1 0.968 ? 
1.570 1.610  ? ? ? ? ? ? ? 97.500 ? ? ? ? 0.243 ? ? ? ? ? ? ? ? 8.800  ? 0.470 ? ? 0.258 0.086 ? 9  1 0.978 ? 
1.610 1.660  ? ? ? ? ? ? ? 97.300 ? ? ? ? 0.221 ? ? ? ? ? ? ? ? 9.600  ? 0.468 ? ? 0.233 0.075 ? 10 1 0.983 ? 
1.660 1.720  ? ? ? ? ? ? ? 98.800 ? ? ? ? 0.182 ? ? ? ? ? ? ? ? 9.500  ? 0.480 ? ? 0.192 0.061 ? 11 1 0.986 ? 
1.720 1.790  ? ? ? ? ? ? ? 97.900 ? ? ? ? 0.159 ? ? ? ? ? ? ? ? 9.500  ? 0.487 ? ? 0.168 0.054 ? 12 1 0.990 ? 
1.790 1.870  ? ? ? ? ? ? ? 97.200 ? ? ? ? 0.126 ? ? ? ? ? ? ? ? 9.400  ? 0.481 ? ? 0.133 0.043 ? 13 1 0.993 ? 
1.870 1.970  ? ? ? ? ? ? ? 96.900 ? ? ? ? 0.105 ? ? ? ? ? ? ? ? 8.700  ? 0.473 ? ? 0.112 0.037 ? 14 1 0.994 ? 
1.970 2.100  ? ? ? ? ? ? ? 97.000 ? ? ? ? 0.087 ? ? ? ? ? ? ? ? 9.500  ? 0.459 ? ? 0.092 0.029 ? 15 1 0.995 ? 
2.100 2.260  ? ? ? ? ? ? ? 96.600 ? ? ? ? 0.077 ? ? ? ? ? ? ? ? 9.900  ? 0.490 ? ? 0.082 0.026 ? 16 1 0.996 ? 
2.260 2.480  ? ? ? ? ? ? ? 95.000 ? ? ? ? 0.070 ? ? ? ? ? ? ? ? 9.800  ? 0.453 ? ? 0.074 0.024 ? 17 1 0.996 ? 
2.480 2.840  ? ? ? ? ? ? ? 94.900 ? ? ? ? 0.063 ? ? ? ? ? ? ? ? 8.700  ? 0.443 ? ? 0.067 0.022 ? 18 1 0.996 ? 
2.840 3.580  ? ? ? ? ? ? ? 92.200 ? ? ? ? 0.051 ? ? ? ? ? ? ? ? 10.000 ? 0.478 ? ? 0.054 0.017 ? 19 1 0.998 ? 
3.580 50.000 ? ? ? ? ? ? ? 72.200 ? ? ? ? 0.048 ? ? ? ? ? ? ? ? 9.300  ? 0.546 ? ? 0.051 0.016 ? 20 1 0.998 ? 
# 
_refine.aniso_B[1][1]                            ? 
_refine.aniso_B[1][2]                            ? 
_refine.aniso_B[1][3]                            ? 
_refine.aniso_B[2][2]                            ? 
_refine.aniso_B[2][3]                            ? 
_refine.aniso_B[3][3]                            ? 
_refine.B_iso_max                                52.950 
_refine.B_iso_mean                               18.7610 
_refine.B_iso_min                                9.920 
_refine.correlation_coeff_Fo_to_Fc               ? 
_refine.correlation_coeff_Fo_to_Fc_free          ? 
_refine.details                                  ? 
_refine.diff_density_max                         ? 
_refine.diff_density_max_esd                     ? 
_refine.diff_density_min                         ? 
_refine.diff_density_min_esd                     ? 
_refine.diff_density_rms                         ? 
_refine.diff_density_rms_esd                     ? 
_refine.entry_id                                 5XHZ 
_refine.pdbx_refine_id                           'X-RAY DIFFRACTION' 
_refine.ls_abs_structure_details                 ? 
_refine.ls_abs_structure_Flack                   ? 
_refine.ls_abs_structure_Flack_esd               ? 
_refine.ls_abs_structure_Rogers                  ? 
_refine.ls_abs_structure_Rogers_esd              ? 
_refine.ls_d_res_high                            1.3190 
_refine.ls_d_res_low                             8.2700 
_refine.ls_extinction_coef                       ? 
_refine.ls_extinction_coef_esd                   ? 
_refine.ls_extinction_expression                 ? 
_refine.ls_extinction_method                     ? 
_refine.ls_goodness_of_fit_all                   ? 
_refine.ls_goodness_of_fit_all_esd               ? 
_refine.ls_goodness_of_fit_obs                   ? 
_refine.ls_goodness_of_fit_obs_esd               ? 
_refine.ls_hydrogen_treatment                    ? 
_refine.ls_matrix_type                           ? 
_refine.ls_number_constraints                    ? 
_refine.ls_number_parameters                     ? 
_refine.ls_number_reflns_all                     ? 
_refine.ls_number_reflns_obs                     34440 
_refine.ls_number_reflns_R_free                  1766 
_refine.ls_number_reflns_R_work                  ? 
_refine.ls_number_restraints                     ? 
_refine.ls_percent_reflns_obs                    96.3100 
_refine.ls_percent_reflns_R_free                 5.1300 
_refine.ls_R_factor_all                          ? 
_refine.ls_R_factor_obs                          0.1641 
_refine.ls_R_factor_R_free                       0.1867 
_refine.ls_R_factor_R_free_error                 ? 
_refine.ls_R_factor_R_free_error_details         ? 
_refine.ls_R_factor_R_work                       0.1629 
_refine.ls_R_Fsqd_factor_obs                     ? 
_refine.ls_R_I_factor_obs                        ? 
_refine.ls_redundancy_reflns_all                 ? 
_refine.ls_redundancy_reflns_obs                 ? 
_refine.ls_restrained_S_all                      ? 
_refine.ls_restrained_S_obs                      ? 
_refine.ls_shift_over_esd_max                    ? 
_refine.ls_shift_over_esd_mean                   ? 
_refine.ls_structure_factor_coef                 ? 
_refine.ls_weighting_details                     ? 
_refine.ls_weighting_scheme                      ? 
_refine.ls_wR_factor_all                         ? 
_refine.ls_wR_factor_obs                         ? 
_refine.ls_wR_factor_R_free                      ? 
_refine.ls_wR_factor_R_work                      ? 
_refine.occupancy_max                            ? 
_refine.occupancy_min                            ? 
_refine.solvent_model_details                    ? 
_refine.solvent_model_param_bsol                 ? 
_refine.solvent_model_param_ksol                 ? 
_refine.ls_R_factor_gt                           ? 
_refine.ls_goodness_of_fit_gt                    ? 
_refine.ls_goodness_of_fit_ref                   ? 
_refine.ls_shift_over_su_max                     ? 
_refine.ls_shift_over_su_max_lt                  ? 
_refine.ls_shift_over_su_mean                    ? 
_refine.ls_shift_over_su_mean_lt                 ? 
_refine.pdbx_ls_sigma_I                          ? 
_refine.pdbx_ls_sigma_F                          1.370 
_refine.pdbx_ls_sigma_Fsqd                       ? 
_refine.pdbx_data_cutoff_high_absF               ? 
_refine.pdbx_data_cutoff_high_rms_absF           ? 
_refine.pdbx_data_cutoff_low_absF                ? 
_refine.pdbx_isotropic_thermal_model             ? 
_refine.pdbx_ls_cross_valid_method               'FREE R-VALUE' 
_refine.pdbx_method_to_determine_struct          'MOLECULAR REPLACEMENT' 
_refine.pdbx_starting_model                      3U23 
_refine.pdbx_stereochemistry_target_values       ? 
_refine.pdbx_R_Free_selection_details            0 
_refine.pdbx_stereochem_target_val_spec_case     ? 
_refine.pdbx_overall_ESU_R                       ? 
_refine.pdbx_overall_ESU_R_Free                  ? 
_refine.pdbx_solvent_vdw_probe_radii             1.1100 
_refine.pdbx_solvent_ion_probe_radii             ? 
_refine.pdbx_solvent_shrinkage_radii             0.9000 
_refine.pdbx_real_space_R                        ? 
_refine.pdbx_density_correlation                 ? 
_refine.pdbx_pd_number_of_powder_patterns        ? 
_refine.pdbx_pd_number_of_points                 ? 
_refine.pdbx_pd_meas_number_of_points            ? 
_refine.pdbx_pd_proc_ls_prof_R_factor            ? 
_refine.pdbx_pd_proc_ls_prof_wR_factor           ? 
_refine.pdbx_pd_Marquardt_correlation_coeff      ? 
_refine.pdbx_pd_Fsqrd_R_factor                   ? 
_refine.pdbx_pd_ls_matrix_band_width             ? 
_refine.pdbx_overall_phase_error                 18.7500 
_refine.pdbx_overall_SU_R_free_Cruickshank_DPI   ? 
_refine.pdbx_overall_SU_R_free_Blow_DPI          ? 
_refine.pdbx_overall_SU_R_Blow_DPI               ? 
_refine.pdbx_TLS_residual_ADP_flag               ? 
_refine.pdbx_diffrn_id                           1 
_refine.overall_SU_B                             ? 
_refine.overall_SU_ML                            0.1300 
_refine.overall_SU_R_Cruickshank_DPI             ? 
_refine.overall_SU_R_free                        ? 
_refine.overall_FOM_free_R_set                   ? 
_refine.overall_FOM_work_R_set                   ? 
_refine.pdbx_average_fsc_overall                 ? 
_refine.pdbx_average_fsc_work                    ? 
_refine.pdbx_average_fsc_free                    ? 
# 
_refine_hist.cycle_id                         final 
_refine_hist.pdbx_refine_id                   'X-RAY DIFFRACTION' 
_refine_hist.d_res_high                       1.3190 
_refine_hist.d_res_low                        8.2700 
_refine_hist.pdbx_number_atoms_ligand         4 
_refine_hist.number_atoms_solvent             269 
_refine_hist.number_atoms_total               1403 
_refine_hist.pdbx_number_residues_total       141 
_refine_hist.pdbx_B_iso_mean_ligand           25.69 
_refine_hist.pdbx_B_iso_mean_solvent          29.40 
_refine_hist.pdbx_number_atoms_protein        1130 
_refine_hist.pdbx_number_atoms_nucleic_acid   0 
# 
loop_
_refine_ls_restr.pdbx_refine_id 
_refine_ls_restr.criterion 
_refine_ls_restr.dev_ideal 
_refine_ls_restr.dev_ideal_target 
_refine_ls_restr.number 
_refine_ls_restr.rejects 
_refine_ls_restr.type 
_refine_ls_restr.weight 
_refine_ls_restr.pdbx_restraint_function 
'X-RAY DIFFRACTION' ? 0.005  ? 1259 ? f_bond_d           ? ? 
'X-RAY DIFFRACTION' ? 0.811  ? 1719 ? f_angle_d          ? ? 
'X-RAY DIFFRACTION' ? 0.078  ? 179  ? f_chiral_restr     ? ? 
'X-RAY DIFFRACTION' ? 0.005  ? 231  ? f_plane_restr      ? ? 
'X-RAY DIFFRACTION' ? 12.684 ? 840  ? f_dihedral_angle_d ? ? 
# 
loop_
_refine_ls_shell.pdbx_refine_id 
_refine_ls_shell.d_res_high 
_refine_ls_shell.d_res_low 
_refine_ls_shell.number_reflns_all 
_refine_ls_shell.number_reflns_obs 
_refine_ls_shell.number_reflns_R_free 
_refine_ls_shell.number_reflns_R_work 
_refine_ls_shell.percent_reflns_obs 
_refine_ls_shell.percent_reflns_R_free 
_refine_ls_shell.R_factor_all 
_refine_ls_shell.R_factor_obs 
_refine_ls_shell.R_factor_R_free 
_refine_ls_shell.R_factor_R_free_error 
_refine_ls_shell.R_factor_R_work 
_refine_ls_shell.redundancy_reflns_all 
_refine_ls_shell.redundancy_reflns_obs 
_refine_ls_shell.wR_factor_all 
_refine_ls_shell.wR_factor_obs 
_refine_ls_shell.wR_factor_R_free 
_refine_ls_shell.wR_factor_R_work 
_refine_ls_shell.pdbx_total_number_of_bins_used 
_refine_ls_shell.pdbx_phase_error 
_refine_ls_shell.pdbx_fsc_work 
_refine_ls_shell.pdbx_fsc_free 
'X-RAY DIFFRACTION' 1.3188 1.3544 2660 . 124 2536 96.0000 . . . 0.3044 0.0000 0.2359 . . . . . . 13 . . . 
'X-RAY DIFFRACTION' 1.3544 1.3940 2697 . 143 2554 98.0000 . . . 0.2538 0.0000 0.2262 . . . . . . 13 . . . 
'X-RAY DIFFRACTION' 1.3940 1.4388 2707 . 115 2592 99.0000 . . . 0.2246 0.0000 0.2125 . . . . . . 13 . . . 
'X-RAY DIFFRACTION' 1.4388 1.4899 2675 . 138 2537 99.0000 . . . 0.2207 0.0000 0.1946 . . . . . . 13 . . . 
'X-RAY DIFFRACTION' 1.4899 1.5492 2668 . 156 2512 98.0000 . . . 0.2174 0.0000 0.1883 . . . . . . 13 . . . 
'X-RAY DIFFRACTION' 1.5492 1.6192 2679 . 162 2517 98.0000 . . . 0.2053 0.0000 0.1735 . . . . . . 13 . . . 
'X-RAY DIFFRACTION' 1.6192 1.7039 2678 . 141 2537 98.0000 . . . 0.2166 0.0000 0.1723 . . . . . . 13 . . . 
'X-RAY DIFFRACTION' 1.7039 1.8096 2674 . 142 2532 97.0000 . . . 0.1853 0.0000 0.1696 . . . . . . 13 . . . 
'X-RAY DIFFRACTION' 1.8096 1.9476 2692 . 128 2564 97.0000 . . . 0.1768 0.0000 0.1606 . . . . . . 13 . . . 
'X-RAY DIFFRACTION' 1.9476 2.1405 2657 . 135 2522 97.0000 . . . 0.1713 0.0000 0.1575 . . . . . . 13 . . . 
'X-RAY DIFFRACTION' 2.1405 2.4433 2648 . 128 2520 96.0000 . . . 0.1789 0.0000 0.1609 . . . . . . 13 . . . 
'X-RAY DIFFRACTION' 2.4433 3.0523 2610 . 131 2479 94.0000 . . . 0.2289 0.0000 0.1716 . . . . . . 13 . . . 
'X-RAY DIFFRACTION' 3.0523 8.2704 2395 . 123 2272 84.0000 . . . 0.1359 0.0000 0.1309 . . . . . . 13 . . . 
# 
_struct.entry_id                     5XHZ 
_struct.title                        'Crystal Structure Analysis of CIN85-SH3B in complex with ARAP1-P2' 
_struct.pdbx_model_details           ? 
_struct.pdbx_formula_weight          ? 
_struct.pdbx_formula_weight_method   ? 
_struct.pdbx_model_type_details      ? 
_struct.pdbx_CASP_flag               N 
# 
_struct_keywords.entry_id        5XHZ 
_struct_keywords.text            'protein-protein complex, PROTEIN BINDING' 
_struct_keywords.pdbx_keywords   'PROTEIN BINDING' 
# 
loop_
_struct_asym.id 
_struct_asym.pdbx_blank_PDB_chainid_flag 
_struct_asym.pdbx_modified 
_struct_asym.entity_id 
_struct_asym.details 
A N N 1 ? 
B N N 1 ? 
C N N 2 ? 
D N N 2 ? 
E N N 3 ? 
F N N 4 ? 
G N N 4 ? 
H N N 4 ? 
I N N 4 ? 
# 
loop_
_struct_conf.conf_type_id 
_struct_conf.id 
_struct_conf.pdbx_PDB_helix_id 
_struct_conf.beg_label_comp_id 
_struct_conf.beg_label_asym_id 
_struct_conf.beg_label_seq_id 
_struct_conf.pdbx_beg_PDB_ins_code 
_struct_conf.end_label_comp_id 
_struct_conf.end_label_asym_id 
_struct_conf.end_label_seq_id 
_struct_conf.pdbx_end_PDB_ins_code 
_struct_conf.beg_auth_comp_id 
_struct_conf.beg_auth_asym_id 
_struct_conf.beg_auth_seq_id 
_struct_conf.end_auth_comp_id 
_struct_conf.end_auth_asym_id 
_struct_conf.end_auth_seq_id 
_struct_conf.pdbx_PDB_helix_class 
_struct_conf.details 
_struct_conf.pdbx_PDB_helix_length 
HELX_P HELX_P1 AA1 ASN A 59 ? ILE A 61 ? ASN A 160 ILE A 162 5 ? 3 
HELX_P HELX_P2 AA2 ASN B 59 ? ILE B 61 ? ASN B 160 ILE B 162 5 ? 3 
# 
_struct_conf_type.id          HELX_P 
_struct_conf_type.criteria    ? 
_struct_conf_type.reference   ? 
# 
loop_
_struct_sheet.id 
_struct_sheet.type 
_struct_sheet.number_strands 
_struct_sheet.details 
AA1 ? 4 ? 
AA2 ? 4 ? 
# 
loop_
_struct_sheet_order.sheet_id 
_struct_sheet_order.range_id_1 
_struct_sheet_order.range_id_2 
_struct_sheet_order.offset 
_struct_sheet_order.sense 
AA1 1 2 ? anti-parallel 
AA1 2 3 ? anti-parallel 
AA1 3 4 ? anti-parallel 
AA2 1 2 ? anti-parallel 
AA2 2 3 ? anti-parallel 
AA2 3 4 ? anti-parallel 
# 
loop_
_struct_sheet_range.sheet_id 
_struct_sheet_range.id 
_struct_sheet_range.beg_label_comp_id 
_struct_sheet_range.beg_label_asym_id 
_struct_sheet_range.beg_label_seq_id 
_struct_sheet_range.pdbx_beg_PDB_ins_code 
_struct_sheet_range.end_label_comp_id 
_struct_sheet_range.end_label_asym_id 
_struct_sheet_range.end_label_seq_id 
_struct_sheet_range.pdbx_end_PDB_ins_code 
_struct_sheet_range.beg_auth_comp_id 
_struct_sheet_range.beg_auth_asym_id 
_struct_sheet_range.beg_auth_seq_id 
_struct_sheet_range.end_auth_comp_id 
_struct_sheet_range.end_auth_asym_id 
_struct_sheet_range.end_auth_seq_id 
AA1 1 ARG A 11 ? GLN A 13 ? ARG A 112 GLN A 114 
AA1 2 ILE A 33 ? GLU A 41 ? ILE A 134 GLU A 142 
AA1 3 TRP A 44 ? LEU A 49 ? TRP A 145 LEU A 150 
AA1 4 LYS A 52 ? PRO A 57 ? LYS A 153 PRO A 158 
AA2 1 ARG B 11 ? GLN B 13 ? ARG B 112 GLN B 114 
AA2 2 ILE B 33 ? GLU B 41 ? ILE B 134 GLU B 142 
AA2 3 TRP B 44 ? LEU B 49 ? TRP B 145 LEU B 150 
AA2 4 LYS B 52 ? PRO B 57 ? LYS B 153 PRO B 158 
# 
loop_
_pdbx_struct_sheet_hbond.sheet_id 
_pdbx_struct_sheet_hbond.range_id_1 
_pdbx_struct_sheet_hbond.range_id_2 
_pdbx_struct_sheet_hbond.range_1_label_atom_id 
_pdbx_struct_sheet_hbond.range_1_label_comp_id 
_pdbx_struct_sheet_hbond.range_1_label_asym_id 
_pdbx_struct_sheet_hbond.range_1_label_seq_id 
_pdbx_struct_sheet_hbond.range_1_PDB_ins_code 
_pdbx_struct_sheet_hbond.range_1_auth_atom_id 
_pdbx_struct_sheet_hbond.range_1_auth_comp_id 
_pdbx_struct_sheet_hbond.range_1_auth_asym_id 
_pdbx_struct_sheet_hbond.range_1_auth_seq_id 
_pdbx_struct_sheet_hbond.range_2_label_atom_id 
_pdbx_struct_sheet_hbond.range_2_label_comp_id 
_pdbx_struct_sheet_hbond.range_2_label_asym_id 
_pdbx_struct_sheet_hbond.range_2_label_seq_id 
_pdbx_struct_sheet_hbond.range_2_PDB_ins_code 
_pdbx_struct_sheet_hbond.range_2_auth_atom_id 
_pdbx_struct_sheet_hbond.range_2_auth_comp_id 
_pdbx_struct_sheet_hbond.range_2_auth_asym_id 
_pdbx_struct_sheet_hbond.range_2_auth_seq_id 
AA1 1 2 N CYS A 12 ? N CYS A 113 O ILE A 34 ? O ILE A 135 
AA1 2 3 N GLY A 38 ? N GLY A 139 O GLU A 46 ? O GLU A 147 
AA1 3 4 N LEU A 49 ? N LEU A 150 O LYS A 52 ? O LYS A 153 
AA2 1 2 N CYS B 12 ? N CYS B 113 O ILE B 34 ? O ILE B 135 
AA2 2 3 N GLY B 38 ? N GLY B 139 O GLU B 46 ? O GLU B 147 
AA2 3 4 N LEU B 49 ? N LEU B 150 O LYS B 52 ? O LYS B 153 
# 
_struct_site.id                   AC1 
_struct_site.pdbx_evidence_code   Software 
_struct_site.pdbx_auth_asym_id    D 
_struct_site.pdbx_auth_comp_id    ACT 
_struct_site.pdbx_auth_seq_id     201 
_struct_site.pdbx_auth_ins_code   ? 
_struct_site.pdbx_num_residues    6 
_struct_site.details              'binding site for residue ACT D 201' 
# 
loop_
_struct_site_gen.id 
_struct_site_gen.site_id 
_struct_site_gen.pdbx_num_res 
_struct_site_gen.label_comp_id 
_struct_site_gen.label_asym_id 
_struct_site_gen.label_seq_id 
_struct_site_gen.pdbx_auth_ins_code 
_struct_site_gen.auth_comp_id 
_struct_site_gen.auth_asym_id 
_struct_site_gen.auth_seq_id 
_struct_site_gen.label_atom_id 
_struct_site_gen.label_alt_id 
_struct_site_gen.symmetry 
_struct_site_gen.details 
1 AC1 6 TYR B 18 ? TYR B 119 . ? 1_555 ? 
2 AC1 6 GLY B 66 ? GLY B 167 . ? 3_564 ? 
3 AC1 6 ARG D 1  ? ARG D 133 . ? 1_555 ? 
4 AC1 6 PRO D 4  ? PRO D 136 . ? 1_555 ? 
5 AC1 6 HOH I .  ? HOH D 302 . ? 1_555 ? 
6 AC1 6 HOH I .  ? HOH D 303 . ? 1_555 ? 
# 
_atom_sites.entry_id                    5XHZ 
_atom_sites.fract_transf_matrix[1][1]   0.00725666 
_atom_sites.fract_transf_matrix[1][2]   0.00841455 
_atom_sites.fract_transf_matrix[1][3]   -0.01024545 
_atom_sites.fract_transf_matrix[2][1]   -0.00959486 
_atom_sites.fract_transf_matrix[2][2]   0.01139343 
_atom_sites.fract_transf_matrix[2][3]   0.00256153 
_atom_sites.fract_transf_matrix[3][1]   0.01732852 
_atom_sites.fract_transf_matrix[3][2]   0.00998917 
_atom_sites.fract_transf_matrix[3][3]   0.02047754 
_atom_sites.fract_transf_vector[1]      -0.389468 
_atom_sites.fract_transf_vector[2]      0.193299 
_atom_sites.fract_transf_vector[3]      0.015574 
# 
loop_
_atom_type.symbol 
C 
N 
O 
S 
# 
loop_
_atom_site.group_PDB 
_atom_site.id 
_atom_site.type_symbol 
_atom_site.label_atom_id 
_atom_site.label_alt_id 
_atom_site.label_comp_id 
_atom_site.label_asym_id 
_atom_site.label_entity_id 
_atom_site.label_seq_id 
_atom_site.pdbx_PDB_ins_code 
_atom_site.Cartn_x 
_atom_site.Cartn_y 
_atom_site.Cartn_z 
_atom_site.occupancy 
_atom_site.B_iso_or_equiv 
_atom_site.pdbx_formal_charge 
_atom_site.auth_seq_id 
_atom_site.auth_comp_id 
_atom_site.auth_asym_id 
_atom_site.auth_atom_id 
_atom_site.pdbx_PDB_model_num 
ATOM   1    N N   . ARG A 1 7  ? 28.503  15.708  3.104   1.00 51.56 ? 108 ARG A N   1 
ATOM   2    C CA  . ARG A 1 7  ? 27.483  14.848  2.515   1.00 48.98 ? 108 ARG A CA  1 
ATOM   3    C C   . ARG A 1 7  ? 26.087  15.446  2.686   1.00 44.92 ? 108 ARG A C   1 
ATOM   4    O O   . ARG A 1 7  ? 25.477  15.331  3.747   1.00 44.50 ? 108 ARG A O   1 
ATOM   5    C CB  . ARG A 1 7  ? 27.539  13.449  3.135   1.00 43.48 ? 108 ARG A CB  1 
ATOM   6    N N   . ARG A 1 8  ? 25.590  16.089  1.634   1.00 42.55 ? 109 ARG A N   1 
ATOM   7    C CA  . ARG A 1 8  ? 24.262  16.681  1.657   1.00 31.26 ? 109 ARG A CA  1 
ATOM   8    C C   . ARG A 1 8  ? 23.217  15.666  1.207   1.00 32.54 ? 109 ARG A C   1 
ATOM   9    O O   . ARG A 1 8  ? 23.518  14.675  0.538   1.00 28.14 ? 109 ARG A O   1 
ATOM   10   C CB  . ARG A 1 8  ? 24.214  17.932  0.778   1.00 25.56 ? 109 ARG A CB  1 
ATOM   11   C CG  . ARG A 1 8  ? 25.202  19.000  1.209   1.00 28.33 ? 109 ARG A CG  1 
ATOM   12   C CD  . ARG A 1 8  ? 24.982  20.303  0.467   1.00 32.67 ? 109 ARG A CD  1 
ATOM   13   N NE  . ARG A 1 8  ? 26.133  21.189  0.596   0.46 32.31 ? 109 ARG A NE  1 
ATOM   14   C CZ  . ARG A 1 8  ? 26.127  22.472  0.257   1.00 37.63 ? 109 ARG A CZ  1 
ATOM   15   N NH1 . ARG A 1 8  ? 25.024  23.026  -0.236  1.00 28.42 ? 109 ARG A NH1 1 
ATOM   16   N NH2 . ARG A 1 8  ? 27.222  23.203  0.413   1.00 42.90 ? 109 ARG A NH2 1 
ATOM   17   N N   . ARG A 1 9  ? 21.971  15.931  1.588   1.00 22.88 ? 110 ARG A N   1 
ATOM   18   C CA  . ARG A 1 9  ? 20.898  14.975  1.373   0.75 18.34 ? 110 ARG A CA  1 
ATOM   19   C C   . ARG A 1 9  ? 20.436  14.973  -0.077  1.00 17.01 ? 110 ARG A C   1 
ATOM   20   O O   . ARG A 1 9  ? 20.569  15.960  -0.803  1.00 19.74 ? 110 ARG A O   1 
ATOM   21   C CB  . ARG A 1 9  ? 19.703  15.316  2.265   1.00 23.67 ? 110 ARG A CB  1 
ATOM   22   C CG  . ARG A 1 9  ? 19.991  15.223  3.756   0.47 25.25 ? 110 ARG A CG  1 
ATOM   23   C CD  . ARG A 1 9  ? 18.758  14.788  4.525   1.00 30.18 ? 110 ARG A CD  1 
ATOM   24   N N   . ARG A 1 10 ? 19.890  13.836  -0.499  1.00 16.09 ? 111 ARG A N   1 
ATOM   25   C CA  A ARG A 1 10 ? 19.170  13.713  -1.766  0.45 14.40 ? 111 ARG A CA  1 
ATOM   26   C CA  B ARG A 1 10 ? 19.157  13.742  -1.757  0.55 14.34 ? 111 ARG A CA  1 
ATOM   27   C C   . ARG A 1 10 ? 17.805  13.121  -1.429  1.00 12.74 ? 111 ARG A C   1 
ATOM   28   O O   . ARG A 1 10 ? 17.697  11.914  -1.205  1.00 14.41 ? 111 ARG A O   1 
ATOM   29   C CB  A ARG A 1 10 ? 19.914  12.804  -2.736  0.45 14.96 ? 111 ARG A CB  1 
ATOM   30   C CB  B ARG A 1 10 ? 19.930  12.938  -2.792  0.55 15.18 ? 111 ARG A CB  1 
ATOM   31   C CG  A ARG A 1 10 ? 21.319  13.262  -3.104  0.45 16.93 ? 111 ARG A CG  1 
ATOM   32   C CG  B ARG A 1 10 ? 21.171  13.672  -3.308  0.55 16.58 ? 111 ARG A CG  1 
ATOM   33   C CD  A ARG A 1 10 ? 22.004  12.253  -4.023  0.45 17.80 ? 111 ARG A CD  1 
ATOM   34   C CD  B ARG A 1 10 ? 21.676  13.088  -4.613  0.55 18.65 ? 111 ARG A CD  1 
ATOM   35   N NE  A ARG A 1 10 ? 21.302  12.109  -5.297  0.45 19.96 ? 111 ARG A NE  1 
ATOM   36   N NE  B ARG A 1 10 ? 21.785  11.636  -4.538  0.55 17.46 ? 111 ARG A NE  1 
ATOM   37   C CZ  A ARG A 1 10 ? 21.324  11.011  -6.046  0.45 20.36 ? 111 ARG A CZ  1 
ATOM   38   C CZ  B ARG A 1 10 ? 21.490  10.811  -5.537  0.55 23.81 ? 111 ARG A CZ  1 
ATOM   39   N NH1 A ARG A 1 10 ? 20.656  10.971  -7.192  0.45 18.83 ? 111 ARG A NH1 1 
ATOM   40   N NH1 B ARG A 1 10 ? 21.066  11.289  -6.698  0.55 21.65 ? 111 ARG A NH1 1 
ATOM   41   N NH2 A ARG A 1 10 ? 22.013  9.949   -5.650  0.45 22.51 ? 111 ARG A NH2 1 
ATOM   42   N NH2 B ARG A 1 10 ? 21.616  9.504   -5.371  0.55 20.34 ? 111 ARG A NH2 1 
ATOM   43   N N   . ARG A 1 11 ? 16.777  13.953  -1.383  1.00 13.00 ? 112 ARG A N   1 
ATOM   44   C CA  . ARG A 1 11 ? 15.441  13.536  -0.973  1.00 11.50 ? 112 ARG A CA  1 
ATOM   45   C C   . ARG A 1 11 ? 14.485  13.565  -2.159  1.00 12.49 ? 112 ARG A C   1 
ATOM   46   O O   . ARG A 1 11 ? 14.635  14.375  -3.079  1.00 13.21 ? 112 ARG A O   1 
ATOM   47   C CB  . ARG A 1 11 ? 14.899  14.461  0.130   1.00 12.59 ? 112 ARG A CB  1 
ATOM   48   C CG  . ARG A 1 11 ? 15.725  14.479  1.421   1.00 13.89 ? 112 ARG A CG  1 
ATOM   49   C CD  . ARG A 1 11 ? 15.011  15.251  2.534   1.00 15.11 ? 112 ARG A CD  1 
ATOM   50   N NE  . ARG A 1 11 ? 15.007  16.698  2.296   1.00 15.50 ? 112 ARG A NE  1 
ATOM   51   C CZ  . ARG A 1 11 ? 14.039  17.536  2.670   1.00 14.36 ? 112 ARG A CZ  1 
ATOM   52   N NH1 . ARG A 1 11 ? 14.161  18.821  2.388   1.00 16.23 ? 112 ARG A NH1 1 
ATOM   53   N NH2 . ARG A 1 11 ? 12.949  17.092  3.300   1.00 16.22 ? 112 ARG A NH2 1 
ATOM   54   N N   . CYS A 1 12 ? 13.477  12.688  -2.131  1.00 12.52 ? 113 CYS A N   1 
ATOM   55   C CA  . CYS A 1 12 ? 12.374  12.755  -3.085  1.00 12.05 ? 113 CYS A CA  1 
ATOM   56   C C   . CYS A 1 12 ? 11.086  12.371  -2.370  1.00 12.03 ? 113 CYS A C   1 
ATOM   57   O O   . CYS A 1 12 ? 11.117  11.808  -1.273  1.00 12.60 ? 113 CYS A O   1 
ATOM   58   C CB  . CYS A 1 12 ? 12.602  11.874  -4.321  1.00 12.14 ? 113 CYS A CB  1 
ATOM   59   S SG  . CYS A 1 12 ? 12.565  10.085  -4.010  1.00 13.17 ? 113 CYS A SG  1 
ATOM   60   N N   . GLN A 1 13 ? 9.950   12.658  -3.005  1.00 11.84 ? 114 GLN A N   1 
ATOM   61   C CA  A GLN A 1 13 ? 8.639   12.469  -2.397  0.60 13.26 ? 114 GLN A CA  1 
ATOM   62   C CA  B GLN A 1 13 ? 8.642   12.462  -2.393  0.40 13.27 ? 114 GLN A CA  1 
ATOM   63   C C   . GLN A 1 13 ? 7.848   11.409  -3.151  1.00 11.18 ? 114 GLN A C   1 
ATOM   64   O O   . GLN A 1 13 ? 7.791   11.431  -4.380  1.00 12.67 ? 114 GLN A O   1 
ATOM   65   C CB  A GLN A 1 13 ? 7.860   13.781  -2.410  0.60 14.81 ? 114 GLN A CB  1 
ATOM   66   C CB  B GLN A 1 13 ? 7.855   13.771  -2.361  0.40 14.78 ? 114 GLN A CB  1 
ATOM   67   C CG  A GLN A 1 13 ? 6.412   13.660  -1.943  0.60 14.99 ? 114 GLN A CG  1 
ATOM   68   C CG  B GLN A 1 13 ? 6.530   13.679  -1.611  0.40 14.87 ? 114 GLN A CG  1 
ATOM   69   C CD  A GLN A 1 13 ? 5.612   14.914  -2.222  0.60 24.64 ? 114 GLN A CD  1 
ATOM   70   C CD  B GLN A 1 13 ? 5.960   15.044  -1.275  0.40 20.56 ? 114 GLN A CD  1 
ATOM   71   O OE1 A GLN A 1 13 ? 6.008   15.747  -3.031  0.60 18.76 ? 114 GLN A OE1 1 
ATOM   72   O OE1 B GLN A 1 13 ? 6.491   15.753  -0.420  0.40 20.95 ? 114 GLN A OE1 1 
ATOM   73   N NE2 A GLN A 1 13 ? 4.479   15.057  -1.545  0.60 24.18 ? 114 GLN A NE2 1 
ATOM   74   N NE2 B GLN A 1 13 ? 4.878   15.420  -1.948  0.40 24.03 ? 114 GLN A NE2 1 
ATOM   75   N N   . VAL A 1 14 ? 7.215   10.504  -2.398  1.00 11.87 ? 115 VAL A N   1 
ATOM   76   C CA  . VAL A 1 14 ? 6.371   9.465   -2.974  1.00 12.70 ? 115 VAL A CA  1 
ATOM   77   C C   . VAL A 1 14 ? 5.056   10.068  -3.456  1.00 10.48 ? 115 VAL A C   1 
ATOM   78   O O   . VAL A 1 14 ? 4.364   10.766  -2.698  1.00 12.75 ? 115 VAL A O   1 
ATOM   79   C CB  . VAL A 1 14 ? 6.118   8.372   -1.927  1.00 11.58 ? 115 VAL A CB  1 
ATOM   80   C CG1 . VAL A 1 14 ? 5.066   7.395   -2.431  1.00 12.90 ? 115 VAL A CG1 1 
ATOM   81   C CG2 . VAL A 1 14 ? 7.417   7.649   -1.592  1.00 11.51 ? 115 VAL A CG2 1 
ATOM   82   N N   . ALA A 1 15 ? 4.689   9.769   -4.704  1.00 11.47 ? 116 ALA A N   1 
ATOM   83   C CA  . ALA A 1 15 ? 3.421   10.205  -5.282  1.00 12.09 ? 116 ALA A CA  1 
ATOM   84   C C   . ALA A 1 15 ? 2.313   9.164   -5.172  1.00 13.16 ? 116 ALA A C   1 
ATOM   85   O O   . ALA A 1 15 ? 1.138   9.538   -5.111  1.00 14.77 ? 116 ALA A O   1 
ATOM   86   C CB  . ALA A 1 15 ? 3.605   10.585  -6.756  1.00 14.44 ? 116 ALA A CB  1 
ATOM   87   N N   . PHE A 1 16 ? 2.646   7.876   -5.161  1.00 11.99 ? 117 PHE A N   1 
ATOM   88   C CA  . PHE A 1 16 ? 1.667   6.790   -5.135  1.00 12.34 ? 117 PHE A CA  1 
ATOM   89   C C   . PHE A 1 16 ? 2.141   5.724   -4.161  1.00 12.25 ? 117 PHE A C   1 
ATOM   90   O O   . PHE A 1 16 ? 3.340   5.439   -4.086  1.00 12.08 ? 117 PHE A O   1 
ATOM   91   C CB  . PHE A 1 16 ? 1.524   6.128   -6.516  1.00 13.05 ? 117 PHE A CB  1 
ATOM   92   C CG  . PHE A 1 16 ? 0.937   7.023   -7.574  1.00 12.60 ? 117 PHE A CG  1 
ATOM   93   C CD1 . PHE A 1 16 ? -0.439  7.098   -7.764  1.00 15.96 ? 117 PHE A CD1 1 
ATOM   94   C CD2 . PHE A 1 16 ? 1.766   7.774   -8.393  1.00 14.09 ? 117 PHE A CD2 1 
ATOM   95   C CE1 . PHE A 1 16 ? -0.972  7.921   -8.744  1.00 16.33 ? 117 PHE A CE1 1 
ATOM   96   C CE2 . PHE A 1 16 ? 1.241   8.592   -9.375  1.00 16.81 ? 117 PHE A CE2 1 
ATOM   97   C CZ  . PHE A 1 16 ? -0.127  8.669   -9.551  1.00 18.18 ? 117 PHE A CZ  1 
ATOM   98   N N   . SER A 1 17 ? 1.199   5.124   -3.429  1.00 12.11 ? 118 SER A N   1 
ATOM   99   C CA  A SER A 1 17 ? 1.573   4.083   -2.484  0.51 11.28 ? 118 SER A CA  1 
ATOM   100  C CA  B SER A 1 17 ? 1.538   4.070   -2.482  0.49 11.27 ? 118 SER A CA  1 
ATOM   101  C C   . SER A 1 17 ? 1.938   2.789   -3.211  1.00 10.92 ? 118 SER A C   1 
ATOM   102  O O   . SER A 1 17 ? 1.562   2.545   -4.363  1.00 12.50 ? 118 SER A O   1 
ATOM   103  C CB  A SER A 1 17 ? 0.451   3.825   -1.483  0.51 13.90 ? 118 SER A CB  1 
ATOM   104  C CB  B SER A 1 17 ? 0.356   3.770   -1.565  0.49 13.93 ? 118 SER A CB  1 
ATOM   105  O OG  A SER A 1 17 ? -0.689  3.315   -2.137  0.51 17.58 ? 118 SER A OG  1 
ATOM   106  O OG  B SER A 1 17 ? 0.034   4.901   -0.780  0.49 15.36 ? 118 SER A OG  1 
ATOM   107  N N   . TYR A 1 18 ? 2.702   1.954   -2.514  1.00 10.94 ? 119 TYR A N   1 
ATOM   108  C CA  . TYR A 1 18 ? 3.204   0.720   -3.099  1.00 11.62 ? 119 TYR A CA  1 
ATOM   109  C C   . TYR A 1 18 ? 3.538   -0.243  -1.976  1.00 12.36 ? 119 TYR A C   1 
ATOM   110  O O   . TYR A 1 18 ? 4.245   0.120   -1.027  1.00 13.01 ? 119 TYR A O   1 
ATOM   111  C CB  . TYR A 1 18 ? 4.464   1.010   -3.935  1.00 12.14 ? 119 TYR A CB  1 
ATOM   112  C CG  . TYR A 1 18 ? 5.102   -0.234  -4.513  1.00 11.97 ? 119 TYR A CG  1 
ATOM   113  C CD1 . TYR A 1 18 ? 4.555   -0.861  -5.632  1.00 12.34 ? 119 TYR A CD1 1 
ATOM   114  C CD2 . TYR A 1 18 ? 6.232   -0.786  -3.936  1.00 11.66 ? 119 TYR A CD2 1 
ATOM   115  C CE1 . TYR A 1 18 ? 5.127   -1.996  -6.162  1.00 11.78 ? 119 TYR A CE1 1 
ATOM   116  C CE2 . TYR A 1 18 ? 6.813   -1.931  -4.458  1.00 12.39 ? 119 TYR A CE2 1 
ATOM   117  C CZ  . TYR A 1 18 ? 6.248   -2.528  -5.574  1.00 12.56 ? 119 TYR A CZ  1 
ATOM   118  O OH  . TYR A 1 18 ? 6.802   -3.668  -6.113  1.00 13.62 ? 119 TYR A OH  1 
ATOM   119  N N   . LEU A 1 19 ? 3.047   -1.474  -2.093  1.00 10.92 ? 120 LEU A N   1 
ATOM   120  C CA  . LEU A 1 19 ? 3.397   -2.517  -1.141  1.00 11.12 ? 120 LEU A CA  1 
ATOM   121  C C   . LEU A 1 19 ? 4.413   -3.467  -1.765  1.00 10.61 ? 120 LEU A C   1 
ATOM   122  O O   . LEU A 1 19 ? 4.338   -3.760  -2.964  1.00 12.49 ? 120 LEU A O   1 
ATOM   123  C CB  . LEU A 1 19 ? 2.146   -3.293  -0.720  1.00 12.03 ? 120 LEU A CB  1 
ATOM   124  C CG  . LEU A 1 19 ? 1.171   -2.450  0.110   1.00 11.30 ? 120 LEU A CG  1 
ATOM   125  C CD1 . LEU A 1 19 ? -0.131  -3.214  0.326   1.00 15.02 ? 120 LEU A CD1 1 
ATOM   126  C CD2 . LEU A 1 19 ? 1.806   -2.061  1.434   1.00 15.74 ? 120 LEU A CD2 1 
ATOM   127  N N   . PRO A 1 20 ? 5.370   -3.943  -0.977  1.00 10.62 ? 121 PRO A N   1 
ATOM   128  C CA  . PRO A 1 20 ? 6.489   -4.707  -1.551  1.00 12.62 ? 121 PRO A CA  1 
ATOM   129  C C   . PRO A 1 20 ? 6.050   -6.010  -2.208  1.00 14.29 ? 121 PRO A C   1 
ATOM   130  O O   . PRO A 1 20 ? 5.151   -6.702  -1.727  1.00 14.75 ? 121 PRO A O   1 
ATOM   131  C CB  . PRO A 1 20 ? 7.403   -4.965  -0.346  1.00 14.51 ? 121 PRO A CB  1 
ATOM   132  C CG  . PRO A 1 20 ? 6.557   -4.709  0.868   1.00 17.88 ? 121 PRO A CG  1 
ATOM   133  C CD  . PRO A 1 20 ? 5.549   -3.672  0.459   1.00 12.31 ? 121 PRO A CD  1 
ATOM   134  N N   . GLN A 1 21 ? 6.711   -6.342  -3.322  1.00 14.64 ? 122 GLN A N   1 
ATOM   135  C CA  . GLN A 1 21 ? 6.538   -7.620  -4.004  1.00 19.18 ? 122 GLN A CA  1 
ATOM   136  C C   . GLN A 1 21 ? 7.752   -8.521  -3.888  1.00 18.16 ? 122 GLN A C   1 
ATOM   137  O O   . GLN A 1 21 ? 7.696   -9.674  -4.337  1.00 20.06 ? 122 GLN A O   1 
ATOM   138  C CB  . GLN A 1 21 ? 6.249   -7.415  -5.496  1.00 20.41 ? 122 GLN A CB  1 
ATOM   139  C CG  . GLN A 1 21 ? 5.156   -6.452  -5.808  1.00 22.19 ? 122 GLN A CG  1 
ATOM   140  C CD  . GLN A 1 21 ? 4.911   -6.349  -7.300  0.43 16.15 ? 122 GLN A CD  1 
ATOM   141  O OE1 . GLN A 1 21 ? 5.357   -5.405  -7.952  0.61 22.14 ? 122 GLN A OE1 1 
ATOM   142  N NE2 . GLN A 1 21 ? 4.212   -7.334  -7.852  0.43 22.00 ? 122 GLN A NE2 1 
ATOM   143  N N   . ASN A 1 22 ? 8.848   -8.021  -3.331  1.00 13.98 ? 123 ASN A N   1 
ATOM   144  C CA  . ASN A 1 22 ? 10.045  -8.790  -3.043  1.00 14.85 ? 123 ASN A CA  1 
ATOM   145  C C   . ASN A 1 22 ? 10.589  -8.328  -1.697  1.00 15.40 ? 123 ASN A C   1 
ATOM   146  O O   . ASN A 1 22 ? 10.338  -7.195  -1.266  1.00 14.35 ? 123 ASN A O   1 
ATOM   147  C CB  . ASN A 1 22 ? 11.121  -8.610  -4.133  1.00 14.94 ? 123 ASN A CB  1 
ATOM   148  C CG  . ASN A 1 22 ? 10.691  -9.163  -5.483  1.00 17.39 ? 123 ASN A CG  1 
ATOM   149  O OD1 . ASN A 1 22 ? 10.808  -10.366 -5.734  1.00 18.70 ? 123 ASN A OD1 1 
ATOM   150  N ND2 . ASN A 1 22 ? 10.204  -8.296  -6.359  1.00 15.75 ? 123 ASN A ND2 1 
ATOM   151  N N   . ASP A 1 23 ? 11.355  -9.201  -1.039  1.00 16.19 ? 124 ASP A N   1 
ATOM   152  C CA  . ASP A 1 23 ? 11.758  -8.929  0.336   1.00 16.79 ? 124 ASP A CA  1 
ATOM   153  C C   . ASP A 1 23 ? 12.770  -7.803  0.456   1.00 16.02 ? 124 ASP A C   1 
ATOM   154  O O   . ASP A 1 23 ? 13.058  -7.377  1.578   1.00 21.40 ? 124 ASP A O   1 
ATOM   155  C CB  . ASP A 1 23 ? 12.224  -10.206 1.067   1.00 19.47 ? 124 ASP A CB  1 
ATOM   156  C CG  . ASP A 1 23 ? 13.420  -10.880 0.406   1.00 22.90 ? 124 ASP A CG  1 
ATOM   157  O OD1 . ASP A 1 23 ? 13.743  -12.026 0.803   0.38 17.03 ? 124 ASP A OD1 1 
ATOM   158  O OD2 . ASP A 1 23 ? 14.053  -10.293 -0.488  0.64 20.91 ? 124 ASP A OD2 1 
ATOM   159  N N   . ASP A 1 24 ? 13.301  -7.298  -0.657  1.00 12.64 ? 125 ASP A N   1 
ATOM   160  C CA  . ASP A 1 24 ? 14.214  -6.162  -0.627  1.00 12.22 ? 125 ASP A CA  1 
ATOM   161  C C   . ASP A 1 24 ? 13.525  -4.833  -0.916  1.00 11.01 ? 125 ASP A C   1 
ATOM   162  O O   . ASP A 1 24 ? 14.214  -3.816  -1.010  1.00 12.16 ? 125 ASP A O   1 
ATOM   163  C CB  . ASP A 1 24 ? 15.407  -6.370  -1.585  1.00 12.54 ? 125 ASP A CB  1 
ATOM   164  C CG  . ASP A 1 24 ? 14.984  -6.494  -3.042  1.00 10.94 ? 125 ASP A CG  1 
ATOM   165  O OD1 . ASP A 1 24 ? 13.779  -6.639  -3.337  1.00 14.23 ? 125 ASP A OD1 1 
ATOM   166  O OD2 . ASP A 1 24 ? 15.891  -6.443  -3.911  1.00 12.96 ? 125 ASP A OD2 1 
ATOM   167  N N   . GLU A 1 25 ? 12.204  -4.810  -1.066  1.00 11.49 ? 126 GLU A N   1 
ATOM   168  C CA  . GLU A 1 25 ? 11.489  -3.605  -1.466  1.00 10.88 ? 126 GLU A CA  1 
ATOM   169  C C   . GLU A 1 25 ? 10.911  -2.874  -0.260  1.00 11.23 ? 126 GLU A C   1 
ATOM   170  O O   . GLU A 1 25 ? 10.547  -3.481  0.753   1.00 13.06 ? 126 GLU A O   1 
ATOM   171  C CB  . GLU A 1 25 ? 10.363  -3.932  -2.447  1.00 10.99 ? 126 GLU A CB  1 
ATOM   172  C CG  . GLU A 1 25 ? 10.889  -4.517  -3.743  1.00 11.07 ? 126 GLU A CG  1 
ATOM   173  C CD  . GLU A 1 25 ? 9.816   -4.875  -4.749  1.00 12.37 ? 126 GLU A CD  1 
ATOM   174  O OE1 . GLU A 1 25 ? 8.613   -4.645  -4.498  1.00 13.62 ? 126 GLU A OE1 1 
ATOM   175  O OE2 . GLU A 1 25 ? 10.203  -5.413  -5.821  1.00 12.88 ? 126 GLU A OE2 1 
ATOM   176  N N   . LEU A 1 26 ? 10.832  -1.553  -0.393  1.00 10.15 ? 127 LEU A N   1 
ATOM   177  C CA  . LEU A 1 26 ? 10.180  -0.690  0.586   1.00 11.15 ? 127 LEU A CA  1 
ATOM   178  C C   . LEU A 1 26 ? 8.672   -0.673  0.381   1.00 11.35 ? 127 LEU A C   1 
ATOM   179  O O   . LEU A 1 26 ? 8.172   -0.857  -0.730  1.00 13.54 ? 127 LEU A O   1 
ATOM   180  C CB  . LEU A 1 26 ? 10.673  0.746   0.429   1.00 12.13 ? 127 LEU A CB  1 
ATOM   181  C CG  . LEU A 1 26 ? 12.167  0.973   0.644   1.00 12.73 ? 127 LEU A CG  1 
ATOM   182  C CD1 . LEU A 1 26 ? 12.521  2.405   0.296   1.00 15.15 ? 127 LEU A CD1 1 
ATOM   183  C CD2 . LEU A 1 26 ? 12.591  0.634   2.057   1.00 16.28 ? 127 LEU A CD2 1 
ATOM   184  N N   . GLU A 1 27 ? 7.940   -0.463  1.475   1.00 10.39 ? 128 GLU A N   1 
ATOM   185  C CA  . GLU A 1 27 ? 6.578   0.042   1.360   1.00 10.89 ? 128 GLU A CA  1 
ATOM   186  C C   . GLU A 1 27 ? 6.626   1.552   1.153   1.00 10.05 ? 128 GLU A C   1 
ATOM   187  O O   . GLU A 1 27 ? 7.337   2.262   1.870   1.00 11.59 ? 128 GLU A O   1 
ATOM   188  C CB  . GLU A 1 27 ? 5.758   -0.277  2.612   1.00 11.73 ? 128 GLU A CB  1 
ATOM   189  C CG  . GLU A 1 27 ? 4.397   0.432   2.595   1.00 12.38 ? 128 GLU A CG  1 
ATOM   190  C CD  . GLU A 1 27 ? 3.527   0.173   3.819   1.00 12.41 ? 128 GLU A CD  1 
ATOM   191  O OE1 . GLU A 1 27 ? 4.042   -0.293  4.860   1.00 14.99 ? 128 GLU A OE1 1 
ATOM   192  O OE2 . GLU A 1 27 ? 2.317   0.452   3.722   1.00 13.02 ? 128 GLU A OE2 1 
ATOM   193  N N   . LEU A 1 28 ? 5.875   2.037   0.181   1.00 9.92  ? 129 LEU A N   1 
ATOM   194  C CA  . LEU A 1 28 ? 5.734   3.467   -0.052  1.00 10.95 ? 129 LEU A CA  1 
ATOM   195  C C   . LEU A 1 28 ? 4.344   3.921   0.369   1.00 12.33 ? 129 LEU A C   1 
ATOM   196  O O   . LEU A 1 28 ? 3.344   3.261   0.061   1.00 11.61 ? 129 LEU A O   1 
ATOM   197  C CB  . LEU A 1 28 ? 5.926   3.810   -1.530  1.00 11.55 ? 129 LEU A CB  1 
ATOM   198  C CG  . LEU A 1 28 ? 7.219   3.334   -2.182  1.00 11.32 ? 129 LEU A CG  1 
ATOM   199  C CD1 . LEU A 1 28 ? 7.337   3.906   -3.581  1.00 12.82 ? 129 LEU A CD1 1 
ATOM   200  C CD2 . LEU A 1 28 ? 8.414   3.709   -1.342  1.00 12.11 ? 129 LEU A CD2 1 
ATOM   201  N N   . LYS A 1 29 ? 4.283   5.064   1.045   1.00 11.04 ? 130 LYS A N   1 
ATOM   202  C CA  . LYS A 1 29 ? 3.024   5.735   1.350   1.00 12.11 ? 130 LYS A CA  1 
ATOM   203  C C   . LYS A 1 29 ? 3.078   7.131   0.754   1.00 12.88 ? 130 LYS A C   1 
ATOM   204  O O   . LYS A 1 29 ? 4.137   7.761   0.768   1.00 12.85 ? 130 LYS A O   1 
ATOM   205  C CB  . LYS A 1 29 ? 2.804   5.832   2.865   1.00 14.40 ? 130 LYS A CB  1 
ATOM   206  C CG  . LYS A 1 29 ? 2.844   4.478   3.562   1.00 15.13 ? 130 LYS A CG  1 
ATOM   207  C CD  . LYS A 1 29 ? 2.784   4.603   5.081   1.00 17.39 ? 130 LYS A CD  1 
ATOM   208  C CE  . LYS A 1 29 ? 3.122   3.268   5.723   1.00 21.30 ? 130 LYS A CE  1 
ATOM   209  N NZ  . LYS A 1 29 ? 3.080   3.303   7.210   0.61 19.05 ? 130 LYS A NZ  1 
ATOM   210  N N   . VAL A 1 30 ? 1.950   7.604   0.207   1.00 13.16 ? 131 VAL A N   1 
ATOM   211  C CA  . VAL A 1 30 ? 1.907   8.926   -0.419  1.00 13.34 ? 131 VAL A CA  1 
ATOM   212  C C   . VAL A 1 30 ? 2.451   9.968   0.545   1.00 14.32 ? 131 VAL A C   1 
ATOM   213  O O   . VAL A 1 30 ? 2.082   9.998   1.723   1.00 15.51 ? 131 VAL A O   1 
ATOM   214  C CB  . VAL A 1 30 ? 0.472   9.272   -0.857  1.00 14.49 ? 131 VAL A CB  1 
ATOM   215  C CG1 . VAL A 1 30 ? 0.395   10.726  -1.312  1.00 17.42 ? 131 VAL A CG1 1 
ATOM   216  C CG2 . VAL A 1 30 ? 0.009   8.358   -1.968  1.00 14.56 ? 131 VAL A CG2 1 
ATOM   217  N N   . GLY A 1 31 ? 3.351   10.818  0.046   1.00 12.13 ? 132 GLY A N   1 
ATOM   218  C CA  . GLY A 1 31 ? 3.953   11.844  0.868   1.00 15.39 ? 132 GLY A CA  1 
ATOM   219  C C   . GLY A 1 31 ? 5.229   11.441  1.579   1.00 13.93 ? 132 GLY A C   1 
ATOM   220  O O   . GLY A 1 31 ? 5.914   12.315  2.123   1.00 15.38 ? 132 GLY A O   1 
ATOM   221  N N   . ASP A 1 32 ? 5.569   10.149  1.606   1.00 12.41 ? 133 ASP A N   1 
ATOM   222  C CA  . ASP A 1 32 ? 6.818   9.717   2.221   1.00 12.84 ? 133 ASP A CA  1 
ATOM   223  C C   . ASP A 1 32 ? 8.000   10.398  1.538   1.00 11.52 ? 133 ASP A C   1 
ATOM   224  O O   . ASP A 1 32 ? 8.003   10.603  0.324   1.00 12.50 ? 133 ASP A O   1 
ATOM   225  C CB  . ASP A 1 32 ? 6.989   8.204   2.061   1.00 12.20 ? 133 ASP A CB  1 
ATOM   226  C CG  . ASP A 1 32 ? 6.219   7.392   3.088   1.00 14.69 ? 133 ASP A CG  1 
ATOM   227  O OD1 . ASP A 1 32 ? 5.700   7.955   4.085   1.00 16.56 ? 133 ASP A OD1 1 
ATOM   228  O OD2 . ASP A 1 32 ? 6.147   6.158   2.886   1.00 14.19 ? 133 ASP A OD2 1 
ATOM   229  N N   . ILE A 1 33 ? 9.016   10.721  2.326   1.00 12.73 ? 134 ILE A N   1 
ATOM   230  C CA  . ILE A 1 33 ? 10.237  11.337  1.816   1.00 11.98 ? 134 ILE A CA  1 
ATOM   231  C C   . ILE A 1 33 ? 11.355  10.309  1.922   1.00 12.79 ? 134 ILE A C   1 
ATOM   232  O O   . ILE A 1 33 ? 11.676  9.838   3.020   1.00 15.74 ? 134 ILE A O   1 
ATOM   233  C CB  . ILE A 1 33 ? 10.584  12.624  2.582   1.00 15.21 ? 134 ILE A CB  1 
ATOM   234  C CG1 . ILE A 1 33 ? 9.407   13.620  2.562   1.00 16.30 ? 134 ILE A CG1 1 
ATOM   235  C CG2 . ILE A 1 33 ? 11.822  13.263  1.998   1.00 17.68 ? 134 ILE A CG2 1 
ATOM   236  C CD1 . ILE A 1 33 ? 8.927   14.022  1.186   1.00 17.44 ? 134 ILE A CD1 1 
ATOM   237  N N   . ILE A 1 34 ? 11.938  9.956   0.776   1.00 12.27 ? 135 ILE A N   1 
ATOM   238  C CA  . ILE A 1 34 ? 12.975  8.933   0.671   1.00 12.32 ? 135 ILE A CA  1 
ATOM   239  C C   . ILE A 1 34 ? 14.325  9.605   0.474   1.00 11.88 ? 135 ILE A C   1 
ATOM   240  O O   . ILE A 1 34 ? 14.454  10.538  -0.332  1.00 12.87 ? 135 ILE A O   1 
ATOM   241  C CB  . ILE A 1 34 ? 12.679  8.005   -0.517  1.00 11.57 ? 135 ILE A CB  1 
ATOM   242  C CG1 . ILE A 1 34 ? 11.359  7.270   -0.319  1.00 13.72 ? 135 ILE A CG1 1 
ATOM   243  C CG2 . ILE A 1 34 ? 13.815  7.002   -0.726  1.00 13.03 ? 135 ILE A CG2 1 
ATOM   244  C CD1 . ILE A 1 34 ? 10.890  6.574   -1.569  1.00 14.75 ? 135 ILE A CD1 1 
ATOM   245  N N   . GLU A 1 35 ? 15.339  9.124   1.190   1.00 11.62 ? 136 GLU A N   1 
ATOM   246  C CA  . GLU A 1 35 ? 16.723  9.499   0.919   1.00 12.78 ? 136 GLU A CA  1 
ATOM   247  C C   . GLU A 1 35 ? 17.240  8.587   -0.189  1.00 12.45 ? 136 GLU A C   1 
ATOM   248  O O   . GLU A 1 35 ? 17.355  7.367   0.003   1.00 13.12 ? 136 GLU A O   1 
ATOM   249  C CB  . GLU A 1 35 ? 17.556  9.347   2.190   1.00 15.54 ? 136 GLU A CB  1 
ATOM   250  C CG  . GLU A 1 35 ? 19.007  9.771   2.042   1.00 20.04 ? 136 GLU A CG  1 
ATOM   251  C CD  . GLU A 1 35 ? 19.169  11.274  1.965   0.51 18.15 ? 136 GLU A CD  1 
ATOM   252  O OE1 . GLU A 1 35 ? 18.323  11.992  2.540   0.48 20.28 ? 136 GLU A OE1 1 
ATOM   253  O OE2 . GLU A 1 35 ? 20.143  11.735  1.333   0.69 22.25 ? 136 GLU A OE2 1 
ATOM   254  N N   . VAL A 1 36 ? 17.537  9.158   -1.350  1.00 12.89 ? 137 VAL A N   1 
ATOM   255  C CA  . VAL A 1 36 ? 17.888  8.363   -2.525  1.00 12.15 ? 137 VAL A CA  1 
ATOM   256  C C   . VAL A 1 36 ? 19.345  7.925   -2.459  1.00 15.97 ? 137 VAL A C   1 
ATOM   257  O O   . VAL A 1 36 ? 20.245  8.748   -2.248  1.00 16.40 ? 137 VAL A O   1 
ATOM   258  C CB  . VAL A 1 36 ? 17.606  9.151   -3.815  1.00 13.08 ? 137 VAL A CB  1 
ATOM   259  C CG1 . VAL A 1 36 ? 17.957  8.314   -5.041  1.00 16.74 ? 137 VAL A CG1 1 
ATOM   260  C CG2 . VAL A 1 36 ? 16.147  9.560   -3.869  1.00 15.31 ? 137 VAL A CG2 1 
ATOM   261  N N   . VAL A 1 37 ? 19.579  6.627   -2.690  1.00 12.47 ? 138 VAL A N   1 
ATOM   262  C CA  . VAL A 1 37 ? 20.920  6.060   -2.810  1.00 15.41 ? 138 VAL A CA  1 
ATOM   263  C C   . VAL A 1 37 ? 21.346  6.099   -4.271  1.00 14.37 ? 138 VAL A C   1 
ATOM   264  O O   . VAL A 1 37 ? 22.401  6.653   -4.605  1.00 19.00 ? 138 VAL A O   1 
ATOM   265  C CB  . VAL A 1 37 ? 20.983  4.622   -2.263  1.00 16.86 ? 138 VAL A CB  1 
ATOM   266  C CG1 . VAL A 1 37 ? 22.338  3.988   -2.605  1.00 19.71 ? 138 VAL A CG1 1 
ATOM   267  C CG2 . VAL A 1 37 ? 20.749  4.604   -0.772  1.00 16.69 ? 138 VAL A CG2 1 
ATOM   268  N N   . GLY A 1 38 ? 20.558  5.497   -5.151  1.00 15.55 ? 139 GLY A N   1 
ATOM   269  C CA  . GLY A 1 38 ? 20.903  5.498   -6.560  1.00 16.20 ? 139 GLY A CA  1 
ATOM   270  C C   . GLY A 1 38 ? 19.988  4.598   -7.354  1.00 18.64 ? 139 GLY A C   1 
ATOM   271  O O   . GLY A 1 38 ? 19.091  3.946   -6.815  1.00 17.51 ? 139 GLY A O   1 
ATOM   272  N N   . GLU A 1 39 ? 20.232  4.578   -8.658  1.00 16.38 ? 140 GLU A N   1 
ATOM   273  C CA  . GLU A 1 39 ? 19.463  3.764   -9.582  1.00 15.67 ? 140 GLU A CA  1 
ATOM   274  C C   . GLU A 1 39 ? 20.088  2.378   -9.662  1.00 15.39 ? 140 GLU A C   1 
ATOM   275  O O   . GLU A 1 39 ? 21.316  2.236   -9.668  1.00 18.64 ? 140 GLU A O   1 
ATOM   276  C CB  . GLU A 1 39 ? 19.448  4.399   -10.975 1.00 21.55 ? 140 GLU A CB  1 
ATOM   277  C CG  . GLU A 1 39 ? 18.626  3.609   -11.984 1.00 20.82 ? 140 GLU A CG  1 
ATOM   278  C CD  . GLU A 1 39 ? 18.535  4.291   -13.330 1.00 36.89 ? 140 GLU A CD  1 
ATOM   279  O OE1 . GLU A 1 39 ? 18.697  5.530   -13.385 1.00 43.98 ? 140 GLU A OE1 1 
ATOM   280  O OE2 . GLU A 1 39 ? 18.296  3.587   -14.332 1.00 34.69 ? 140 GLU A OE2 1 
ATOM   281  N N   . VAL A 1 40 ? 19.241  1.357   -9.720  1.00 14.08 ? 141 VAL A N   1 
ATOM   282  C CA  . VAL A 1 40 ? 19.686  -0.025  -9.795  1.00 13.76 ? 141 VAL A CA  1 
ATOM   283  C C   . VAL A 1 40 ? 19.336  -0.658  -11.138 1.00 15.36 ? 141 VAL A C   1 
ATOM   284  O O   . VAL A 1 40 ? 20.107  -1.462  -11.674 1.00 16.54 ? 141 VAL A O   1 
ATOM   285  C CB  . VAL A 1 40 ? 19.111  -0.846  -8.619  1.00 15.72 ? 141 VAL A CB  1 
ATOM   286  C CG1 . VAL A 1 40 ? 19.490  -2.300  -8.731  1.00 15.42 ? 141 VAL A CG1 1 
ATOM   287  C CG2 . VAL A 1 40 ? 19.581  -0.257  -7.281  1.00 18.85 ? 141 VAL A CG2 1 
ATOM   288  N N   . GLU A 1 41 ? 18.179  -0.310  -11.688 1.00 13.13 ? 142 GLU A N   1 
ATOM   289  C CA  . GLU A 1 41 ? 17.668  -0.867  -12.931 1.00 14.36 ? 142 GLU A CA  1 
ATOM   290  C C   . GLU A 1 41 ? 16.659  0.144   -13.446 1.00 15.17 ? 142 GLU A C   1 
ATOM   291  O O   . GLU A 1 41 ? 16.173  0.979   -12.683 1.00 14.27 ? 142 GLU A O   1 
ATOM   292  C CB  . GLU A 1 41 ? 17.006  -2.232  -12.663 1.00 16.74 ? 142 GLU A CB  1 
ATOM   293  C CG  . GLU A 1 41 ? 16.586  -2.998  -13.898 1.00 17.59 ? 142 GLU A CG  1 
ATOM   294  C CD  . GLU A 1 41 ? 16.184  -4.418  -13.591 1.00 17.16 ? 142 GLU A CD  1 
ATOM   295  O OE1 . GLU A 1 41 ? 15.969  -4.754  -12.397 1.00 14.52 ? 142 GLU A OE1 1 
ATOM   296  O OE2 . GLU A 1 41 ? 16.068  -5.214  -14.550 1.00 18.43 ? 142 GLU A OE2 1 
ATOM   297  N N   . GLU A 1 42 ? 16.355  0.086   -14.741 1.00 15.21 ? 143 GLU A N   1 
ATOM   298  C CA  . GLU A 1 42 ? 15.336  0.987   -15.265 1.00 17.81 ? 143 GLU A CA  1 
ATOM   299  C C   . GLU A 1 42 ? 14.052  0.836   -14.456 1.00 13.96 ? 143 GLU A C   1 
ATOM   300  O O   . GLU A 1 42 ? 13.521  -0.266  -14.314 1.00 14.58 ? 143 GLU A O   1 
ATOM   301  C CB  . GLU A 1 42 ? 15.073  0.678   -16.742 1.00 20.77 ? 143 GLU A CB  1 
ATOM   302  C CG  . GLU A 1 42 ? 14.187  1.705   -17.431 1.00 21.22 ? 143 GLU A CG  1 
ATOM   303  N N   . GLY A 1 43 ? 13.573  1.947   -13.898 1.00 14.83 ? 144 GLY A N   1 
ATOM   304  C CA  . GLY A 1 43 ? 12.369  1.945   -13.089 1.00 14.16 ? 144 GLY A CA  1 
ATOM   305  C C   . GLY A 1 43 ? 12.547  1.625   -11.617 1.00 12.12 ? 144 GLY A C   1 
ATOM   306  O O   . GLY A 1 43 ? 11.545  1.574   -10.893 1.00 13.04 ? 144 GLY A O   1 
ATOM   307  N N   . TRP A 1 44 ? 13.777  1.426   -11.141 1.00 12.68 ? 145 TRP A N   1 
ATOM   308  C CA  . TRP A 1 44 ? 14.007  0.906   -9.796  1.00 11.57 ? 145 TRP A CA  1 
ATOM   309  C C   . TRP A 1 44 ? 15.190  1.614   -9.157  1.00 12.05 ? 145 TRP A C   1 
ATOM   310  O O   . TRP A 1 44 ? 16.312  1.556   -9.675  1.00 14.23 ? 145 TRP A O   1 
ATOM   311  C CB  . TRP A 1 44 ? 14.212  -0.623  -9.825  1.00 12.19 ? 145 TRP A CB  1 
ATOM   312  C CG  . TRP A 1 44 ? 12.902  -1.270  -10.059 1.00 12.51 ? 145 TRP A CG  1 
ATOM   313  C CD1 . TRP A 1 44 ? 12.341  -1.596  -11.269 1.00 13.80 ? 145 TRP A CD1 1 
ATOM   314  C CD2 . TRP A 1 44 ? 11.917  -1.565  -9.065  1.00 11.97 ? 145 TRP A CD2 1 
ATOM   315  N NE1 . TRP A 1 44 ? 11.066  -2.085  -11.079 1.00 13.56 ? 145 TRP A NE1 1 
ATOM   316  C CE2 . TRP A 1 44 ? 10.786  -2.080  -9.735  1.00 12.69 ? 145 TRP A CE2 1 
ATOM   317  C CE3 . TRP A 1 44 ? 11.886  -1.457  -7.668  1.00 12.38 ? 145 TRP A CE3 1 
ATOM   318  C CZ2 . TRP A 1 44 ? 9.648   -2.509  -9.054  1.00 14.24 ? 145 TRP A CZ2 1 
ATOM   319  C CZ3 . TRP A 1 44 ? 10.743  -1.874  -6.993  1.00 12.50 ? 145 TRP A CZ3 1 
ATOM   320  C CH2 . TRP A 1 44 ? 9.638   -2.386  -7.691  1.00 12.26 ? 145 TRP A CH2 1 
ATOM   321  N N   . TRP A 1 45 ? 14.934  2.297   -8.047  1.00 11.83 ? 146 TRP A N   1 
ATOM   322  C CA  . TRP A 1 45 ? 15.957  2.992   -7.283  1.00 11.53 ? 146 TRP A CA  1 
ATOM   323  C C   . TRP A 1 45 ? 16.069  2.342   -5.915  1.00 11.40 ? 146 TRP A C   1 
ATOM   324  O O   . TRP A 1 45 ? 15.154  1.656   -5.451  1.00 11.35 ? 146 TRP A O   1 
ATOM   325  C CB  . TRP A 1 45 ? 15.595  4.472   -7.058  1.00 13.63 ? 146 TRP A CB  1 
ATOM   326  C CG  . TRP A 1 45 ? 15.541  5.338   -8.293  1.00 15.69 ? 146 TRP A CG  1 
ATOM   327  C CD1 . TRP A 1 45 ? 15.884  4.980   -9.557  1.00 14.64 ? 146 TRP A CD1 1 
ATOM   328  C CD2 . TRP A 1 45 ? 15.120  6.714   -8.360  1.00 16.59 ? 146 TRP A CD2 1 
ATOM   329  N NE1 . TRP A 1 45 ? 15.710  6.049   -10.415 1.00 17.43 ? 146 TRP A NE1 1 
ATOM   330  C CE2 . TRP A 1 45 ? 15.233  7.120   -9.703  1.00 17.17 ? 146 TRP A CE2 1 
ATOM   331  C CE3 . TRP A 1 45 ? 14.650  7.632   -7.413  1.00 17.39 ? 146 TRP A CE3 1 
ATOM   332  C CZ2 . TRP A 1 45 ? 14.898  8.415   -10.127 1.00 19.05 ? 146 TRP A CZ2 1 
ATOM   333  C CZ3 . TRP A 1 45 ? 14.320  8.915   -7.832  1.00 21.26 ? 146 TRP A CZ3 1 
ATOM   334  C CH2 . TRP A 1 45 ? 14.448  9.292   -9.180  1.00 19.20 ? 146 TRP A CH2 1 
ATOM   335  N N   . GLU A 1 46 ? 17.212  2.555   -5.273  1.00 12.38 ? 147 GLU A N   1 
ATOM   336  C CA  . GLU A 1 46 ? 17.407  2.193   -3.878  1.00 12.17 ? 147 GLU A CA  1 
ATOM   337  C C   . GLU A 1 46 ? 17.381  3.462   -3.043  1.00 10.87 ? 147 GLU A C   1 
ATOM   338  O O   . GLU A 1 46 ? 17.880  4.511   -3.477  1.00 11.97 ? 147 GLU A O   1 
ATOM   339  C CB  . GLU A 1 46 ? 18.729  1.448   -3.654  1.00 12.26 ? 147 GLU A CB  1 
ATOM   340  C CG  . GLU A 1 46 ? 18.845  0.864   -2.242  1.00 14.54 ? 147 GLU A CG  1 
ATOM   341  C CD  . GLU A 1 46 ? 20.132  0.082   -2.012  1.00 16.01 ? 147 GLU A CD  1 
ATOM   342  O OE1 . GLU A 1 46 ? 21.214  0.602   -2.349  1.00 17.27 ? 147 GLU A OE1 1 
ATOM   343  O OE2 . GLU A 1 46 ? 20.044  -1.042  -1.477  1.00 18.44 ? 147 GLU A OE2 1 
ATOM   344  N N   . GLY A 1 47 ? 16.787  3.366   -1.857  1.00 10.94 ? 148 GLY A N   1 
ATOM   345  C CA  . GLY A 1 47 ? 16.688  4.517   -0.981  1.00 12.27 ? 148 GLY A CA  1 
ATOM   346  C C   . GLY A 1 47 ? 16.483  4.087   0.454   1.00 10.95 ? 148 GLY A C   1 
ATOM   347  O O   . GLY A 1 47 ? 16.349  2.898   0.759   1.00 12.35 ? 148 GLY A O   1 
ATOM   348  N N   . VAL A 1 48 ? 16.464  5.079   1.339   1.00 12.05 ? 149 VAL A N   1 
ATOM   349  C CA  . VAL A 1 48 ? 16.281  4.866   2.769   1.00 12.25 ? 149 VAL A CA  1 
ATOM   350  C C   . VAL A 1 48 ? 15.012  5.581   3.200   1.00 13.14 ? 149 VAL A C   1 
ATOM   351  O O   . VAL A 1 48 ? 14.844  6.777   2.934   1.00 12.96 ? 149 VAL A O   1 
ATOM   352  C CB  . VAL A 1 48 ? 17.481  5.371   3.587   1.00 14.12 ? 149 VAL A CB  1 
ATOM   353  C CG1 . VAL A 1 48 ? 17.323  4.960   5.060   1.00 16.35 ? 149 VAL A CG1 1 
ATOM   354  C CG2 . VAL A 1 48 ? 18.796  4.860   3.003   1.00 17.32 ? 149 VAL A CG2 1 
ATOM   355  N N   . LEU A 1 49 ? 14.124  4.853   3.869   1.00 12.78 ? 150 LEU A N   1 
ATOM   356  C CA  . LEU A 1 49 ? 12.832  5.382   4.281   1.00 12.57 ? 150 LEU A CA  1 
ATOM   357  C C   . LEU A 1 49 ? 12.549  4.856   5.676   1.00 16.57 ? 150 LEU A C   1 
ATOM   358  O O   . LEU A 1 49 ? 12.465  3.640   5.875   1.00 15.54 ? 150 LEU A O   1 
ATOM   359  C CB  . LEU A 1 49 ? 11.742  4.943   3.296   1.00 13.22 ? 150 LEU A CB  1 
ATOM   360  C CG  . LEU A 1 49 ? 10.302  5.334   3.610   1.00 13.02 ? 150 LEU A CG  1 
ATOM   361  C CD1 . LEU A 1 49 ? 10.184  6.844   3.837   1.00 17.56 ? 150 LEU A CD1 1 
ATOM   362  C CD2 . LEU A 1 49 ? 9.407   4.886   2.462   1.00 15.64 ? 150 LEU A CD2 1 
ATOM   363  N N   . ASN A 1 50 ? 12.439  5.772   6.640   1.00 17.79 ? 151 ASN A N   1 
ATOM   364  C CA  . ASN A 1 50 ? 12.161  5.417   8.031   1.00 22.40 ? 151 ASN A CA  1 
ATOM   365  C C   . ASN A 1 50 ? 13.177  4.411   8.563   1.00 23.43 ? 151 ASN A C   1 
ATOM   366  O O   . ASN A 1 50 ? 12.833  3.458   9.266   1.00 26.37 ? 151 ASN A O   1 
ATOM   367  C CB  . ASN A 1 50 ? 10.720  4.937   8.193   1.00 22.06 ? 151 ASN A CB  1 
ATOM   368  C CG  . ASN A 1 50 ? 9.714   5.992   7.759   1.00 29.55 ? 151 ASN A CG  1 
ATOM   369  O OD1 . ASN A 1 50 ? 9.995   7.189   7.821   1.00 34.10 ? 151 ASN A OD1 1 
ATOM   370  N ND2 . ASN A 1 50 ? 8.547   5.556   7.300   1.00 37.72 ? 151 ASN A ND2 1 
ATOM   371  N N   . GLY A 1 51 ? 14.444  4.622   8.204   1.00 22.02 ? 152 GLY A N   1 
ATOM   372  C CA  . GLY A 1 51 ? 15.536  3.809   8.680   1.00 23.56 ? 152 GLY A CA  1 
ATOM   373  C C   . GLY A 1 51 ? 15.847  2.579   7.852   1.00 23.77 ? 152 GLY A C   1 
ATOM   374  O O   . GLY A 1 51 ? 16.937  2.013   8.002   1.00 28.07 ? 152 GLY A O   1 
ATOM   375  N N   . LYS A 1 52 ? 14.932  2.147   6.987   1.00 16.95 ? 153 LYS A N   1 
ATOM   376  C CA  . LYS A 1 52 ? 15.101  0.926   6.210   1.00 15.61 ? 153 LYS A CA  1 
ATOM   377  C C   . LYS A 1 52 ? 15.627  1.267   4.821   1.00 13.90 ? 153 LYS A C   1 
ATOM   378  O O   . LYS A 1 52 ? 15.123  2.186   4.169   1.00 14.00 ? 153 LYS A O   1 
ATOM   379  C CB  . LYS A 1 52 ? 13.766  0.197   6.069   1.00 17.33 ? 153 LYS A CB  1 
ATOM   380  C CG  . LYS A 1 52 ? 13.887  -1.176  5.426   0.62 19.34 ? 153 LYS A CG  1 
ATOM   381  C CD  . LYS A 1 52 ? 12.582  -1.957  5.508   1.00 26.66 ? 153 LYS A CD  1 
ATOM   382  C CE  . LYS A 1 52 ? 12.814  -3.422  5.170   1.00 34.84 ? 153 LYS A CE  1 
ATOM   383  N NZ  . LYS A 1 52 ? 11.546  -4.194  5.110   0.51 27.49 ? 153 LYS A NZ  1 
ATOM   384  N N   . THR A 1 53 ? 16.644  0.529   4.376   1.00 14.07 ? 154 THR A N   1 
ATOM   385  C CA  . THR A 1 53 ? 17.161  0.646   3.015   1.00 12.90 ? 154 THR A CA  1 
ATOM   386  C C   . THR A 1 53 ? 16.484  -0.394  2.135   1.00 14.77 ? 154 THR A C   1 
ATOM   387  O O   . THR A 1 53 ? 16.383  -1.567  2.516   1.00 15.57 ? 154 THR A O   1 
ATOM   388  C CB  . THR A 1 53 ? 18.673  0.431   3.000   1.00 15.37 ? 154 THR A CB  1 
ATOM   389  O OG1 . THR A 1 53 ? 19.312  1.458   3.765   1.00 18.26 ? 154 THR A OG1 1 
ATOM   390  C CG2 . THR A 1 53 ? 19.205  0.470   1.574   1.00 15.74 ? 154 THR A CG2 1 
ATOM   391  N N   . GLY A 1 54 ? 16.024  0.021   0.964   1.00 12.46 ? 155 GLY A N   1 
ATOM   392  C CA  . GLY A 1 54 ? 15.400  -0.943  0.080   1.00 12.12 ? 155 GLY A CA  1 
ATOM   393  C C   . GLY A 1 54 ? 15.085  -0.354  -1.274  1.00 10.80 ? 155 GLY A C   1 
ATOM   394  O O   . GLY A 1 54 ? 15.328  0.830   -1.549  1.00 11.67 ? 155 GLY A O   1 
ATOM   395  N N   . MET A 1 55 ? 14.505  -1.208  -2.114  1.00 11.19 ? 156 MET A N   1 
ATOM   396  C CA  . MET A 1 55 ? 14.207  -0.914  -3.508  1.00 10.95 ? 156 MET A CA  1 
ATOM   397  C C   . MET A 1 55 ? 12.800  -0.356  -3.670  1.00 10.37 ? 156 MET A C   1 
ATOM   398  O O   . MET A 1 55 ? 11.877  -0.735  -2.947  1.00 10.89 ? 156 MET A O   1 
ATOM   399  C CB  . MET A 1 55 ? 14.320  -2.210  -4.322  1.00 12.80 ? 156 MET A CB  1 
ATOM   400  C CG  . MET A 1 55 ? 15.715  -2.829  -4.286  1.00 13.14 ? 156 MET A CG  1 
ATOM   401  S SD  . MET A 1 55 ? 16.947  -1.708  -4.994  1.00 13.79 ? 156 MET A SD  1 
ATOM   402  C CE  . MET A 1 55 ? 16.162  -1.359  -6.568  1.00 16.69 ? 156 MET A CE  1 
ATOM   403  N N   . PHE A 1 56 ? 12.635  0.537   -4.638  1.00 10.78 ? 157 PHE A N   1 
ATOM   404  C CA  . PHE A 1 56 ? 11.314  1.106   -4.863  1.00 11.41 ? 157 PHE A CA  1 
ATOM   405  C C   . PHE A 1 56 ? 11.158  1.529   -6.316  1.00 10.00 ? 157 PHE A C   1 
ATOM   406  O O   . PHE A 1 56 ? 12.153  1.846   -6.983  1.00 11.34 ? 157 PHE A O   1 
ATOM   407  C CB  . PHE A 1 56 ? 11.036  2.289   -3.923  1.00 11.43 ? 157 PHE A CB  1 
ATOM   408  C CG  . PHE A 1 56 ? 11.944  3.474   -4.122  1.00 10.72 ? 157 PHE A CG  1 
ATOM   409  C CD1 . PHE A 1 56 ? 11.565  4.536   -4.947  1.00 11.48 ? 157 PHE A CD1 1 
ATOM   410  C CD2 . PHE A 1 56 ? 13.163  3.560   -3.455  1.00 12.73 ? 157 PHE A CD2 1 
ATOM   411  C CE1 . PHE A 1 56 ? 12.386  5.641   -5.103  1.00 13.57 ? 157 PHE A CE1 1 
ATOM   412  C CE2 . PHE A 1 56 ? 13.986  4.654   -3.615  1.00 12.76 ? 157 PHE A CE2 1 
ATOM   413  C CZ  . PHE A 1 56 ? 13.600  5.698   -4.435  1.00 13.14 ? 157 PHE A CZ  1 
ATOM   414  N N   . PRO A 1 57 ? 9.929   1.535   -6.836  1.00 10.82 ? 158 PRO A N   1 
ATOM   415  C CA  . PRO A 1 57 ? 9.701   1.899   -8.243  1.00 11.98 ? 158 PRO A CA  1 
ATOM   416  C C   . PRO A 1 57 ? 9.803   3.408   -8.419  1.00 11.06 ? 158 PRO A C   1 
ATOM   417  O O   . PRO A 1 57 ? 9.059   4.177   -7.803  1.00 11.15 ? 158 PRO A O   1 
ATOM   418  C CB  . PRO A 1 57 ? 8.277   1.387   -8.513  1.00 12.20 ? 158 PRO A CB  1 
ATOM   419  C CG  . PRO A 1 57 ? 7.623   1.374   -7.164  1.00 12.85 ? 158 PRO A CG  1 
ATOM   420  C CD  . PRO A 1 57 ? 8.715   1.004   -6.194  1.00 12.79 ? 158 PRO A CD  1 
ATOM   421  N N   . SER A 1 58 ? 10.727  3.831   -9.281  1.00 12.26 ? 159 SER A N   1 
ATOM   422  C CA  . SER A 1 58 ? 10.996  5.255   -9.439  1.00 11.29 ? 159 SER A CA  1 
ATOM   423  C C   . SER A 1 58 ? 9.850   6.005   -10.110 1.00 12.08 ? 159 SER A C   1 
ATOM   424  O O   . SER A 1 58 ? 9.747   7.231   -9.952  1.00 13.43 ? 159 SER A O   1 
ATOM   425  C CB  . SER A 1 58 ? 12.290  5.454   -10.227 1.00 13.67 ? 159 SER A CB  1 
ATOM   426  O OG  . SER A 1 58 ? 12.200  4.813   -11.488 1.00 16.61 ? 159 SER A OG  1 
ATOM   427  N N   . ASN A 1 59 ? 8.980   5.311   -10.841 1.00 12.05 ? 160 ASN A N   1 
ATOM   428  C CA  . ASN A 1 59 ? 7.832   5.974   -11.442 1.00 11.70 ? 160 ASN A CA  1 
ATOM   429  C C   . ASN A 1 59 ? 6.696   6.199   -10.457 1.00 13.84 ? 160 ASN A C   1 
ATOM   430  O O   . ASN A 1 59 ? 5.631   6.682   -10.861 1.00 14.94 ? 160 ASN A O   1 
ATOM   431  C CB  . ASN A 1 59 ? 7.361   5.257   -12.714 1.00 14.77 ? 160 ASN A CB  1 
ATOM   432  C CG  . ASN A 1 59 ? 6.968   3.803   -12.478 1.00 14.63 ? 160 ASN A CG  1 
ATOM   433  O OD1 . ASN A 1 59 ? 7.463   3.137   -11.570 1.00 14.05 ? 160 ASN A OD1 1 
ATOM   434  N ND2 . ASN A 1 59 ? 6.069   3.304   -13.319 1.00 17.53 ? 160 ASN A ND2 1 
ATOM   435  N N   . PHE A 1 60 ? 6.901   5.880   -9.181  1.00 12.47 ? 161 PHE A N   1 
ATOM   436  C CA  . PHE A 1 60 ? 5.963   6.219   -8.122  1.00 11.69 ? 161 PHE A CA  1 
ATOM   437  C C   . PHE A 1 60 ? 6.370   7.486   -7.379  1.00 10.95 ? 161 PHE A C   1 
ATOM   438  O O   . PHE A 1 60 ? 5.736   7.838   -6.381  1.00 12.02 ? 161 PHE A O   1 
ATOM   439  C CB  . PHE A 1 60 ? 5.837   5.058   -7.126  1.00 12.19 ? 161 PHE A CB  1 
ATOM   440  C CG  . PHE A 1 60 ? 5.022   3.884   -7.625  1.00 11.68 ? 161 PHE A CG  1 
ATOM   441  C CD1 . PHE A 1 60 ? 4.010   3.349   -6.833  1.00 12.91 ? 161 PHE A CD1 1 
ATOM   442  C CD2 . PHE A 1 60 ? 5.293   3.290   -8.848  1.00 13.00 ? 161 PHE A CD2 1 
ATOM   443  C CE1 . PHE A 1 60 ? 3.271   2.247   -7.268  1.00 14.10 ? 161 PHE A CE1 1 
ATOM   444  C CE2 . PHE A 1 60 ? 4.558   2.193   -9.296  1.00 13.25 ? 161 PHE A CE2 1 
ATOM   445  C CZ  . PHE A 1 60 ? 3.544   1.668   -8.502  1.00 13.84 ? 161 PHE A CZ  1 
ATOM   446  N N   . ILE A 1 61 ? 7.407   8.185   -7.861  1.00 12.22 ? 162 ILE A N   1 
ATOM   447  C CA  . ILE A 1 61 ? 7.956   9.376   -7.213  1.00 12.30 ? 162 ILE A CA  1 
ATOM   448  C C   . ILE A 1 61 ? 7.391   10.626  -7.879  1.00 12.53 ? 162 ILE A C   1 
ATOM   449  O O   . ILE A 1 61 ? 7.191   10.660  -9.098  1.00 13.37 ? 162 ILE A O   1 
ATOM   450  C CB  . ILE A 1 61 ? 9.496   9.335   -7.289  1.00 12.02 ? 162 ILE A CB  1 
ATOM   451  C CG1 . ILE A 1 61 ? 10.011  8.074   -6.582  1.00 11.44 ? 162 ILE A CG1 1 
ATOM   452  C CG2 . ILE A 1 61 ? 10.121  10.603  -6.713  1.00 14.71 ? 162 ILE A CG2 1 
ATOM   453  C CD1 . ILE A 1 61 ? 9.528   7.927   -5.153  1.00 13.24 ? 162 ILE A CD1 1 
ATOM   454  N N   . LYS A 1 62 ? 7.120   11.648  -7.072  1.00 12.18 ? 163 LYS A N   1 
ATOM   455  C CA  . LYS A 1 62 ? 6.553   12.897  -7.578  1.00 13.29 ? 163 LYS A CA  1 
ATOM   456  C C   . LYS A 1 62 ? 7.598   13.739  -8.308  1.00 14.17 ? 163 LYS A C   1 
ATOM   457  O O   . LYS A 1 62 ? 8.707   13.954  -7.808  1.00 14.27 ? 163 LYS A O   1 
ATOM   458  C CB  . LYS A 1 62 ? 5.963   13.703  -6.423  1.00 15.80 ? 163 LYS A CB  1 
ATOM   459  C CG  . LYS A 1 62 ? 5.181   14.941  -6.873  1.00 20.35 ? 163 LYS A CG  1 
ATOM   460  C CD  . LYS A 1 62 ? 4.313   15.502  -5.761  0.65 23.38 ? 163 LYS A CD  1 
ATOM   461  C CE  . LYS A 1 62 ? 3.407   16.607  -6.289  0.55 28.43 ? 163 LYS A CE  1 
ATOM   462  N NZ  . LYS A 1 62 ? 2.622   16.163  -7.476  0.56 31.92 ? 163 LYS A NZ  1 
ATOM   463  N N   . GLU A 1 63 ? 7.236   14.221  -9.492  1.00 14.50 ? 164 GLU A N   1 
ATOM   464  C CA  . GLU A 1 63 ? 8.067   15.197  -10.179 1.00 16.26 ? 164 GLU A CA  1 
ATOM   465  C C   . GLU A 1 63 ? 7.913   16.574  -9.533  1.00 15.35 ? 164 GLU A C   1 
ATOM   466  O O   . GLU A 1 63 ? 6.841   16.941  -9.045  1.00 17.22 ? 164 GLU A O   1 
ATOM   467  C CB  . GLU A 1 63 ? 7.671   15.284  -11.652 1.00 18.66 ? 164 GLU A CB  1 
ATOM   468  C CG  . GLU A 1 63 ? 8.515   16.263  -12.457 1.00 20.30 ? 164 GLU A CG  1 
ATOM   469  C CD  . GLU A 1 63 ? 8.026   16.430  -13.877 0.19 27.25 ? 164 GLU A CD  1 
ATOM   470  O OE1 . GLU A 1 63 ? 8.500   17.354  -14.570 1.00 30.73 ? 164 GLU A OE1 1 
ATOM   471  O OE2 . GLU A 1 63 ? 7.167   15.633  -14.303 1.00 36.55 ? 164 GLU A OE2 1 
ATOM   472  N N   . LEU A 1 64 ? 9.007   17.334  -9.522  1.00 16.12 ? 165 LEU A N   1 
ATOM   473  C CA  . LEU A 1 64 ? 8.979   18.710  -9.034  1.00 17.52 ? 165 LEU A CA  1 
ATOM   474  C C   . LEU A 1 64 ? 8.536   19.625  -10.169 1.00 23.96 ? 165 LEU A C   1 
ATOM   475  O O   . LEU A 1 64 ? 9.275   19.828  -11.141 1.00 24.20 ? 165 LEU A O   1 
ATOM   476  C CB  . LEU A 1 64 ? 10.353  19.139  -8.529  1.00 18.46 ? 165 LEU A CB  1 
ATOM   477  C CG  . LEU A 1 64 ? 10.939  18.360  -7.353  1.00 18.37 ? 165 LEU A CG  1 
ATOM   478  C CD1 . LEU A 1 64 ? 12.404  18.704  -7.180  1.00 24.28 ? 165 LEU A CD1 1 
ATOM   479  C CD2 . LEU A 1 64 ? 10.164  18.664  -6.081  1.00 28.10 ? 165 LEU A CD2 1 
ATOM   480  N N   . SER A 1 65 ? 7.344   20.196  -10.031 1.00 29.64 ? 166 SER A N   1 
ATOM   481  C CA  . SER A 1 65 ? 6.760   21.098  -11.019 1.00 33.47 ? 166 SER A CA  1 
ATOM   482  C C   . SER A 1 65 ? 6.170   22.326  -10.336 1.00 33.57 ? 166 SER A C   1 
ATOM   483  O O   . SER A 1 65 ? 5.012   22.699  -10.547 1.00 33.03 ? 166 SER A O   1 
ATOM   484  C CB  . SER A 1 65 ? 5.721   20.375  -11.871 1.00 32.27 ? 166 SER A CB  1 
ATOM   485  O OG  . SER A 1 65 ? 6.308   19.283  -12.558 1.00 44.02 ? 166 SER A OG  1 
ATOM   486  N N   . GLY A 1 66 ? 6.968   22.964  -9.486  1.00 26.63 ? 167 GLY A N   1 
ATOM   487  C CA  . GLY A 1 66 ? 6.576   24.211  -8.854  1.00 28.40 ? 167 GLY A CA  1 
ATOM   488  C C   . GLY A 1 66 ? 5.654   24.027  -7.668  1.00 41.24 ? 167 GLY A C   1 
ATOM   489  O O   . GLY A 1 66 ? 5.429   22.903  -7.214  1.00 35.63 ? 167 GLY A O   1 
ATOM   490  O OXT . GLY A 1 66 ? 5.118   24.999  -7.132  1.00 48.09 ? 167 GLY A OXT 1 
ATOM   491  N N   . ARG B 1 8  ? -7.782  4.940   21.014  1.00 48.14 ? 109 ARG B N   1 
ATOM   492  C CA  . ARG B 1 8  ? -8.066  5.746   19.831  1.00 52.95 ? 109 ARG B CA  1 
ATOM   493  C C   . ARG B 1 8  ? -7.953  4.913   18.558  1.00 36.52 ? 109 ARG B C   1 
ATOM   494  O O   . ARG B 1 8  ? -8.332  5.360   17.477  1.00 42.53 ? 109 ARG B O   1 
ATOM   495  C CB  . ARG B 1 8  ? -7.127  6.953   19.756  1.00 51.61 ? 109 ARG B CB  1 
ATOM   496  N N   . ARG B 1 9  ? -7.436  3.697   18.688  1.00 38.75 ? 110 ARG B N   1 
ATOM   497  C CA  . ARG B 1 9  ? -7.338  2.815   17.537  1.00 30.36 ? 110 ARG B CA  1 
ATOM   498  C C   . ARG B 1 9  ? -8.656  2.082   17.305  1.00 22.16 ? 110 ARG B C   1 
ATOM   499  O O   . ARG B 1 9  ? -9.433  1.826   18.231  1.00 24.96 ? 110 ARG B O   1 
ATOM   500  C CB  . ARG B 1 9  ? -6.176  1.833   17.696  1.00 36.48 ? 110 ARG B CB  1 
ATOM   501  C CG  . ARG B 1 9  ? -4.817  2.515   17.824  0.46 33.50 ? 110 ARG B CG  1 
ATOM   502  C CD  . ARG B 1 9  ? -3.702  1.513   18.077  0.89 37.42 ? 110 ARG B CD  1 
ATOM   503  N N   . ARG B 1 10 ? -8.911  1.773   16.041  1.00 18.22 ? 111 ARG B N   1 
ATOM   504  C CA  . ARG B 1 10 ? -10.137 1.145   15.579  1.00 16.94 ? 111 ARG B CA  1 
ATOM   505  C C   . ARG B 1 10 ? -9.739  -0.063  14.751  1.00 16.19 ? 111 ARG B C   1 
ATOM   506  O O   . ARG B 1 10 ? -8.867  0.049   13.887  1.00 15.60 ? 111 ARG B O   1 
ATOM   507  C CB  . ARG B 1 10 ? -10.927 2.128   14.706  1.00 19.26 ? 111 ARG B CB  1 
ATOM   508  C CG  . ARG B 1 10 ? -11.265 3.422   15.420  1.00 20.75 ? 111 ARG B CG  1 
ATOM   509  C CD  . ARG B 1 10 ? -12.156 4.335   14.595  1.00 24.55 ? 111 ARG B CD  1 
ATOM   510  N NE  . ARG B 1 10 ? -11.571 4.680   13.306  1.00 27.46 ? 111 ARG B NE  1 
ATOM   511  C CZ  . ARG B 1 10 ? -12.225 4.602   12.151  0.70 23.12 ? 111 ARG B CZ  1 
ATOM   512  N NH1 . ARG B 1 10 ? -13.487 4.198   12.125  1.00 25.43 ? 111 ARG B NH1 1 
ATOM   513  N NH2 . ARG B 1 10 ? -11.625 4.945   11.023  1.00 25.91 ? 111 ARG B NH2 1 
ATOM   514  N N   . ARG B 1 11 ? -10.359 -1.211  15.015  1.00 13.45 ? 112 ARG B N   1 
ATOM   515  C CA  . ARG B 1 11 ? -9.938  -2.466  14.413  1.00 11.89 ? 112 ARG B CA  1 
ATOM   516  C C   . ARG B 1 11 ? -11.149 -3.253  13.936  1.00 10.76 ? 112 ARG B C   1 
ATOM   517  O O   . ARG B 1 11 ? -12.275 -3.031  14.392  1.00 12.13 ? 112 ARG B O   1 
ATOM   518  C CB  . ARG B 1 11 ? -9.117  -3.306  15.403  1.00 12.27 ? 112 ARG B CB  1 
ATOM   519  C CG  . ARG B 1 11 ? -7.835  -2.617  15.871  1.00 13.73 ? 112 ARG B CG  1 
ATOM   520  C CD  . ARG B 1 11 ? -6.980  -3.526  16.737  1.00 13.17 ? 112 ARG B CD  1 
ATOM   521  N NE  . ARG B 1 11 ? -7.719  -3.953  17.921  1.00 13.17 ? 112 ARG B NE  1 
ATOM   522  C CZ  . ARG B 1 11 ? -7.513  -5.093  18.563  1.00 13.84 ? 112 ARG B CZ  1 
ATOM   523  N NH1 . ARG B 1 11 ? -8.258  -5.391  19.617  1.00 14.81 ? 112 ARG B NH1 1 
ATOM   524  N NH2 . ARG B 1 11 ? -6.567  -5.935  18.166  1.00 17.71 ? 112 ARG B NH2 1 
ATOM   525  N N   . CYS B 1 12 ? -10.906 -4.176  13.005  1.00 12.18 ? 113 CYS B N   1 
ATOM   526  C CA  . CYS B 1 12 ? -11.937 -5.067  12.491  1.00 11.49 ? 113 CYS B CA  1 
ATOM   527  C C   . CYS B 1 12 ? -11.309 -6.422  12.204  1.00 11.53 ? 113 CYS B C   1 
ATOM   528  O O   . CYS B 1 12 ? -10.086 -6.580  12.201  1.00 11.86 ? 113 CYS B O   1 
ATOM   529  C CB  . CYS B 1 12 ? -12.640 -4.502  11.243  1.00 11.42 ? 113 CYS B CB  1 
ATOM   530  S SG  . CYS B 1 12 ? -11.569 -4.383  9.793   1.00 13.05 ? 113 CYS B SG  1 
ATOM   531  N N   . GLN B 1 13 ? -12.161 -7.415  11.980  1.00 12.01 ? 114 GLN B N   1 
ATOM   532  C CA  . GLN B 1 13 ? -11.717 -8.796  11.836  1.00 12.01 ? 114 GLN B CA  1 
ATOM   533  C C   . GLN B 1 13 ? -12.092 -9.317  10.458  1.00 12.23 ? 114 GLN B C   1 
ATOM   534  O O   . GLN B 1 13 ? -13.221 -9.115  9.998   1.00 13.23 ? 114 GLN B O   1 
ATOM   535  C CB  . GLN B 1 13 ? -12.352 -9.662  12.932  1.00 13.32 ? 114 GLN B CB  1 
ATOM   536  C CG  . GLN B 1 13 ? -11.904 -11.106 12.927  1.00 15.54 ? 114 GLN B CG  1 
ATOM   537  C CD  . GLN B 1 13 ? -12.390 -11.852 14.161  1.00 15.80 ? 114 GLN B CD  1 
ATOM   538  O OE1 . GLN B 1 13 ? -12.375 -11.319 15.268  1.00 17.72 ? 114 GLN B OE1 1 
ATOM   539  N NE2 . GLN B 1 13 ? -12.822 -13.089 13.967  1.00 19.06 ? 114 GLN B NE2 1 
ATOM   540  N N   . VAL B 1 14 ? -11.150 -9.996  9.809   1.00 11.39 ? 115 VAL B N   1 
ATOM   541  C CA  . VAL B 1 14 ? -11.362 -10.522 8.463   1.00 12.41 ? 115 VAL B CA  1 
ATOM   542  C C   . VAL B 1 14 ? -12.175 -11.811 8.534   1.00 12.36 ? 115 VAL B C   1 
ATOM   543  O O   . VAL B 1 14 ? -11.828 -12.740 9.281   1.00 13.61 ? 115 VAL B O   1 
ATOM   544  C CB  . VAL B 1 14 ? -10.014 -10.756 7.764   1.00 11.65 ? 115 VAL B CB  1 
ATOM   545  C CG1 . VAL B 1 14 ? -10.213 -11.488 6.462   1.00 12.53 ? 115 VAL B CG1 1 
ATOM   546  C CG2 . VAL B 1 14 ? -9.327  -9.429  7.539   1.00 12.68 ? 115 VAL B CG2 1 
ATOM   547  N N   . ALA B 1 15 ? -13.222 -11.894 7.710   1.00 11.47 ? 116 ALA B N   1 
ATOM   548  C CA  . ALA B 1 15 ? -14.070 -13.078 7.607   1.00 11.52 ? 116 ALA B CA  1 
ATOM   549  C C   . ALA B 1 15 ? -13.766 -13.934 6.384   1.00 13.61 ? 116 ALA B C   1 
ATOM   550  O O   . ALA B 1 15 ? -14.133 -15.119 6.373   1.00 14.06 ? 116 ALA B O   1 
ATOM   551  C CB  . ALA B 1 15 ? -15.548 -12.656 7.555   1.00 13.24 ? 116 ALA B CB  1 
ATOM   552  N N   . PHE B 1 16 ? -13.105 -13.386 5.360   1.00 12.60 ? 117 PHE B N   1 
ATOM   553  C CA  . PHE B 1 16 ? -12.796 -14.128 4.150   1.00 11.98 ? 117 PHE B CA  1 
ATOM   554  C C   . PHE B 1 16 ? -11.426 -13.720 3.652   1.00 12.08 ? 117 PHE B C   1 
ATOM   555  O O   . PHE B 1 16 ? -11.072 -12.541 3.699   1.00 11.65 ? 117 PHE B O   1 
ATOM   556  C CB  . PHE B 1 16 ? -13.810 -13.857 3.040   1.00 13.69 ? 117 PHE B CB  1 
ATOM   557  C CG  . PHE B 1 16 ? -15.180 -14.348 3.362   1.00 14.54 ? 117 PHE B CG  1 
ATOM   558  C CD1 . PHE B 1 16 ? -15.521 -15.672 3.129   1.00 16.44 ? 117 PHE B CD1 1 
ATOM   559  C CD2 . PHE B 1 16 ? -16.113 -13.508 3.938   1.00 17.28 ? 117 PHE B CD2 1 
ATOM   560  C CE1 . PHE B 1 16 ? -16.779 -16.144 3.442   1.00 20.62 ? 117 PHE B CE1 1 
ATOM   561  C CE2 . PHE B 1 16 ? -17.389 -13.988 4.262   1.00 17.00 ? 117 PHE B CE2 1 
ATOM   562  C CZ  . PHE B 1 16 ? -17.709 -15.300 4.000   1.00 20.55 ? 117 PHE B CZ  1 
ATOM   563  N N   . SER B 1 17 ? -10.660 -14.695 3.174   1.00 13.25 ? 118 SER B N   1 
ATOM   564  C CA  A SER B 1 17 ? -9.340  -14.408 2.639   0.66 13.03 ? 118 SER B CA  1 
ATOM   565  C CA  B SER B 1 17 ? -9.340  -14.421 2.632   0.34 13.07 ? 118 SER B CA  1 
ATOM   566  C C   . SER B 1 17 ? -9.452  -13.647 1.320   1.00 12.97 ? 118 SER B C   1 
ATOM   567  O O   . SER B 1 17 ? -10.464 -13.703 0.617   1.00 14.03 ? 118 SER B O   1 
ATOM   568  C CB  A SER B 1 17 ? -8.563  -15.707 2.429   0.66 14.50 ? 118 SER B CB  1 
ATOM   569  C CB  B SER B 1 17 ? -8.579  -15.729 2.409   0.34 14.45 ? 118 SER B CB  1 
ATOM   570  O OG  A SER B 1 17 ? -9.206  -16.503 1.461   0.66 15.54 ? 118 SER B OG  1 
ATOM   571  O OG  B SER B 1 17 ? -8.344  -16.394 3.639   0.34 13.41 ? 118 SER B OG  1 
ATOM   572  N N   . TYR B 1 18 ? -8.383  -12.923 0.980   1.00 12.27 ? 119 TYR B N   1 
ATOM   573  C CA  . TYR B 1 18 ? -8.380  -12.096 -0.227  1.00 11.73 ? 119 TYR B CA  1 
ATOM   574  C C   . TYR B 1 18 ? -6.959  -11.924 -0.748  1.00 11.51 ? 119 TYR B C   1 
ATOM   575  O O   . TYR B 1 18 ? -6.070  -11.507 -0.002  1.00 13.11 ? 119 TYR B O   1 
ATOM   576  C CB  . TYR B 1 18 ? -8.999  -10.717 0.056   1.00 12.39 ? 119 TYR B CB  1 
ATOM   577  C CG  . TYR B 1 18 ? -8.942  -9.795  -1.140  1.00 11.80 ? 119 TYR B CG  1 
ATOM   578  C CD1 . TYR B 1 18 ? -9.770  -10.003 -2.230  1.00 13.97 ? 119 TYR B CD1 1 
ATOM   579  C CD2 . TYR B 1 18 ? -8.029  -8.747  -1.198  1.00 11.30 ? 119 TYR B CD2 1 
ATOM   580  C CE1 . TYR B 1 18 ? -9.714  -9.178  -3.343  1.00 14.32 ? 119 TYR B CE1 1 
ATOM   581  C CE2 . TYR B 1 18 ? -7.969  -7.906  -2.304  1.00 13.13 ? 119 TYR B CE2 1 
ATOM   582  C CZ  . TYR B 1 18 ? -8.810  -8.136  -3.377  1.00 12.59 ? 119 TYR B CZ  1 
ATOM   583  O OH  . TYR B 1 18 ? -8.758  -7.335  -4.491  1.00 14.00 ? 119 TYR B OH  1 
ATOM   584  N N   . LEU B 1 19 ? -6.763  -12.218 -2.024  1.00 12.87 ? 120 LEU B N   1 
ATOM   585  C CA  . LEU B 1 19 ? -5.479  -12.017 -2.688  1.00 12.97 ? 120 LEU B CA  1 
ATOM   586  C C   . LEU B 1 19 ? -5.474  -10.683 -3.419  1.00 13.40 ? 120 LEU B C   1 
ATOM   587  O O   . LEU B 1 19 ? -6.442  -10.364 -4.135  1.00 14.50 ? 120 LEU B O   1 
ATOM   588  C CB  . LEU B 1 19 ? -5.197  -13.145 -3.679  1.00 15.70 ? 120 LEU B CB  1 
ATOM   589  C CG  . LEU B 1 19 ? -4.974  -14.518 -3.040  1.00 17.70 ? 120 LEU B CG  1 
ATOM   590  C CD1 . LEU B 1 19 ? -4.837  -15.602 -4.109  1.00 23.21 ? 120 LEU B CD1 1 
ATOM   591  C CD2 . LEU B 1 19 ? -3.751  -14.495 -2.133  1.00 19.52 ? 120 LEU B CD2 1 
ATOM   592  N N   . PRO B 1 20 ? -4.419  -9.888  -3.267  1.00 13.21 ? 121 PRO B N   1 
ATOM   593  C CA  . PRO B 1 20 ? -4.430  -8.530  -3.827  1.00 13.19 ? 121 PRO B CA  1 
ATOM   594  C C   . PRO B 1 20 ? -4.414  -8.518  -5.346  1.00 13.28 ? 121 PRO B C   1 
ATOM   595  O O   . PRO B 1 20 ? -3.810  -9.375  -6.001  1.00 15.86 ? 121 PRO B O   1 
ATOM   596  C CB  . PRO B 1 20 ? -3.145  -7.906  -3.270  1.00 14.71 ? 121 PRO B CB  1 
ATOM   597  C CG  . PRO B 1 20 ? -2.268  -9.082  -2.926  1.00 16.29 ? 121 PRO B CG  1 
ATOM   598  C CD  . PRO B 1 20 ? -3.210  -10.157 -2.472  1.00 14.20 ? 121 PRO B CD  1 
ATOM   599  N N   . GLN B 1 21 ? -5.058  -7.491  -5.899  1.00 14.44 ? 122 GLN B N   1 
ATOM   600  C CA  . GLN B 1 21 ? -5.132  -7.274  -7.333  1.00 15.18 ? 122 GLN B CA  1 
ATOM   601  C C   . GLN B 1 21 ? -4.460  -5.979  -7.774  1.00 17.60 ? 122 GLN B C   1 
ATOM   602  O O   . GLN B 1 21 ? -4.347  -5.739  -8.984  1.00 17.56 ? 122 GLN B O   1 
ATOM   603  C CB  . GLN B 1 21 ? -6.599  -7.286  -7.798  1.00 16.67 ? 122 GLN B CB  1 
ATOM   604  C CG  . GLN B 1 21 ? -7.342  -8.594  -7.492  1.00 19.02 ? 122 GLN B CG  1 
ATOM   605  C CD  . GLN B 1 21 ? -6.747  -9.780  -8.229  1.00 28.47 ? 122 GLN B CD  1 
ATOM   606  O OE1 . GLN B 1 21 ? -6.360  -9.671  -9.394  0.42 23.94 ? 122 GLN B OE1 1 
ATOM   607  N NE2 . GLN B 1 21 ? -6.672  -10.922 -7.551  1.00 30.25 ? 122 GLN B NE2 1 
ATOM   608  N N   . ASN B 1 22 ? -4.011  -5.151  -6.834  1.00 13.03 ? 123 ASN B N   1 
ATOM   609  C CA  . ASN B 1 22 ? -3.320  -3.901  -7.115  1.00 13.33 ? 123 ASN B CA  1 
ATOM   610  C C   . ASN B 1 22 ? -2.170  -3.749  -6.131  1.00 14.23 ? 123 ASN B C   1 
ATOM   611  O O   . ASN B 1 22 ? -2.161  -4.379  -5.068  1.00 13.42 ? 123 ASN B O   1 
ATOM   612  C CB  . ASN B 1 22 ? -4.273  -2.707  -6.974  1.00 15.43 ? 123 ASN B CB  1 
ATOM   613  C CG  . ASN B 1 22 ? -5.182  -2.551  -8.166  1.00 14.97 ? 123 ASN B CG  1 
ATOM   614  O OD1 . ASN B 1 22 ? -4.762  -2.053  -9.216  1.00 16.58 ? 123 ASN B OD1 1 
ATOM   615  N ND2 . ASN B 1 22 ? -6.436  -2.971  -8.019  1.00 16.18 ? 123 ASN B ND2 1 
ATOM   616  N N   . ASP B 1 23 ? -1.208  -2.881  -6.481  1.00 15.66 ? 124 ASP B N   1 
ATOM   617  C CA  . ASP B 1 23 ? -0.003  -2.719  -5.668  1.00 14.77 ? 124 ASP B CA  1 
ATOM   618  C C   . ASP B 1 23 ? -0.256  -2.019  -4.348  1.00 13.35 ? 124 ASP B C   1 
ATOM   619  O O   . ASP B 1 23 ? 0.653   -1.960  -3.512  1.00 13.57 ? 124 ASP B O   1 
ATOM   620  C CB  . ASP B 1 23 ? 1.075   -1.927  -6.407  1.00 16.48 ? 124 ASP B CB  1 
ATOM   621  C CG  . ASP B 1 23 ? 1.477   -2.570  -7.705  1.00 17.93 ? 124 ASP B CG  1 
ATOM   622  O OD1 . ASP B 1 23 ? 1.350   -1.919  -8.758  1.00 17.15 ? 124 ASP B OD1 1 
ATOM   623  O OD2 . ASP B 1 23 ? 1.906   -3.744  -7.684  1.00 21.13 ? 124 ASP B OD2 1 
ATOM   624  N N   . ASP B 1 24 ? -1.451  -1.474  -4.148  1.00 12.50 ? 125 ASP B N   1 
ATOM   625  C CA  . ASP B 1 24 ? -1.820  -0.823  -2.906  1.00 11.46 ? 125 ASP B CA  1 
ATOM   626  C C   . ASP B 1 24 ? -2.768  -1.671  -2.059  1.00 12.69 ? 125 ASP B C   1 
ATOM   627  O O   . ASP B 1 24 ? -3.324  -1.162  -1.087  1.00 14.33 ? 125 ASP B O   1 
ATOM   628  C CB  . ASP B 1 24 ? -2.412  0.569   -3.184  1.00 12.09 ? 125 ASP B CB  1 
ATOM   629  C CG  . ASP B 1 24 ? -3.655  0.526   -4.064  1.00 12.67 ? 125 ASP B CG  1 
ATOM   630  O OD1 . ASP B 1 24 ? -4.003  -0.552  -4.582  1.00 13.58 ? 125 ASP B OD1 1 
ATOM   631  O OD2 . ASP B 1 24 ? -4.294  1.588   -4.240  1.00 12.64 ? 125 ASP B OD2 1 
ATOM   632  N N   . GLU B 1 25 ? -2.946  -2.948  -2.391  1.00 11.11 ? 126 GLU B N   1 
ATOM   633  C CA  . GLU B 1 25 ? -3.918  -3.796  -1.706  1.00 12.88 ? 126 GLU B CA  1 
ATOM   634  C C   . GLU B 1 25 ? -3.245  -4.781  -0.763  1.00 10.72 ? 126 GLU B C   1 
ATOM   635  O O   . GLU B 1 25 ? -2.217  -5.380  -1.095  1.00 12.22 ? 126 GLU B O   1 
ATOM   636  C CB  . GLU B 1 25 ? -4.771  -4.579  -2.704  1.00 11.95 ? 126 GLU B CB  1 
ATOM   637  C CG  . GLU B 1 25 ? -5.785  -3.707  -3.417  1.00 12.40 ? 126 GLU B CG  1 
ATOM   638  C CD  . GLU B 1 25 ? -6.595  -4.457  -4.453  1.00 12.23 ? 126 GLU B CD  1 
ATOM   639  O OE1 . GLU B 1 25 ? -7.222  -3.775  -5.293  1.00 12.78 ? 126 GLU B OE1 1 
ATOM   640  O OE2 . GLU B 1 25 ? -6.617  -5.719  -4.425  1.00 13.15 ? 126 GLU B OE2 1 
ATOM   641  N N   . LEU B 1 26 ? -3.859  -4.965  0.402   1.00 11.35 ? 127 LEU B N   1 
ATOM   642  C CA  . LEU B 1 26 ? -3.427  -5.979  1.354   1.00 12.14 ? 127 LEU B CA  1 
ATOM   643  C C   . LEU B 1 26 ? -3.827  -7.381  0.892   1.00 13.02 ? 127 LEU B C   1 
ATOM   644  O O   . LEU B 1 26 ? -4.808  -7.566  0.170   1.00 14.79 ? 127 LEU B O   1 
ATOM   645  C CB  . LEU B 1 26 ? -4.092  -5.725  2.706   1.00 13.21 ? 127 LEU B CB  1 
ATOM   646  C CG  . LEU B 1 26 ? -3.743  -4.415  3.403   1.00 12.51 ? 127 LEU B CG  1 
ATOM   647  C CD1 . LEU B 1 26 ? -4.614  -4.224  4.633   1.00 14.28 ? 127 LEU B CD1 1 
ATOM   648  C CD2 . LEU B 1 26 ? -2.253  -4.383  3.755   1.00 15.71 ? 127 LEU B CD2 1 
ATOM   649  N N   . GLU B 1 27 ? -3.048  -8.377  1.316   1.00 11.26 ? 128 GLU B N   1 
ATOM   650  C CA  . GLU B 1 27 ? -3.516  -9.758  1.323   1.00 11.66 ? 128 GLU B CA  1 
ATOM   651  C C   . GLU B 1 27 ? -4.188  -10.023 2.667   1.00 12.85 ? 128 GLU B C   1 
ATOM   652  O O   . GLU B 1 27 ? -3.633  -9.683  3.717   1.00 13.32 ? 128 GLU B O   1 
ATOM   653  C CB  . GLU B 1 27 ? -2.376  -10.756 1.108   1.00 13.15 ? 128 GLU B CB  1 
ATOM   654  C CG  . GLU B 1 27 ? -2.873  -12.201 1.270   1.00 16.50 ? 128 GLU B CG  1 
ATOM   655  C CD  . GLU B 1 27 ? -1.847  -13.283 0.977   0.80 20.21 ? 128 GLU B CD  1 
ATOM   656  O OE1 . GLU B 1 27 ? -0.741  -12.976 0.489   1.00 20.90 ? 128 GLU B OE1 1 
ATOM   657  O OE2 . GLU B 1 27 ? -2.172  -14.463 1.243   1.00 21.85 ? 128 GLU B OE2 1 
ATOM   658  N N   . LEU B 1 28 ? -5.384  -10.612 2.629   1.00 11.70 ? 129 LEU B N   1 
ATOM   659  C CA  . LEU B 1 28 ? -6.145  -10.937 3.832   1.00 11.51 ? 129 LEU B CA  1 
ATOM   660  C C   . LEU B 1 28 ? -6.217  -12.443 4.041   1.00 11.43 ? 129 LEU B C   1 
ATOM   661  O O   . LEU B 1 28 ? -6.377  -13.206 3.082   1.00 13.35 ? 129 LEU B O   1 
ATOM   662  C CB  . LEU B 1 28 ? -7.581  -10.421 3.751   1.00 11.94 ? 129 LEU B CB  1 
ATOM   663  C CG  . LEU B 1 28 ? -7.801  -8.959  3.386   1.00 12.89 ? 129 LEU B CG  1 
ATOM   664  C CD1 . LEU B 1 28 ? -9.281  -8.670  3.481   1.00 13.68 ? 129 LEU B CD1 1 
ATOM   665  C CD2 . LEU B 1 28 ? -7.000  -8.062  4.303   1.00 15.89 ? 129 LEU B CD2 1 
ATOM   666  N N   . LYS B 1 29 ? -6.138  -12.844 5.300   1.00 12.02 ? 130 LYS B N   1 
ATOM   667  C CA  . LYS B 1 29 ? -6.386  -14.214 5.720   1.00 12.62 ? 130 LYS B CA  1 
ATOM   668  C C   . LYS B 1 29 ? -7.494  -14.201 6.763   1.00 13.22 ? 130 LYS B C   1 
ATOM   669  O O   . LYS B 1 29 ? -7.609  -13.252 7.547   1.00 12.19 ? 130 LYS B O   1 
ATOM   670  C CB  . LYS B 1 29 ? -5.136  -14.816 6.366   1.00 15.48 ? 130 LYS B CB  1 
ATOM   671  C CG  . LYS B 1 29 ? -3.938  -14.935 5.427   1.00 22.12 ? 130 LYS B CG  1 
ATOM   672  N N   . VAL B 1 30 ? -8.308  -15.262 6.775   1.00 13.88 ? 131 VAL B N   1 
ATOM   673  C CA  . VAL B 1 30 ? -9.385  -15.358 7.756   1.00 13.28 ? 131 VAL B CA  1 
ATOM   674  C C   . VAL B 1 30 ? -8.820  -15.169 9.153   1.00 12.72 ? 131 VAL B C   1 
ATOM   675  O O   . VAL B 1 30 ? -7.808  -15.780 9.513   1.00 14.42 ? 131 VAL B O   1 
ATOM   676  C CB  . VAL B 1 30 ? -10.099 -16.718 7.644   1.00 13.75 ? 131 VAL B CB  1 
ATOM   677  C CG1 . VAL B 1 30 ? -11.130 -16.885 8.773   1.00 15.00 ? 131 VAL B CG1 1 
ATOM   678  C CG2 . VAL B 1 30 ? -10.742 -16.874 6.289   1.00 14.87 ? 131 VAL B CG2 1 
ATOM   679  N N   . GLY B 1 31 ? -9.466  -14.318 9.943   1.00 11.99 ? 132 GLY B N   1 
ATOM   680  C CA  . GLY B 1 31 ? -9.060  -14.072 11.305  1.00 14.27 ? 132 GLY B CA  1 
ATOM   681  C C   . GLY B 1 31 ? -8.096  -12.922 11.494  1.00 12.19 ? 132 GLY B C   1 
ATOM   682  O O   . GLY B 1 31 ? -7.876  -12.511 12.638  1.00 15.04 ? 132 GLY B O   1 
ATOM   683  N N   . ASP B 1 32 ? -7.522  -12.385 10.412  1.00 12.18 ? 133 ASP B N   1 
ATOM   684  C CA  . ASP B 1 32 ? -6.639  -11.227 10.532  1.00 12.53 ? 133 ASP B CA  1 
ATOM   685  C C   . ASP B 1 32 ? -7.375  -10.071 11.203  1.00 11.50 ? 133 ASP B C   1 
ATOM   686  O O   . ASP B 1 32 ? -8.570  -9.865  10.982  1.00 12.97 ? 133 ASP B O   1 
ATOM   687  C CB  . ASP B 1 32 ? -6.174  -10.755 9.148   1.00 12.29 ? 133 ASP B CB  1 
ATOM   688  C CG  . ASP B 1 32 ? -5.074  -11.612 8.549   1.00 13.59 ? 133 ASP B CG  1 
ATOM   689  O OD1 . ASP B 1 32 ? -4.459  -12.439 9.256   1.00 15.38 ? 133 ASP B OD1 1 
ATOM   690  O OD2 . ASP B 1 32 ? -4.817  -11.431 7.347   1.00 13.08 ? 133 ASP B OD2 1 
ATOM   691  N N   . ILE B 1 33 ? -6.660  -9.327  12.042  1.00 12.12 ? 134 ILE B N   1 
ATOM   692  C CA  . ILE B 1 33 ? -7.192  -8.142  12.711  1.00 12.53 ? 134 ILE B CA  1 
ATOM   693  C C   . ILE B 1 33 ? -6.524  -6.922  12.085  1.00 12.71 ? 134 ILE B C   1 
ATOM   694  O O   . ILE B 1 33 ? -5.295  -6.784  12.139  1.00 14.36 ? 134 ILE B O   1 
ATOM   695  C CB  . ILE B 1 33 ? -6.948  -8.191  14.229  1.00 13.27 ? 134 ILE B CB  1 
ATOM   696  C CG1 . ILE B 1 33 ? -7.518  -9.481  14.836  1.00 15.24 ? 134 ILE B CG1 1 
ATOM   697  C CG2 . ILE B 1 33 ? -7.531  -6.959  14.902  1.00 15.29 ? 134 ILE B CG2 1 
ATOM   698  C CD1 . ILE B 1 33 ? -9.041  -9.573  14.817  1.00 17.08 ? 134 ILE B CD1 1 
ATOM   699  N N   . ILE B 1 34 ? -7.327  -6.042  11.489  1.00 11.91 ? 135 ILE B N   1 
ATOM   700  C CA  . ILE B 1 34 ? -6.830  -4.889  10.741  1.00 11.81 ? 135 ILE B CA  1 
ATOM   701  C C   . ILE B 1 34 ? -7.129  -3.629  11.536  1.00 12.04 ? 135 ILE B C   1 
ATOM   702  O O   . ILE B 1 34 ? -8.239  -3.474  12.058  1.00 12.69 ? 135 ILE B O   1 
ATOM   703  C CB  . ILE B 1 34 ? -7.550  -4.795  9.382   1.00 10.96 ? 135 ILE B CB  1 
ATOM   704  C CG1 . ILE B 1 34 ? -7.322  -6.046  8.537   1.00 12.79 ? 135 ILE B CG1 1 
ATOM   705  C CG2 . ILE B 1 34 ? -7.105  -3.548  8.617   1.00 12.61 ? 135 ILE B CG2 1 
ATOM   706  C CD1 . ILE B 1 34 ? -8.170  -6.064  7.295   1.00 13.46 ? 135 ILE B CD1 1 
ATOM   707  N N   . GLU B 1 35 ? -6.155  -2.722  11.628  1.00 11.95 ? 136 GLU B N   1 
ATOM   708  C CA  A GLU B 1 35 ? -6.425  -1.392  12.156  0.59 12.31 ? 136 GLU B CA  1 
ATOM   709  C CA  B GLU B 1 35 ? -6.408  -1.386  12.156  0.41 12.36 ? 136 GLU B CA  1 
ATOM   710  C C   . GLU B 1 35 ? -6.964  -0.520  11.031  1.00 12.61 ? 136 GLU B C   1 
ATOM   711  O O   . GLU B 1 35 ? -6.279  -0.286  10.031  1.00 14.02 ? 136 GLU B O   1 
ATOM   712  C CB  A GLU B 1 35 ? -5.178  -0.755  12.764  0.59 14.92 ? 136 GLU B CB  1 
ATOM   713  C CB  B GLU B 1 35 ? -5.114  -0.784  12.702  0.41 14.86 ? 136 GLU B CB  1 
ATOM   714  C CG  A GLU B 1 35 ? -5.522  0.539   13.486  0.59 18.40 ? 136 GLU B CG  1 
ATOM   715  C CG  B GLU B 1 35 ? -5.234  0.677   13.128  0.41 18.63 ? 136 GLU B CG  1 
ATOM   716  C CD  A GLU B 1 35 ? -4.351  1.479   13.643  0.59 22.37 ? 136 GLU B CD  1 
ATOM   717  C CD  B GLU B 1 35 ? -3.919  1.244   13.643  0.41 22.54 ? 136 GLU B CD  1 
ATOM   718  O OE1 A GLU B 1 35 ? -3.199  1.040   13.440  0.59 26.66 ? 136 GLU B OE1 1 
ATOM   719  O OE1 B GLU B 1 35 ? -3.416  2.226   13.055  0.41 21.37 ? 136 GLU B OE1 1 
ATOM   720  O OE2 A GLU B 1 35 ? -4.593  2.665   13.961  0.59 23.03 ? 136 GLU B OE2 1 
ATOM   721  O OE2 B GLU B 1 35 ? -3.384  0.704   14.634  0.41 23.48 ? 136 GLU B OE2 1 
ATOM   722  N N   . VAL B 1 36 ? -8.192  -0.052  11.179  1.00 13.63 ? 137 VAL B N   1 
ATOM   723  C CA  . VAL B 1 36 ? -8.843  0.708   10.115  1.00 14.12 ? 137 VAL B CA  1 
ATOM   724  C C   . VAL B 1 36 ? -8.321  2.140   10.099  1.00 17.00 ? 137 VAL B C   1 
ATOM   725  O O   . VAL B 1 36 ? -8.301  2.825   11.129  1.00 20.68 ? 137 VAL B O   1 
ATOM   726  C CB  . VAL B 1 36 ? -10.367 0.659   10.277  1.00 14.76 ? 137 VAL B CB  1 
ATOM   727  C CG1 . VAL B 1 36 ? -11.031 1.534   9.224   1.00 21.53 ? 137 VAL B CG1 1 
ATOM   728  C CG2 . VAL B 1 36 ? -10.857 -0.780  10.169  1.00 18.33 ? 137 VAL B CG2 1 
ATOM   729  N N   . VAL B 1 37 ? -7.869  2.582   8.929   1.00 15.10 ? 138 VAL B N   1 
ATOM   730  C CA  . VAL B 1 37 ? -7.548  3.986   8.697   1.00 17.76 ? 138 VAL B CA  1 
ATOM   731  C C   . VAL B 1 37 ? -8.784  4.766   8.284   1.00 18.38 ? 138 VAL B C   1 
ATOM   732  O O   . VAL B 1 37 ? -9.125  5.780   8.899   1.00 24.91 ? 138 VAL B O   1 
ATOM   733  C CB  . VAL B 1 37 ? -6.427  4.125   7.647   1.00 19.92 ? 138 VAL B CB  1 
ATOM   734  C CG1 . VAL B 1 37 ? -6.165  5.606   7.362   0.89 18.97 ? 138 VAL B CG1 1 
ATOM   735  C CG2 . VAL B 1 37 ? -5.172  3.433   8.109   1.00 18.69 ? 138 VAL B CG2 1 
ATOM   736  N N   . GLY B 1 38 ? -9.476  4.314   7.249   1.00 17.37 ? 139 GLY B N   1 
ATOM   737  C CA  . GLY B 1 38 ? -10.702 4.976   6.850   1.00 19.17 ? 139 GLY B CA  1 
ATOM   738  C C   . GLY B 1 38 ? -11.280 4.368   5.593   1.00 18.59 ? 139 GLY B C   1 
ATOM   739  O O   . GLY B 1 38 ? -10.705 3.456   4.988   1.00 18.12 ? 139 GLY B O   1 
ATOM   740  N N   . GLU B 1 39 ? -12.450 4.884   5.219   1.00 20.39 ? 140 GLU B N   1 
ATOM   741  C CA  A GLU B 1 39 ? -13.107 4.465   3.990   0.79 15.74 ? 140 GLU B CA  1 
ATOM   742  C CA  B GLU B 1 39 ? -13.113 4.470   3.991   0.21 15.97 ? 140 GLU B CA  1 
ATOM   743  C C   . GLU B 1 39 ? -12.559 5.265   2.814   1.00 16.73 ? 140 GLU B C   1 
ATOM   744  O O   . GLU B 1 39 ? -12.272 6.459   2.930   1.00 20.83 ? 140 GLU B O   1 
ATOM   745  C CB  A GLU B 1 39 ? -14.624 4.652   4.086   0.79 23.29 ? 140 GLU B CB  1 
ATOM   746  C CB  B GLU B 1 39 ? -14.619 4.704   4.109   0.21 23.24 ? 140 GLU B CB  1 
ATOM   747  C CG  A GLU B 1 39 ? -15.317 4.808   2.728   0.79 31.52 ? 140 GLU B CG  1 
ATOM   748  C CG  B GLU B 1 39 ? -15.397 4.474   2.823   0.21 27.59 ? 140 GLU B CG  1 
ATOM   749  C CD  A GLU B 1 39 ? -16.574 3.964   2.581   0.79 35.27 ? 140 GLU B CD  1 
ATOM   750  C CD  B GLU B 1 39 ? -16.243 3.219   2.865   0.21 28.23 ? 140 GLU B CD  1 
ATOM   751  O OE1 A GLU B 1 39 ? -17.680 4.547   2.557   0.79 35.72 ? 140 GLU B OE1 1 
ATOM   752  O OE1 B GLU B 1 39 ? -15.859 2.219   2.231   0.21 19.30 ? 140 GLU B OE1 1 
ATOM   753  O OE2 A GLU B 1 39 ? -16.454 2.723   2.479   0.79 28.88 ? 140 GLU B OE2 1 
ATOM   754  O OE2 B GLU B 1 39 ? -17.295 3.229   3.535   0.21 26.45 ? 140 GLU B OE2 1 
ATOM   755  N N   . VAL B 1 40 ? -12.404 4.595   1.678   1.00 15.15 ? 141 VAL B N   1 
ATOM   756  C CA  A VAL B 1 40 ? -11.850 5.206   0.479   0.76 16.01 ? 141 VAL B CA  1 
ATOM   757  C CA  B VAL B 1 40 ? -11.849 5.205   0.478   0.24 16.08 ? 141 VAL B CA  1 
ATOM   758  C C   . VAL B 1 40 ? -12.866 5.249   -0.660  1.00 16.84 ? 141 VAL B C   1 
ATOM   759  O O   . VAL B 1 40 ? -12.902 6.223   -1.428  1.00 17.49 ? 141 VAL B O   1 
ATOM   760  C CB  A VAL B 1 40 ? -10.556 4.481   0.049   0.76 18.73 ? 141 VAL B CB  1 
ATOM   761  C CB  B VAL B 1 40 ? -10.542 4.499   0.038   0.24 18.69 ? 141 VAL B CB  1 
ATOM   762  C CG1 A VAL B 1 40 ? -9.993  5.077   -1.216  0.76 18.66 ? 141 VAL B CG1 1 
ATOM   763  C CG1 B VAL B 1 40 ? -10.501 4.270   -1.467  0.24 22.85 ? 141 VAL B CG1 1 
ATOM   764  C CG2 A VAL B 1 40 ? -9.533  4.532   1.181   0.76 17.93 ? 141 VAL B CG2 1 
ATOM   765  C CG2 B VAL B 1 40 ? -9.332  5.299   0.495   0.24 19.10 ? 141 VAL B CG2 1 
ATOM   766  N N   . GLU B 1 41 ? -13.703 4.231   -0.769  1.00 14.14 ? 142 GLU B N   1 
ATOM   767  C CA  . GLU B 1 41 ? -14.679 4.102   -1.837  1.00 16.36 ? 142 GLU B CA  1 
ATOM   768  C C   . GLU B 1 41 ? -15.680 3.072   -1.339  1.00 17.05 ? 142 GLU B C   1 
ATOM   769  O O   . GLU B 1 41 ? -15.383 2.314   -0.414  1.00 15.29 ? 142 GLU B O   1 
ATOM   770  C CB  . GLU B 1 41 ? -13.983 3.615   -3.123  1.00 18.26 ? 142 GLU B CB  1 
ATOM   771  C CG  . GLU B 1 41 ? -14.830 3.673   -4.382  1.00 21.56 ? 142 GLU B CG  1 
ATOM   772  C CD  . GLU B 1 41 ? -14.043 3.405   -5.649  1.00 16.58 ? 142 GLU B CD  1 
ATOM   773  O OE1 . GLU B 1 41 ? -12.871 2.956   -5.576  1.00 16.57 ? 142 GLU B OE1 1 
ATOM   774  O OE2 . GLU B 1 41 ? -14.596 3.653   -6.742  1.00 19.71 ? 142 GLU B OE2 1 
ATOM   775  N N   . GLU B 1 42 ? -16.879 3.057   -1.918  1.00 16.34 ? 143 GLU B N   1 
ATOM   776  C CA  A GLU B 1 42 ? -17.840 2.027   -1.551  0.25 17.53 ? 143 GLU B CA  1 
ATOM   777  C CA  B GLU B 1 42 ? -17.844 2.027   -1.560  0.43 17.48 ? 143 GLU B CA  1 
ATOM   778  C CA  C GLU B 1 42 ? -17.845 2.028   -1.560  0.31 17.52 ? 143 GLU B CA  1 
ATOM   779  C C   . GLU B 1 42 ? -17.212 0.654   -1.743  1.00 15.64 ? 143 GLU B C   1 
ATOM   780  O O   . GLU B 1 42 ? -16.708 0.333   -2.824  1.00 16.07 ? 143 GLU B O   1 
ATOM   781  C CB  A GLU B 1 42 ? -19.110 2.153   -2.395  0.25 20.66 ? 143 GLU B CB  1 
ATOM   782  C CB  B GLU B 1 42 ? -19.088 2.160   -2.439  0.43 20.65 ? 143 GLU B CB  1 
ATOM   783  C CB  C GLU B 1 42 ? -19.090 2.162   -2.439  0.31 20.66 ? 143 GLU B CB  1 
ATOM   784  C CG  A GLU B 1 42 ? -20.131 1.059   -2.109  0.25 22.28 ? 143 GLU B CG  1 
ATOM   785  C CG  B GLU B 1 42 ? -20.207 1.192   -2.083  0.43 22.07 ? 143 GLU B CG  1 
ATOM   786  C CG  C GLU B 1 42 ? -19.891 0.876   -2.597  0.31 24.36 ? 143 GLU B CG  1 
ATOM   787  C CD  A GLU B 1 42 ? -21.516 1.394   -2.625  0.25 27.46 ? 143 GLU B CD  1 
ATOM   788  C CD  B GLU B 1 42 ? -21.449 1.403   -2.929  0.43 27.59 ? 143 GLU B CD  1 
ATOM   789  C CD  C GLU B 1 42 ? -21.030 0.765   -1.604  0.31 25.50 ? 143 GLU B CD  1 
ATOM   790  O OE1 A GLU B 1 42 ? -22.503 1.003   -1.967  0.25 29.59 ? 143 GLU B OE1 1 
ATOM   791  O OE1 C GLU B 1 42 ? -22.189 0.608   -2.042  0.31 26.83 ? 143 GLU B OE1 1 
ATOM   792  O OE2 A GLU B 1 42 ? -21.616 2.044   -3.686  0.25 24.49 ? 143 GLU B OE2 1 
ATOM   793  O OE2 C GLU B 1 42 ? -20.770 0.833   -0.384  0.31 27.12 ? 143 GLU B OE2 1 
ATOM   794  N N   . GLY B 1 43 ? -17.222 -0.144  -0.673  1.00 13.91 ? 144 GLY B N   1 
ATOM   795  C CA  . GLY B 1 43 ? -16.629 -1.469  -0.689  1.00 13.68 ? 144 GLY B CA  1 
ATOM   796  C C   . GLY B 1 43 ? -15.144 -1.538  -0.383  1.00 12.76 ? 144 GLY B C   1 
ATOM   797  O O   . GLY B 1 43 ? -14.584 -2.643  -0.381  1.00 13.42 ? 144 GLY B O   1 
ATOM   798  N N   . TRP B 1 44 ? -14.490 -0.409  -0.106  1.00 12.76 ? 145 TRP B N   1 
ATOM   799  C CA  . TRP B 1 44 ? -13.032 -0.369  0.001   1.00 12.90 ? 145 TRP B CA  1 
ATOM   800  C C   . TRP B 1 44 ? -12.605 0.518   1.156   1.00 12.05 ? 145 TRP B C   1 
ATOM   801  O O   . TRP B 1 44 ? -12.940 1.711   1.187   1.00 13.37 ? 145 TRP B O   1 
ATOM   802  C CB  . TRP B 1 44 ? -12.383 0.080   -1.315  1.00 11.80 ? 145 TRP B CB  1 
ATOM   803  C CG  . TRP B 1 44 ? -12.501 -1.005  -2.290  1.00 12.52 ? 145 TRP B CG  1 
ATOM   804  C CD1 . TRP B 1 44 ? -13.519 -1.205  -3.172  1.00 12.86 ? 145 TRP B CD1 1 
ATOM   805  C CD2 . TRP B 1 44 ? -11.625 -2.129  -2.423  1.00 12.33 ? 145 TRP B CD2 1 
ATOM   806  N NE1 . TRP B 1 44 ? -13.323 -2.378  -3.854  1.00 12.59 ? 145 TRP B NE1 1 
ATOM   807  C CE2 . TRP B 1 44 ? -12.163 -2.961  -3.415  1.00 11.99 ? 145 TRP B CE2 1 
ATOM   808  C CE3 . TRP B 1 44 ? -10.419 -2.497  -1.814  1.00 13.69 ? 145 TRP B CE3 1 
ATOM   809  C CZ2 . TRP B 1 44 ? -11.535 -4.140  -3.820  1.00 13.00 ? 145 TRP B CZ2 1 
ATOM   810  C CZ3 . TRP B 1 44 ? -9.797  -3.666  -2.216  1.00 13.92 ? 145 TRP B CZ3 1 
ATOM   811  C CH2 . TRP B 1 44 ? -10.358 -4.474  -3.206  1.00 12.38 ? 145 TRP B CH2 1 
ATOM   812  N N   . TRP B 1 45 ? -11.878 -0.069  2.101   1.00 11.03 ? 146 TRP B N   1 
ATOM   813  C CA  . TRP B 1 45 ? -11.286 0.636   3.225   1.00 12.77 ? 146 TRP B CA  1 
ATOM   814  C C   . TRP B 1 45 ? -9.771  0.523   3.132   1.00 11.98 ? 146 TRP B C   1 
ATOM   815  O O   . TRP B 1 45 ? -9.231  -0.327  2.423   1.00 11.91 ? 146 TRP B O   1 
ATOM   816  C CB  . TRP B 1 45 ? -11.717 0.017   4.563   1.00 14.06 ? 146 TRP B CB  1 
ATOM   817  C CG  . TRP B 1 45 ? -13.182 0.136   4.883   1.00 14.69 ? 146 TRP B CG  1 
ATOM   818  C CD1 . TRP B 1 45 ? -14.133 0.806   4.173   1.00 14.07 ? 146 TRP B CD1 1 
ATOM   819  C CD2 . TRP B 1 45 ? -13.849 -0.435  6.014   1.00 15.61 ? 146 TRP B CD2 1 
ATOM   820  N NE1 . TRP B 1 45 ? -15.360 0.695   4.795   1.00 16.30 ? 146 TRP B NE1 1 
ATOM   821  C CE2 . TRP B 1 45 ? -15.208 -0.065  5.928   1.00 16.27 ? 146 TRP B CE2 1 
ATOM   822  C CE3 . TRP B 1 45 ? -13.431 -1.219  7.093   1.00 18.86 ? 146 TRP B CE3 1 
ATOM   823  C CZ2 . TRP B 1 45 ? -16.148 -0.459  6.878   1.00 20.20 ? 146 TRP B CZ2 1 
ATOM   824  C CZ3 . TRP B 1 45 ? -14.367 -1.606  8.036   1.00 22.58 ? 146 TRP B CZ3 1 
ATOM   825  C CH2 . TRP B 1 45 ? -15.710 -1.226  7.920   1.00 24.47 ? 146 TRP B CH2 1 
ATOM   826  N N   A GLU B 1 46 ? -9.069  1.420   3.823   0.69 12.60 ? 147 GLU B N   1 
ATOM   827  N N   B GLU B 1 46 ? -9.104  1.373   3.900   0.31 12.56 ? 147 GLU B N   1 
ATOM   828  C CA  A GLU B 1 46 ? -7.631  1.285   4.016   0.69 12.60 ? 147 GLU B CA  1 
ATOM   829  C CA  B GLU B 1 46 ? -7.663  1.338   4.066   0.31 12.66 ? 147 GLU B CA  1 
ATOM   830  C C   A GLU B 1 46 ? -7.377  0.925   5.472   0.69 11.19 ? 147 GLU B C   1 
ATOM   831  C C   B GLU B 1 46 ? -7.359  0.957   5.508   0.31 11.34 ? 147 GLU B C   1 
ATOM   832  O O   A GLU B 1 46 ? -8.086  1.390   6.370   0.69 12.55 ? 147 GLU B O   1 
ATOM   833  O O   B GLU B 1 46 ? -8.018  1.436   6.435   0.31 12.62 ? 147 GLU B O   1 
ATOM   834  C CB  A GLU B 1 46 ? -6.838  2.552   3.626   0.69 13.90 ? 147 GLU B CB  1 
ATOM   835  C CB  B GLU B 1 46 ? -7.069  2.713   3.752   0.31 14.65 ? 147 GLU B CB  1 
ATOM   836  C CG  A GLU B 1 46 ? -5.344  2.266   3.351   0.69 13.25 ? 147 GLU B CG  1 
ATOM   837  C CG  B GLU B 1 46 ? -5.659  2.902   4.240   0.31 11.14 ? 147 GLU B CG  1 
ATOM   838  C CD  A GLU B 1 46 ? -4.507  3.515   3.091   0.69 12.55 ? 147 GLU B CD  1 
ATOM   839  C CD  B GLU B 1 46 ? -5.068  4.219   3.793   0.31 14.62 ? 147 GLU B CD  1 
ATOM   840  O OE1 A GLU B 1 46 ? -4.862  4.605   3.597   0.69 13.13 ? 147 GLU B OE1 1 
ATOM   841  O OE1 B GLU B 1 46 ? -4.567  4.295   2.654   0.31 15.61 ? 147 GLU B OE1 1 
ATOM   842  O OE2 A GLU B 1 46 ? -3.479  3.398   2.386   0.69 12.09 ? 147 GLU B OE2 1 
ATOM   843  O OE2 B GLU B 1 46 ? -5.109  5.182   4.578   0.31 19.27 ? 147 GLU B OE2 1 
ATOM   844  N N   . GLY B 1 47 ? -6.376  0.078   5.697   1.00 11.48 ? 148 GLY B N   1 
ATOM   845  C CA  . GLY B 1 47 ? -6.046  -0.373  7.033   1.00 12.65 ? 148 GLY B CA  1 
ATOM   846  C C   . GLY B 1 47 ? -4.598  -0.792  7.143   1.00 11.37 ? 148 GLY B C   1 
ATOM   847  O O   . GLY B 1 47 ? -3.879  -0.887  6.144   1.00 12.76 ? 148 GLY B O   1 
ATOM   848  N N   . VAL B 1 48 ? -4.174  -1.037  8.378   1.00 11.49 ? 149 VAL B N   1 
ATOM   849  C CA  . VAL B 1 48 ? -2.821  -1.478  8.690   1.00 11.85 ? 149 VAL B CA  1 
ATOM   850  C C   . VAL B 1 48 ? -2.895  -2.909  9.194   1.00 11.50 ? 149 VAL B C   1 
ATOM   851  O O   . VAL B 1 48 ? -3.670  -3.219  10.115  1.00 12.26 ? 149 VAL B O   1 
ATOM   852  C CB  . VAL B 1 48 ? -2.157  -0.574  9.742   1.00 15.27 ? 149 VAL B CB  1 
ATOM   853  C CG1 . VAL B 1 48 ? -0.685  -0.953  9.898   1.00 17.92 ? 149 VAL B CG1 1 
ATOM   854  C CG2 . VAL B 1 48 ? -2.325  0.900   9.389   1.00 15.51 ? 149 VAL B CG2 1 
ATOM   855  N N   . LEU B 1 49 ? -2.085  -3.779  8.607   1.00 11.27 ? 150 LEU B N   1 
ATOM   856  C CA  . LEU B 1 49 ? -2.089  -5.201  8.926   1.00 12.40 ? 150 LEU B CA  1 
ATOM   857  C C   . LEU B 1 49 ? -0.658  -5.694  8.835   1.00 13.25 ? 150 LEU B C   1 
ATOM   858  O O   . LEU B 1 49 ? -0.038  -5.588  7.772   1.00 13.62 ? 150 LEU B O   1 
ATOM   859  C CB  . LEU B 1 49 ? -2.962  -5.960  7.925   1.00 12.86 ? 150 LEU B CB  1 
ATOM   860  C CG  . LEU B 1 49 ? -3.015  -7.483  8.073   1.00 12.51 ? 150 LEU B CG  1 
ATOM   861  C CD1 . LEU B 1 49 ? -3.515  -7.925  9.448   1.00 14.35 ? 150 LEU B CD1 1 
ATOM   862  C CD2 . LEU B 1 49 ? -3.884  -8.058  6.978   1.00 13.17 ? 150 LEU B CD2 1 
ATOM   863  N N   . ASN B 1 50 ? -0.138  -6.216  9.947   1.00 15.34 ? 151 ASN B N   1 
ATOM   864  C CA  . ASN B 1 50 ? 1.209   -6.783  10.010  1.00 18.41 ? 151 ASN B CA  1 
ATOM   865  C C   . ASN B 1 50 ? 2.253   -5.845  9.399   1.00 17.37 ? 151 ASN B C   1 
ATOM   866  O O   . ASN B 1 50 ? 3.114   -6.251  8.616   1.00 19.34 ? 151 ASN B O   1 
ATOM   867  C CB  . ASN B 1 50 ? 1.250   -8.184  9.401   1.00 18.00 ? 151 ASN B CB  1 
ATOM   868  C CG  . ASN B 1 50 ? 0.386   -9.167  10.170  1.00 24.27 ? 151 ASN B CG  1 
ATOM   869  O OD1 . ASN B 1 50 ? 0.403   -9.190  11.400  1.00 25.98 ? 151 ASN B OD1 1 
ATOM   870  N ND2 . ASN B 1 50 ? -0.402  -9.955  9.450   1.00 21.68 ? 151 ASN B ND2 1 
ATOM   871  N N   . GLY B 1 51 ? 2.167   -4.574  9.780   1.00 16.74 ? 152 GLY B N   1 
ATOM   872  C CA  . GLY B 1 51 ? 3.158   -3.588  9.391   1.00 19.32 ? 152 GLY B CA  1 
ATOM   873  C C   . GLY B 1 51 ? 3.021   -3.015  7.997   1.00 21.75 ? 152 GLY B C   1 
ATOM   874  O O   . GLY B 1 51 ? 3.920   -2.291  7.560   1.00 23.37 ? 152 GLY B O   1 
ATOM   875  N N   . LYS B 1 52 ? 1.941   -3.313  7.284   1.00 14.12 ? 153 LYS B N   1 
ATOM   876  C CA  . LYS B 1 52 ? 1.681   -2.765  5.960   1.00 14.03 ? 153 LYS B CA  1 
ATOM   877  C C   . LYS B 1 52 ? 0.353   -2.028  5.966   1.00 14.01 ? 153 LYS B C   1 
ATOM   878  O O   . LYS B 1 52 ? -0.595  -2.442  6.642   1.00 13.25 ? 153 LYS B O   1 
ATOM   879  C CB  . LYS B 1 52 ? 1.578   -3.878  4.913   1.00 14.61 ? 153 LYS B CB  1 
ATOM   880  C CG  . LYS B 1 52 ? 2.877   -4.637  4.702   1.00 16.02 ? 153 LYS B CG  1 
ATOM   881  C CD  . LYS B 1 52 ? 2.711   -5.750  3.694   1.00 19.02 ? 153 LYS B CD  1 
ATOM   882  C CE  . LYS B 1 52 ? 4.020   -6.511  3.532   1.00 22.62 ? 153 LYS B CE  1 
ATOM   883  N NZ  . LYS B 1 52 ? 3.851   -7.669  2.609   1.00 21.67 ? 153 LYS B NZ  1 
ATOM   884  N N   . THR B 1 53 ? 0.277   -0.947  5.199   1.00 12.65 ? 154 THR B N   1 
ATOM   885  C CA  . THR B 1 53 ? -0.932  -0.142  5.061   1.00 12.68 ? 154 THR B CA  1 
ATOM   886  C C   . THR B 1 53 ? -1.461  -0.290  3.647   1.00 12.42 ? 154 THR B C   1 
ATOM   887  O O   . THR B 1 53 ? -0.714  -0.100  2.677   1.00 12.56 ? 154 THR B O   1 
ATOM   888  C CB  . THR B 1 53 ? -0.638  1.328   5.372   1.00 14.45 ? 154 THR B CB  1 
ATOM   889  O OG1 . THR B 1 53 ? -0.077  1.422   6.685   1.00 15.58 ? 154 THR B OG1 1 
ATOM   890  C CG2 . THR B 1 53 ? -1.913  2.165   5.304   1.00 15.89 ? 154 THR B CG2 1 
ATOM   891  N N   . GLY B 1 54 ? -2.735  -0.643  3.513   1.00 12.56 ? 155 GLY B N   1 
ATOM   892  C CA  . GLY B 1 54 ? -3.256  -0.778  2.168   1.00 12.43 ? 155 GLY B CA  1 
ATOM   893  C C   . GLY B 1 54 ? -4.750  -0.993  2.128   1.00 11.57 ? 155 GLY B C   1 
ATOM   894  O O   . GLY B 1 54 ? -5.438  -1.037  3.156   1.00 12.15 ? 155 GLY B O   1 
ATOM   895  N N   . MET B 1 55 ? -5.230  -1.144  0.900   1.00 11.38 ? 156 MET B N   1 
ATOM   896  C CA  A MET B 1 55 ? -6.652  -1.218  0.626   0.46 13.25 ? 156 MET B CA  1 
ATOM   897  C CA  B MET B 1 55 ? -6.651  -1.223  0.593   0.54 13.29 ? 156 MET B CA  1 
ATOM   898  C C   . MET B 1 55 ? -7.158  -2.646  0.751   1.00 13.09 ? 156 MET B C   1 
ATOM   899  O O   . MET B 1 55 ? -6.447  -3.613  0.464   1.00 12.46 ? 156 MET B O   1 
ATOM   900  C CB  A MET B 1 55 ? -6.922  -0.689  -0.780  0.46 12.99 ? 156 MET B CB  1 
ATOM   901  C CB  B MET B 1 55 ? -6.877  -0.818  -0.864  0.54 12.73 ? 156 MET B CB  1 
ATOM   902  C CG  A MET B 1 55 ? -6.392  0.734   -0.987  0.46 14.53 ? 156 MET B CG  1 
ATOM   903  C CG  B MET B 1 55 ? -6.338  0.561   -1.232  0.54 14.40 ? 156 MET B CG  1 
ATOM   904  S SD  A MET B 1 55 ? -7.219  1.872   0.133   0.46 12.37 ? 156 MET B SD  1 
ATOM   905  S SD  B MET B 1 55 ? -7.284  1.817   -0.371  0.54 13.68 ? 156 MET B SD  1 
ATOM   906  C CE  A MET B 1 55 ? -8.899  1.368   -0.238  0.46 15.57 ? 156 MET B CE  1 
ATOM   907  C CE  B MET B 1 55 ? -6.333  3.296   -0.688  0.54 15.40 ? 156 MET B CE  1 
ATOM   908  N N   . PHE B 1 56 ? -8.411  -2.766  1.186   1.00 11.54 ? 157 PHE B N   1 
ATOM   909  C CA  . PHE B 1 56 ? -8.998  -4.089  1.321   1.00 11.96 ? 157 PHE B CA  1 
ATOM   910  C C   . PHE B 1 56 ? -10.502 -4.001  1.155   1.00 12.03 ? 157 PHE B C   1 
ATOM   911  O O   . PHE B 1 56 ? -11.104 -2.957  1.444   1.00 11.72 ? 157 PHE B O   1 
ATOM   912  C CB  . PHE B 1 56 ? -8.635  -4.762  2.652   1.00 11.46 ? 157 PHE B CB  1 
ATOM   913  C CG  . PHE B 1 56 ? -9.159  -4.054  3.859   1.00 11.32 ? 157 PHE B CG  1 
ATOM   914  C CD1 . PHE B 1 56 ? -10.367 -4.439  4.440   1.00 11.63 ? 157 PHE B CD1 1 
ATOM   915  C CD2 . PHE B 1 56 ? -8.439  -3.008  4.436   1.00 12.87 ? 157 PHE B CD2 1 
ATOM   916  C CE1 . PHE B 1 56 ? -10.839 -3.794  5.566   1.00 12.81 ? 157 PHE B CE1 1 
ATOM   917  C CE2 . PHE B 1 56 ? -8.916  -2.352  5.552   1.00 13.52 ? 157 PHE B CE2 1 
ATOM   918  C CZ  . PHE B 1 56 ? -10.111 -2.750  6.129   1.00 12.97 ? 157 PHE B CZ  1 
ATOM   919  N N   . PRO B 1 57 ? -11.138 -5.078  0.696   1.00 11.01 ? 158 PRO B N   1 
ATOM   920  C CA  . PRO B 1 57 ? -12.592 -5.032  0.469   1.00 12.16 ? 158 PRO B CA  1 
ATOM   921  C C   . PRO B 1 57 ? -13.353 -5.110  1.788   1.00 11.79 ? 158 PRO B C   1 
ATOM   922  O O   . PRO B 1 57 ? -13.201 -6.062  2.557   1.00 12.30 ? 158 PRO B O   1 
ATOM   923  C CB  . PRO B 1 57 ? -12.852 -6.263  -0.406  1.00 12.87 ? 158 PRO B CB  1 
ATOM   924  C CG  . PRO B 1 57 ? -11.720 -7.205  -0.074  1.00 13.21 ? 158 PRO B CG  1 
ATOM   925  C CD  . PRO B 1 57 ? -10.521 -6.317  0.180   1.00 12.16 ? 158 PRO B CD  1 
ATOM   926  N N   . SER B 1 58 ? -14.176 -4.092  2.054   1.00 12.06 ? 159 SER B N   1 
ATOM   927  C CA  . SER B 1 58 ? -14.835 -3.993  3.350   1.00 11.91 ? 159 SER B CA  1 
ATOM   928  C C   . SER B 1 58 ? -15.929 -5.032  3.534   1.00 12.98 ? 159 SER B C   1 
ATOM   929  O O   . SER B 1 58 ? -16.326 -5.297  4.675   1.00 14.46 ? 159 SER B O   1 
ATOM   930  C CB  . SER B 1 58 ? -15.410 -2.592  3.555   1.00 12.89 ? 159 SER B CB  1 
ATOM   931  O OG  . SER B 1 58 ? -16.327 -2.280  2.518   1.00 15.24 ? 159 SER B OG  1 
ATOM   932  N N   . ASN B 1 59 ? -16.425 -5.623  2.452   1.00 11.24 ? 160 ASN B N   1 
ATOM   933  C CA  . ASN B 1 59 ? -17.399 -6.697  2.587   1.00 13.32 ? 160 ASN B CA  1 
ATOM   934  C C   . ASN B 1 59 ? -16.763 -8.038  2.934   1.00 13.52 ? 160 ASN B C   1 
ATOM   935  O O   . ASN B 1 59 ? -17.483 -9.035  3.073   1.00 14.20 ? 160 ASN B O   1 
ATOM   936  C CB  . ASN B 1 59 ? -18.326 -6.775  1.361   1.00 14.86 ? 160 ASN B CB  1 
ATOM   937  C CG  . ASN B 1 59 ? -17.580 -6.912  0.038   1.00 13.37 ? 160 ASN B CG  1 
ATOM   938  O OD1 . ASN B 1 59 ? -16.382 -6.645  -0.062  1.00 13.30 ? 160 ASN B OD1 1 
ATOM   939  N ND2 . ASN B 1 59 ? -18.300 -7.329  -0.997  1.00 16.53 ? 160 ASN B ND2 1 
ATOM   940  N N   . PHE B 1 60 ? -15.443 -8.096  3.097   1.00 11.56 ? 161 PHE B N   1 
ATOM   941  C CA  . PHE B 1 60 ? -14.776 -9.304  3.568   1.00 10.84 ? 161 PHE B CA  1 
ATOM   942  C C   . PHE B 1 60 ? -14.579 -9.300  5.081   1.00 12.11 ? 161 PHE B C   1 
ATOM   943  O O   . PHE B 1 60 ? -13.907 -10.192 5.612   1.00 12.58 ? 161 PHE B O   1 
ATOM   944  C CB  . PHE B 1 60 ? -13.422 -9.473  2.863   1.00 12.24 ? 161 PHE B CB  1 
ATOM   945  C CG  . PHE B 1 60 ? -13.520 -10.029 1.457   1.00 11.19 ? 161 PHE B CG  1 
ATOM   946  C CD1 . PHE B 1 60 ? -12.717 -11.090 1.063   1.00 11.89 ? 161 PHE B CD1 1 
ATOM   947  C CD2 . PHE B 1 60 ? -14.397 -9.489  0.536   1.00 12.66 ? 161 PHE B CD2 1 
ATOM   948  C CE1 . PHE B 1 60 ? -12.794 -11.604 -0.224  1.00 13.07 ? 161 PHE B CE1 1 
ATOM   949  C CE2 . PHE B 1 60 ? -14.483 -9.994  -0.748  1.00 13.03 ? 161 PHE B CE2 1 
ATOM   950  C CZ  . PHE B 1 60 ? -13.676 -11.061 -1.128  1.00 15.02 ? 161 PHE B CZ  1 
ATOM   951  N N   . ILE B 1 61 ? -15.162 -8.323  5.779   1.00 12.09 ? 162 ILE B N   1 
ATOM   952  C CA  . ILE B 1 61 ? -14.977 -8.112  7.211   1.00 12.85 ? 162 ILE B CA  1 
ATOM   953  C C   . ILE B 1 61 ? -16.163 -8.674  7.991   1.00 12.98 ? 162 ILE B C   1 
ATOM   954  O O   . ILE B 1 61 ? -17.314 -8.621  7.542   1.00 14.15 ? 162 ILE B O   1 
ATOM   955  C CB  . ILE B 1 61 ? -14.790 -6.599  7.472   1.00 13.17 ? 162 ILE B CB  1 
ATOM   956  C CG1 . ILE B 1 61 ? -13.548 -6.094  6.719   1.00 12.77 ? 162 ILE B CG1 1 
ATOM   957  C CG2 . ILE B 1 61 ? -14.693 -6.295  8.958   1.00 15.66 ? 162 ILE B CG2 1 
ATOM   958  C CD1 . ILE B 1 61 ? -12.307 -6.902  7.004   1.00 14.43 ? 162 ILE B CD1 1 
ATOM   959  N N   . LYS B 1 62 ? -15.871 -9.198  9.179   1.00 12.23 ? 163 LYS B N   1 
ATOM   960  C CA  . LYS B 1 62 ? -16.903 -9.707  10.080  1.00 14.09 ? 163 LYS B CA  1 
ATOM   961  C C   . LYS B 1 62 ? -17.828 -8.594  10.570  1.00 13.85 ? 163 LYS B C   1 
ATOM   962  O O   . LYS B 1 62 ? -17.372 -7.561  11.065  1.00 14.75 ? 163 LYS B O   1 
ATOM   963  C CB  . LYS B 1 62 ? -16.239 -10.367 11.288  1.00 13.94 ? 163 LYS B CB  1 
ATOM   964  C CG  . LYS B 1 62 ? -17.221 -10.699 12.435  1.00 15.57 ? 163 LYS B CG  1 
ATOM   965  C CD  . LYS B 1 62 ? -16.493 -11.173 13.685  1.00 17.17 ? 163 LYS B CD  1 
ATOM   966  C CE  . LYS B 1 62 ? -17.447 -11.404 14.861  1.00 17.83 ? 163 LYS B CE  1 
ATOM   967  N NZ  . LYS B 1 62 ? -16.731 -11.921 16.066  1.00 19.81 ? 163 LYS B NZ  1 
ATOM   968  N N   . GLU B 1 63 ? -19.135 -8.809  10.435  1.00 15.19 ? 164 GLU B N   1 
ATOM   969  C CA  . GLU B 1 63 ? -20.125 -7.952  11.075  1.00 15.50 ? 164 GLU B CA  1 
ATOM   970  C C   . GLU B 1 63 ? -20.339 -8.451  12.499  1.00 13.49 ? 164 GLU B C   1 
ATOM   971  O O   . GLU B 1 63 ? -20.513 -9.652  12.720  1.00 15.36 ? 164 GLU B O   1 
ATOM   972  C CB  . GLU B 1 63 ? -21.434 -7.999  10.285  1.00 17.72 ? 164 GLU B CB  1 
ATOM   973  C CG  . GLU B 1 63 ? -22.543 -7.127  10.818  1.00 20.96 ? 164 GLU B CG  1 
ATOM   974  C CD  . GLU B 1 63 ? -23.834 -7.343  10.049  1.00 33.28 ? 164 GLU B CD  1 
ATOM   975  O OE1 . GLU B 1 63 ? -24.908 -7.390  10.676  1.00 32.32 ? 164 GLU B OE1 1 
ATOM   976  O OE2 . GLU B 1 63 ? -23.767 -7.485  8.810   1.00 35.51 ? 164 GLU B OE2 1 
ATOM   977  N N   . LEU B 1 64 ? -20.288 -7.539  13.467  1.00 13.50 ? 165 LEU B N   1 
ATOM   978  C CA  . LEU B 1 64 ? -20.500 -7.925  14.853  1.00 14.11 ? 165 LEU B CA  1 
ATOM   979  C C   . LEU B 1 64 ? -21.985 -8.192  15.112  1.00 18.16 ? 165 LEU B C   1 
ATOM   980  O O   . LEU B 1 64 ? -22.860 -7.784  14.340  1.00 23.11 ? 165 LEU B O   1 
ATOM   981  C CB  . LEU B 1 64 ? -19.961 -6.842  15.797  1.00 13.15 ? 165 LEU B CB  1 
ATOM   982  C CG  . LEU B 1 64 ? -18.549 -6.328  15.477  1.00 14.76 ? 165 LEU B CG  1 
ATOM   983  C CD1 . LEU B 1 64 ? -18.078 -5.310  16.518  1.00 16.23 ? 165 LEU B CD1 1 
ATOM   984  C CD2 . LEU B 1 64 ? -17.534 -7.471  15.350  1.00 17.32 ? 165 LEU B CD2 1 
ATOM   985  N N   . SER B 1 65 ? -22.265 -8.896  16.205  0.70 19.39 ? 166 SER B N   1 
ATOM   986  C CA  A SER B 1 65 ? -23.645 -9.188  16.569  0.74 27.06 ? 166 SER B CA  1 
ATOM   987  C CA  B SER B 1 65 ? -23.647 -9.188  16.555  0.26 26.94 ? 166 SER B CA  1 
ATOM   988  C C   . SER B 1 65 ? -24.424 -7.897  16.801  0.52 17.15 ? 166 SER B C   1 
ATOM   989  O O   . SER B 1 65 ? -23.874 -6.882  17.238  0.71 19.48 ? 166 SER B O   1 
ATOM   990  C CB  A SER B 1 65 ? -23.689 -10.043 17.835  0.74 28.31 ? 166 SER B CB  1 
ATOM   991  C CB  B SER B 1 65 ? -23.708 -10.080 17.797  0.26 28.25 ? 166 SER B CB  1 
ATOM   992  O OG  A SER B 1 65 ? -22.957 -11.243 17.665  0.74 31.38 ? 166 SER B OG  1 
ATOM   993  O OG  B SER B 1 65 ? -22.487 -10.766 17.998  0.26 27.57 ? 166 SER B OG  1 
ATOM   994  N N   A GLY B 1 66 ? -25.716 -7.947  16.499  0.50 28.34 ? 167 GLY B N   1 
ATOM   995  N N   B GLY B 1 66 ? -25.717 -7.940  16.508  0.50 28.36 ? 167 GLY B N   1 
ATOM   996  C CA  A GLY B 1 66 ? -26.607 -6.821  16.711  0.50 23.72 ? 167 GLY B CA  1 
ATOM   997  C CA  B GLY B 1 66 ? -26.570 -6.779  16.686  0.50 23.62 ? 167 GLY B CA  1 
ATOM   998  C C   A GLY B 1 66 ? -27.972 -7.291  17.176  0.50 27.85 ? 167 GLY B C   1 
ATOM   999  C C   B GLY B 1 66 ? -27.951 -7.135  17.194  0.50 28.22 ? 167 GLY B C   1 
ATOM   1000 O O   A GLY B 1 66 ? -28.232 -8.495  17.251  0.50 26.70 ? 167 GLY B O   1 
ATOM   1001 O O   B GLY B 1 66 ? -28.923 -6.447  16.887  0.50 30.19 ? 167 GLY B O   1 
ATOM   1002 N N   . ARG C 2 1  ? -3.549  4.248   -11.534 1.00 19.94 ? 159 ARG C N   1 
ATOM   1003 C CA  . ARG C 2 1  ? -2.343  3.866   -10.803 1.00 16.47 ? 159 ARG C CA  1 
ATOM   1004 C C   . ARG C 2 1  ? -1.196  3.586   -11.777 0.77 13.74 ? 159 ARG C C   1 
ATOM   1005 O O   . ARG C 2 1  ? -1.419  3.049   -12.860 0.87 16.29 ? 159 ARG C O   1 
ATOM   1006 C CB  . ARG C 2 1  ? -2.610  2.626   -9.931  1.00 14.53 ? 159 ARG C CB  1 
ATOM   1007 C CG  . ARG C 2 1  ? -3.646  2.803   -8.791  1.00 16.39 ? 159 ARG C CG  1 
ATOM   1008 C CD  . ARG C 2 1  ? -3.498  1.715   -7.704  1.00 17.56 ? 159 ARG C CD  1 
ATOM   1009 N NE  . ARG C 2 1  ? -2.085  1.570   -7.372  1.00 15.32 ? 159 ARG C NE  1 
ATOM   1010 C CZ  . ARG C 2 1  ? -1.457  2.288   -6.448  1.00 16.28 ? 159 ARG C CZ  1 
ATOM   1011 N NH1 . ARG C 2 1  ? -0.155  2.144   -6.284  1.00 18.48 ? 159 ARG C NH1 1 
ATOM   1012 N NH2 . ARG C 2 1  ? -2.131  3.146   -5.685  1.00 15.42 ? 159 ARG C NH2 1 
ATOM   1013 N N   . PRO C 2 2  ? 0.032   3.926   -11.393 1.00 14.44 ? 160 PRO C N   1 
ATOM   1014 C CA  . PRO C 2 2  ? 1.185   3.581   -12.233 1.00 17.18 ? 160 PRO C CA  1 
ATOM   1015 C C   . PRO C 2 2  ? 1.487   2.090   -12.158 1.00 15.26 ? 160 PRO C C   1 
ATOM   1016 O O   . PRO C 2 2  ? 1.049   1.380   -11.255 1.00 15.49 ? 160 PRO C O   1 
ATOM   1017 C CB  . PRO C 2 2  ? 2.324   4.400   -11.622 1.00 19.24 ? 160 PRO C CB  1 
ATOM   1018 C CG  . PRO C 2 2  ? 1.934   4.546   -10.184 1.00 20.04 ? 160 PRO C CG  1 
ATOM   1019 C CD  . PRO C 2 2  ? 0.430   4.649   -10.171 1.00 16.89 ? 160 PRO C CD  1 
ATOM   1020 N N   . VAL C 2 3  ? 2.246   1.614   -13.136 1.00 15.02 ? 161 VAL C N   1 
ATOM   1021 C CA  . VAL C 2 3  ? 2.601   0.202   -13.256 1.00 16.40 ? 161 VAL C CA  1 
ATOM   1022 C C   . VAL C 2 3  ? 4.099   0.063   -13.006 1.00 16.12 ? 161 VAL C C   1 
ATOM   1023 O O   . VAL C 2 3  ? 4.899   0.690   -13.717 1.00 16.19 ? 161 VAL C O   1 
ATOM   1024 C CB  . VAL C 2 3  ? 2.229   -0.359  -14.640 1.00 19.21 ? 161 VAL C CB  1 
ATOM   1025 C CG1 . VAL C 2 3  ? 2.698   -1.804  -14.769 1.00 22.80 ? 161 VAL C CG1 1 
ATOM   1026 C CG2 . VAL C 2 3  ? 0.729   -0.257  -14.879 1.00 18.87 ? 161 VAL C CG2 1 
ATOM   1027 N N   . PRO C 2 4  ? 4.526   -0.742  -12.037 1.00 14.14 ? 162 PRO C N   1 
ATOM   1028 C CA  . PRO C 2 4  ? 5.962   -0.957  -11.837 1.00 16.75 ? 162 PRO C CA  1 
ATOM   1029 C C   . PRO C 2 4  ? 6.581   -1.691  -13.014 1.00 15.31 ? 162 PRO C C   1 
ATOM   1030 O O   . PRO C 2 4  ? 5.964   -2.567  -13.625 1.00 17.00 ? 162 PRO C O   1 
ATOM   1031 C CB  . PRO C 2 4  ? 6.025   -1.834  -10.579 1.00 17.21 ? 162 PRO C CB  1 
ATOM   1032 C CG  . PRO C 2 4  ? 4.669   -1.693  -9.925  1.00 18.60 ? 162 PRO C CG  1 
ATOM   1033 C CD  . PRO C 2 4  ? 3.707   -1.466  -11.054 1.00 14.73 ? 162 PRO C CD  1 
ATOM   1034 N N   . MET C 2 5  ? 7.822   -1.328  -13.316 1.00 14.10 ? 163 MET C N   1 
ATOM   1035 C CA  A MET C 2 5  ? 8.557   -2.040  -14.345 0.66 14.45 ? 163 MET C CA  1 
ATOM   1036 C CA  B MET C 2 5  ? 8.600   -2.021  -14.332 0.34 14.45 ? 163 MET C CA  1 
ATOM   1037 C C   . MET C 2 5  ? 9.060   -3.381  -13.811 1.00 16.09 ? 163 MET C C   1 
ATOM   1038 O O   . MET C 2 5  ? 9.195   -3.597  -12.605 1.00 15.16 ? 163 MET C O   1 
ATOM   1039 C CB  A MET C 2 5  ? 9.710   -1.182  -14.847 0.66 17.47 ? 163 MET C CB  1 
ATOM   1040 C CB  B MET C 2 5  ? 9.839   -1.201  -14.683 0.34 16.93 ? 163 MET C CB  1 
ATOM   1041 C CG  A MET C 2 5  ? 9.232   0.148   -15.391 0.66 19.36 ? 163 MET C CG  1 
ATOM   1042 C CG  B MET C 2 5  ? 9.548   0.052   -15.477 0.34 19.44 ? 163 MET C CG  1 
ATOM   1043 S SD  A MET C 2 5  ? 10.512  1.040   -16.274 0.66 22.69 ? 163 MET C SD  1 
ATOM   1044 S SD  B MET C 2 5  ? 9.288   -0.313  -17.218 0.34 24.75 ? 163 MET C SD  1 
ATOM   1045 C CE  A MET C 2 5  ? 10.961  -0.176  -17.510 0.66 29.28 ? 163 MET C CE  1 
ATOM   1046 C CE  B MET C 2 5  ? 10.770  0.390   -17.935 0.34 26.45 ? 163 MET C CE  1 
ATOM   1047 N N   . LYS C 2 6  ? 9.314   -4.305  -14.734 1.00 16.22 ? 164 LYS C N   1 
ATOM   1048 C CA  . LYS C 2 6  ? 9.867   -5.597  -14.342 1.00 16.62 ? 164 LYS C CA  1 
ATOM   1049 C C   . LYS C 2 6  ? 11.237  -5.416  -13.694 1.00 15.24 ? 164 LYS C C   1 
ATOM   1050 O O   . LYS C 2 6  ? 11.977  -4.476  -14.002 1.00 17.41 ? 164 LYS C O   1 
ATOM   1051 C CB  . LYS C 2 6  ? 9.994   -6.507  -15.569 1.00 20.01 ? 164 LYS C CB  1 
ATOM   1052 C CG  . LYS C 2 6  ? 8.724   -7.271  -15.907 1.00 37.06 ? 164 LYS C CG  1 
ATOM   1053 N N   . ARG C 2 7  ? 11.565  -6.328  -12.778 1.00 14.08 ? 165 ARG C N   1 
ATOM   1054 C CA  . ARG C 2 7  ? 12.817  -6.311  -12.031 1.00 15.94 ? 165 ARG C CA  1 
ATOM   1055 C C   . ARG C 2 7  ? 13.619  -7.578  -12.291 1.00 14.55 ? 165 ARG C C   1 
ATOM   1056 O O   . ARG C 2 7  ? 13.054  -8.675  -12.365 1.00 14.89 ? 165 ARG C O   1 
ATOM   1057 C CB  . ARG C 2 7  ? 12.567  -6.308  -10.516 1.00 17.08 ? 165 ARG C CB  1 
ATOM   1058 C CG  . ARG C 2 7  ? 12.047  -5.024  -9.955  1.00 15.14 ? 165 ARG C CG  1 
ATOM   1059 C CD  . ARG C 2 7  ? 12.192  -5.005  -8.455  1.00 14.19 ? 165 ARG C CD  1 
ATOM   1060 N NE  . ARG C 2 7  ? 13.585  -5.082  -8.037  1.00 11.86 ? 165 ARG C NE  1 
ATOM   1061 C CZ  . ARG C 2 7  ? 13.985  -5.492  -6.842  1.00 10.73 ? 165 ARG C CZ  1 
ATOM   1062 N NH1 . ARG C 2 7  ? 13.074  -5.829  -5.936  1.00 11.73 ? 165 ARG C NH1 1 
ATOM   1063 N NH2 . ARG C 2 7  ? 15.269  -5.548  -6.533  1.00 11.32 ? 165 ARG C NH2 1 
ATOM   1064 N N   . HIS C 2 8  ? 14.942  -7.418  -12.348 1.00 14.04 ? 166 HIS C N   1 
ATOM   1065 C CA  . HIS C 2 8  ? 15.902  -8.526  -12.350 1.00 12.48 ? 166 HIS C CA  1 
ATOM   1066 C C   . HIS C 2 8  ? 17.084  -8.310  -11.421 1.00 13.90 ? 166 HIS C C   1 
ATOM   1067 O O   . HIS C 2 8  ? 17.745  -9.289  -11.045 1.00 15.29 ? 166 HIS C O   1 
ATOM   1068 C CB  . HIS C 2 8  ? 16.470  -8.779  -13.757 1.00 15.07 ? 166 HIS C CB  1 
ATOM   1069 C CG  . HIS C 2 8  ? 15.438  -8.819  -14.832 1.00 15.69 ? 166 HIS C CG  1 
ATOM   1070 N ND1 . HIS C 2 8  ? 14.930  -7.678  -15.413 1.00 19.49 ? 166 HIS C ND1 1 
ATOM   1071 C CD2 . HIS C 2 8  ? 14.810  -9.860  -15.425 1.00 20.34 ? 166 HIS C CD2 1 
ATOM   1072 C CE1 . HIS C 2 8  ? 14.031  -8.016  -16.320 1.00 23.63 ? 166 HIS C CE1 1 
ATOM   1073 N NE2 . HIS C 2 8  ? 13.941  -9.334  -16.349 1.00 23.44 ? 166 HIS C NE2 1 
ATOM   1074 N N   . ILE C 2 9  ? 17.400  -7.073  -11.063 1.00 11.57 ? 167 ILE C N   1 
ATOM   1075 C CA  . ILE C 2 9  ? 18.664  -6.714  -10.448 1.00 12.44 ? 167 ILE C CA  1 
ATOM   1076 C C   . ILE C 2 9  ? 18.431  -6.389  -8.980  1.00 10.97 ? 167 ILE C C   1 
ATOM   1077 O O   . ILE C 2 9  ? 17.451  -5.722  -8.619  1.00 12.08 ? 167 ILE C O   1 
ATOM   1078 C CB  . ILE C 2 9  ? 19.309  -5.530  -11.197 1.00 12.51 ? 167 ILE C CB  1 
ATOM   1079 C CG1 . ILE C 2 9  ? 19.540  -5.903  -12.669 1.00 13.62 ? 167 ILE C CG1 1 
ATOM   1080 C CG2 . ILE C 2 9  ? 20.608  -5.125  -10.541 1.00 14.13 ? 167 ILE C CG2 1 
ATOM   1081 C CD1 . ILE C 2 9  ? 20.136  -4.783  -13.505 1.00 15.08 ? 167 ILE C CD1 1 
ATOM   1082 N N   . PHE C 2 10 ? 19.333  -6.873  -8.136  1.00 11.27 ? 168 PHE C N   1 
ATOM   1083 C CA  . PHE C 2 10 ? 19.246  -6.678  -6.698  1.00 11.44 ? 168 PHE C CA  1 
ATOM   1084 C C   . PHE C 2 10 ? 20.645  -6.446  -6.141  1.00 14.01 ? 168 PHE C C   1 
ATOM   1085 O O   . PHE C 2 10 ? 21.650  -6.779  -6.773  1.00 13.53 ? 168 PHE C O   1 
ATOM   1086 C CB  . PHE C 2 10 ? 18.587  -7.894  -6.025  1.00 13.82 ? 168 PHE C CB  1 
ATOM   1087 C CG  . PHE C 2 10 ? 19.187  -9.223  -6.432  1.00 12.53 ? 168 PHE C CG  1 
ATOM   1088 C CD1 . PHE C 2 10 ? 20.244  -9.760  -5.723  1.00 13.25 ? 168 PHE C CD1 1 
ATOM   1089 C CD2 . PHE C 2 10 ? 18.700  -9.923  -7.533  1.00 12.58 ? 168 PHE C CD2 1 
ATOM   1090 C CE1 . PHE C 2 10 ? 20.803  -10.981 -6.094  1.00 15.56 ? 168 PHE C CE1 1 
ATOM   1091 C CE2 . PHE C 2 10 ? 19.247  -11.158 -7.899  1.00 12.69 ? 168 PHE C CE2 1 
ATOM   1092 C CZ  . PHE C 2 10 ? 20.298  -11.668 -7.184  1.00 14.45 ? 168 PHE C CZ  1 
ATOM   1093 N N   . ARG C 2 11 ? 20.711  -5.856  -4.951  1.00 14.70 ? 169 ARG C N   1 
ATOM   1094 C CA  . ARG C 2 11 ? 21.987  -5.641  -4.284  1.00 14.93 ? 169 ARG C CA  1 
ATOM   1095 C C   . ARG C 2 11 ? 22.577  -6.960  -3.832  1.00 16.92 ? 169 ARG C C   1 
ATOM   1096 O O   . ARG C 2 11 ? 23.794  -7.172  -3.935  1.00 18.88 ? 169 ARG C O   1 
ATOM   1097 C CB  . ARG C 2 11 ? 21.817  -4.739  -3.062  1.00 16.50 ? 169 ARG C CB  1 
ATOM   1098 C CG  . ARG C 2 11 ? 21.451  -3.335  -3.404  1.00 18.22 ? 169 ARG C CG  1 
ATOM   1099 C CD  . ARG C 2 11 ? 22.527  -2.680  -4.227  1.00 17.01 ? 169 ARG C CD  1 
ATOM   1100 N NE  . ARG C 2 11 ? 22.290  -1.245  -4.260  1.00 17.06 ? 169 ARG C NE  1 
ATOM   1101 C CZ  . ARG C 2 11 ? 22.679  -0.432  -5.229  1.00 19.06 ? 169 ARG C CZ  1 
ATOM   1102 N NH1 . ARG C 2 11 ? 23.338  -0.901  -6.279  1.00 19.37 ? 169 ARG C NH1 1 
ATOM   1103 N NH2 . ARG C 2 11 ? 22.387  0.857   -5.143  1.00 18.26 ? 169 ARG C NH2 1 
ATOM   1104 O OXT . ARG C 2 11 ? 21.834  -7.815  -3.347  1.00 16.52 ? 169 ARG C OXT 1 
ATOM   1105 N N   . ARG D 2 1  ? -18.348 -16.700 -0.362  0.58 19.76 ? 133 ARG D N   1 
ATOM   1106 C CA  . ARG D 2 1  ? -17.378 -15.625 -0.557  1.00 19.49 ? 133 ARG D CA  1 
ATOM   1107 C C   . ARG D 2 1  ? -18.015 -14.403 -1.208  1.00 19.49 ? 133 ARG D C   1 
ATOM   1108 O O   . ARG D 2 1  ? -18.618 -14.494 -2.279  1.00 23.02 ? 133 ARG D O   1 
ATOM   1109 C CB  . ARG D 2 1  ? -16.208 -16.128 -1.407  1.00 20.19 ? 133 ARG D CB  1 
ATOM   1110 C CG  . ARG D 2 1  ? -15.013 -15.175 -1.508  1.00 22.74 ? 133 ARG D CG  1 
ATOM   1111 C CD  . ARG D 2 1  ? -13.973 -15.760 -2.457  1.00 23.52 ? 133 ARG D CD  1 
ATOM   1112 N NE  . ARG D 2 1  ? -12.737 -14.981 -2.532  1.00 26.03 ? 133 ARG D NE  1 
ATOM   1113 C CZ  . ARG D 2 1  ? -12.554 -13.934 -3.334  0.72 19.76 ? 133 ARG D CZ  1 
ATOM   1114 N NH1 . ARG D 2 1  ? -13.533 -13.514 -4.123  1.00 23.28 ? 133 ARG D NH1 1 
ATOM   1115 N NH2 . ARG D 2 1  ? -11.390 -13.297 -3.338  1.00 25.33 ? 133 ARG D NH2 1 
ATOM   1116 N N   . PRO D 2 2  ? -17.890 -13.249 -0.563  1.00 19.75 ? 134 PRO D N   1 
ATOM   1117 C CA  . PRO D 2 2  ? -18.413 -12.018 -1.158  1.00 19.93 ? 134 PRO D CA  1 
ATOM   1118 C C   . PRO D 2 2  ? -17.616 -11.630 -2.392  1.00 16.94 ? 134 PRO D C   1 
ATOM   1119 O O   . PRO D 2 2  ? -16.506 -12.109 -2.632  1.00 16.89 ? 134 PRO D O   1 
ATOM   1120 C CB  . PRO D 2 2  ? -18.241 -10.979 -0.043  1.00 19.53 ? 134 PRO D CB  1 
ATOM   1121 C CG  . PRO D 2 2  ? -18.013 -11.789 1.221   1.00 23.42 ? 134 PRO D CG  1 
ATOM   1122 C CD  . PRO D 2 2  ? -17.302 -13.019 0.766   1.00 20.91 ? 134 PRO D CD  1 
ATOM   1123 N N   . VAL D 2 3  ? -18.208 -10.752 -3.188  1.00 16.72 ? 135 VAL D N   1 
ATOM   1124 C CA  . VAL D 2 3  ? -17.607 -10.284 -4.432  1.00 17.19 ? 135 VAL D CA  1 
ATOM   1125 C C   . VAL D 2 3  ? -17.009 -8.902  -4.174  1.00 14.00 ? 135 VAL D C   1 
ATOM   1126 O O   . VAL D 2 3  ? -17.747 -7.992  -3.777  1.00 16.02 ? 135 VAL D O   1 
ATOM   1127 C CB  . VAL D 2 3  ? -18.641 -10.240 -5.565  1.00 22.95 ? 135 VAL D CB  1 
ATOM   1128 C CG1 . VAL D 2 3  ? -18.043 -9.604  -6.805  1.00 22.47 ? 135 VAL D CG1 1 
ATOM   1129 C CG2 . VAL D 2 3  ? -19.140 -11.649 -5.870  1.00 27.11 ? 135 VAL D CG2 1 
ATOM   1130 N N   . PRO D 2 4  ? -15.710 -8.705  -4.372  1.00 14.46 ? 136 PRO D N   1 
ATOM   1131 C CA  . PRO D 2 4  ? -15.155 -7.353  -4.209  1.00 16.83 ? 136 PRO D CA  1 
ATOM   1132 C C   . PRO D 2 4  ? -15.792 -6.375  -5.185  1.00 18.01 ? 136 PRO D C   1 
ATOM   1133 O O   . PRO D 2 4  ? -16.037 -6.698  -6.350  1.00 19.82 ? 136 PRO D O   1 
ATOM   1134 C CB  . PRO D 2 4  ? -13.663 -7.541  -4.509  1.00 18.37 ? 136 PRO D CB  1 
ATOM   1135 C CG  . PRO D 2 4  ? -13.408 -8.998  -4.309  1.00 18.73 ? 136 PRO D CG  1 
ATOM   1136 C CD  . PRO D 2 4  ? -14.676 -9.693  -4.710  1.00 17.54 ? 136 PRO D CD  1 
ATOM   1137 N N   . MET D 2 5  ? -16.071 -5.172  -4.697  1.00 13.93 ? 137 MET D N   1 
ATOM   1138 C CA  A MET D 2 5  ? -16.610 -4.145  -5.570  0.73 15.95 ? 137 MET D CA  1 
ATOM   1139 C CA  B MET D 2 5  ? -16.604 -4.115  -5.542  0.27 15.97 ? 137 MET D CA  1 
ATOM   1140 C C   . MET D 2 5  ? -15.514 -3.557  -6.455  1.00 15.93 ? 137 MET D C   1 
ATOM   1141 O O   . MET D 2 5  ? -14.315 -3.679  -6.185  1.00 15.52 ? 137 MET D O   1 
ATOM   1142 C CB  A MET D 2 5  ? -17.275 -3.055  -4.742  0.73 16.77 ? 137 MET D CB  1 
ATOM   1143 C CB  B MET D 2 5  ? -17.156 -2.978  -4.682  0.27 16.63 ? 137 MET D CB  1 
ATOM   1144 C CG  A MET D 2 5  ? -18.272 -3.632  -3.752  0.73 17.66 ? 137 MET D CG  1 
ATOM   1145 C CG  B MET D 2 5  ? -18.445 -3.317  -3.957  0.27 17.38 ? 137 MET D CG  1 
ATOM   1146 S SD  A MET D 2 5  ? -19.347 -2.390  -3.037  0.73 22.69 ? 137 MET D SD  1 
ATOM   1147 S SD  B MET D 2 5  ? -19.884 -3.135  -5.023  0.27 25.94 ? 137 MET D SD  1 
ATOM   1148 C CE  A MET D 2 5  ? -20.094 -1.719  -4.518  0.73 29.33 ? 137 MET D CE  1 
ATOM   1149 C CE  B MET D 2 5  ? -19.987 -1.351  -5.160  0.27 25.35 ? 137 MET D CE  1 
ATOM   1150 N N   . LYS D 2 6  ? -15.946 -2.925  -7.544  1.00 15.91 ? 138 LYS D N   1 
ATOM   1151 C CA  . LYS D 2 6  ? -15.005 -2.275  -8.450  1.00 16.27 ? 138 LYS D CA  1 
ATOM   1152 C C   . LYS D 2 6  ? -14.313 -1.114  -7.742  1.00 15.26 ? 138 LYS D C   1 
ATOM   1153 O O   . LYS D 2 6  ? -14.873 -0.483  -6.841  1.00 17.92 ? 138 LYS D O   1 
ATOM   1154 C CB  . LYS D 2 6  ? -15.755 -1.750  -9.677  1.00 19.93 ? 138 LYS D CB  1 
ATOM   1155 C CG  . LYS D 2 6  ? -16.058 -2.818  -10.711 1.00 25.89 ? 138 LYS D CG  1 
ATOM   1156 N N   . ARG D 2 7  ? -13.079 -0.837  -8.148  1.00 15.05 ? 139 ARG D N   1 
ATOM   1157 C CA  . ARG D 2 7  ? -12.285 0.241   -7.571  1.00 14.26 ? 139 ARG D CA  1 
ATOM   1158 C C   . ARG D 2 7  ? -11.986 1.302   -8.617  1.00 13.01 ? 139 ARG D C   1 
ATOM   1159 O O   . ARG D 2 7  ? -11.723 0.989   -9.780  1.00 13.89 ? 139 ARG D O   1 
ATOM   1160 C CB  . ARG D 2 7  ? -10.924 -0.258  -7.067  1.00 13.77 ? 139 ARG D CB  1 
ATOM   1161 C CG  . ARG D 2 7  ? -10.993 -1.134  -5.838  1.00 13.48 ? 139 ARG D CG  1 
ATOM   1162 C CD  . ARG D 2 7  ? -9.614  -1.349  -5.234  1.00 15.48 ? 139 ARG D CD  1 
ATOM   1163 N NE  . ARG D 2 7  ? -8.992  -0.081  -4.867  1.00 12.64 ? 139 ARG D NE  1 
ATOM   1164 C CZ  . ARG D 2 7  ? -7.676  0.109   -4.807  1.00 13.04 ? 139 ARG D CZ  1 
ATOM   1165 N NH1 . ARG D 2 7  ? -6.849  -0.893  -5.065  1.00 13.82 ? 139 ARG D NH1 1 
ATOM   1166 N NH2 . ARG D 2 7  ? -7.184  1.300   -4.491  1.00 13.23 ? 139 ARG D NH2 1 
ATOM   1167 N N   . HIS D 2 8  ? -11.981 2.556   -8.177  1.00 14.06 ? 140 HIS D N   1 
ATOM   1168 C CA  . HIS D 2 8  ? -11.438 3.663   -8.956  1.00 13.97 ? 140 HIS D CA  1 
ATOM   1169 C C   . HIS D 2 8  ? -10.529 4.560   -8.148  1.00 13.77 ? 140 HIS D C   1 
ATOM   1170 O O   . HIS D 2 8  ? -9.734  5.298   -8.741  1.00 17.35 ? 140 HIS D O   1 
ATOM   1171 C CB  . HIS D 2 8  ? -12.566 4.550   -9.511  1.00 15.69 ? 140 HIS D CB  1 
ATOM   1172 C CG  . HIS D 2 8  ? -13.614 3.797   -10.257 1.00 17.72 ? 140 HIS D CG  1 
ATOM   1173 N ND1 . HIS D 2 8  ? -14.643 3.137   -9.621  1.00 20.90 ? 140 HIS D ND1 1 
ATOM   1174 C CD2 . HIS D 2 8  ? -13.797 3.596   -11.582 1.00 19.37 ? 140 HIS D CD2 1 
ATOM   1175 C CE1 . HIS D 2 8  ? -15.410 2.552   -10.523 1.00 22.38 ? 140 HIS D CE1 1 
ATOM   1176 N NE2 . HIS D 2 8  ? -14.922 2.820   -11.721 1.00 24.32 ? 140 HIS D NE2 1 
ATOM   1177 N N   . ILE D 2 9  ? -10.587 4.506   -6.831  1.00 12.74 ? 141 ILE D N   1 
ATOM   1178 C CA  A ILE D 2 9  ? -9.967  5.510   -5.984  0.56 14.04 ? 141 ILE D CA  1 
ATOM   1179 C CA  B ILE D 2 9  ? -9.988  5.503   -5.949  0.44 14.09 ? 141 ILE D CA  1 
ATOM   1180 C C   . ILE D 2 9  ? -8.748  4.916   -5.295  1.00 12.93 ? 141 ILE D C   1 
ATOM   1181 O O   . ILE D 2 9  ? -8.772  3.772   -4.818  1.00 13.44 ? 141 ILE D O   1 
ATOM   1182 C CB  A ILE D 2 9  ? -10.990 6.074   -4.983  0.56 12.84 ? 141 ILE D CB  1 
ATOM   1183 C CB  B ILE D 2 9  ? -11.001 5.911   -4.865  0.44 12.86 ? 141 ILE D CB  1 
ATOM   1184 C CG1 A ILE D 2 9  ? -12.165 6.692   -5.753  0.56 15.36 ? 141 ILE D CG1 1 
ATOM   1185 C CG1 B ILE D 2 9  ? -12.304 6.392   -5.504  0.44 16.84 ? 141 ILE D CG1 1 
ATOM   1186 C CG2 A ILE D 2 9  ? -10.338 7.090   -4.070  0.56 16.77 ? 141 ILE D CG2 1 
ATOM   1187 C CG2 B ILE D 2 9  ? -10.402 6.952   -3.932  0.44 15.91 ? 141 ILE D CG2 1 
ATOM   1188 C CD1 A ILE D 2 9  ? -13.262 7.279   -4.881  0.56 15.55 ? 141 ILE D CD1 1 
ATOM   1189 C CD1 B ILE D 2 9  ? -12.162 7.681   -6.250  0.44 16.90 ? 141 ILE D CD1 1 
ATOM   1190 N N   . PHE D 2 10 ? -7.674  5.698   -5.254  1.00 14.28 ? 142 PHE D N   1 
ATOM   1191 C CA  . PHE D 2 10 ? -6.427  5.315   -4.606  1.00 13.09 ? 142 PHE D CA  1 
ATOM   1192 C C   . PHE D 2 10 ? -5.945  6.508   -3.794  1.00 15.11 ? 142 PHE D C   1 
ATOM   1193 O O   . PHE D 2 10 ? -6.445  7.628   -3.941  1.00 14.66 ? 142 PHE D O   1 
ATOM   1194 C CB  . PHE D 2 10 ? -5.367  4.897   -5.640  1.00 13.74 ? 142 PHE D CB  1 
ATOM   1195 C CG  . PHE D 2 10 ? -5.278  5.829   -6.833  1.00 11.96 ? 142 PHE D CG  1 
ATOM   1196 C CD1 . PHE D 2 10 ? -5.973  5.553   -8.006  1.00 12.76 ? 142 PHE D CD1 1 
ATOM   1197 C CD2 . PHE D 2 10 ? -4.517  6.988   -6.774  1.00 12.84 ? 142 PHE D CD2 1 
ATOM   1198 C CE1 . PHE D 2 10 ? -5.914  6.411   -9.097  1.00 12.88 ? 142 PHE D CE1 1 
ATOM   1199 C CE2 . PHE D 2 10 ? -4.447  7.846   -7.863  1.00 13.63 ? 142 PHE D CE2 1 
ATOM   1200 C CZ  . PHE D 2 10 ? -5.137  7.561   -9.023  1.00 12.96 ? 142 PHE D CZ  1 
ATOM   1201 N N   . ARG D 2 11 ? -4.958  6.276   -2.939  1.00 13.56 ? 143 ARG D N   1 
ATOM   1202 C CA  . ARG D 2 11 ? -4.367  7.364   -2.177  1.00 13.84 ? 143 ARG D CA  1 
ATOM   1203 C C   . ARG D 2 11 ? -3.533  8.257   -3.072  1.00 14.53 ? 143 ARG D C   1 
ATOM   1204 O O   . ARG D 2 11 ? -3.495  9.471   -2.842  1.00 15.36 ? 143 ARG D O   1 
ATOM   1205 C CB  . ARG D 2 11 ? -3.484  6.819   -1.061  1.00 15.49 ? 143 ARG D CB  1 
ATOM   1206 C CG  . ARG D 2 11 ? -4.251  6.194   0.069   1.00 14.06 ? 143 ARG D CG  1 
ATOM   1207 C CD  . ARG D 2 11 ? -5.286  7.156   0.619   1.00 15.40 ? 143 ARG D CD  1 
ATOM   1208 N NE  . ARG D 2 11 ? -5.858  6.607   1.841   1.00 16.97 ? 143 ARG D NE  1 
ATOM   1209 C CZ  . ARG D 2 11 ? -6.975  7.033   2.409   1.00 20.77 ? 143 ARG D CZ  1 
ATOM   1210 N NH1 . ARG D 2 11 ? -7.666  8.028   1.871   1.00 19.40 ? 143 ARG D NH1 1 
ATOM   1211 N NH2 . ARG D 2 11 ? -7.396  6.454   3.523   1.00 18.63 ? 143 ARG D NH2 1 
ATOM   1212 O OXT . ARG D 2 11 ? -2.897  7.795   -4.018  1.00 13.30 ? 143 ARG D OXT 1 
HETATM 1213 C C   . ACT E 3 .  ? -11.629 -11.475 -6.395  1.00 20.93 ? 201 ACT D C   1 
HETATM 1214 O O   . ACT E 3 .  ? -12.785 -11.952 -6.318  1.00 25.47 ? 201 ACT D O   1 
HETATM 1215 O OXT . ACT E 3 .  ? -10.910 -11.566 -5.377  1.00 25.15 ? 201 ACT D OXT 1 
HETATM 1216 C CH3 . ACT E 3 .  ? -11.128 -10.829 -7.645  1.00 31.19 ? 201 ACT D CH3 1 
HETATM 1217 O O   . HOH F 4 .  ? -0.476  6.214   0.975   1.00 19.02 ? 201 HOH A O   1 
HETATM 1218 O O   . HOH F 4 .  ? 21.236  10.432  -0.308  1.00 29.73 ? 202 HOH A O   1 
HETATM 1219 O O   . HOH F 4 .  ? 16.163  -9.591  0.504   1.00 25.72 ? 203 HOH A O   1 
HETATM 1220 O O   . HOH F 4 .  ? 13.952  -10.053 -2.913  0.51 21.97 ? 204 HOH A O   1 
HETATM 1221 O O   . HOH F 4 .  ? 8.385   18.467  -16.807 1.00 39.99 ? 205 HOH A O   1 
HETATM 1222 O O   . HOH F 4 .  ? 11.201  10.432  5.447   1.00 27.14 ? 206 HOH A O   1 
HETATM 1223 O O   . HOH F 4 .  ? 12.871  -13.025 2.984   1.00 28.26 ? 207 HOH A O   1 
HETATM 1224 O O   . HOH F 4 .  ? 5.791   -11.207 -5.114  0.60 30.37 ? 208 HOH A O   1 
HETATM 1225 O O   . HOH F 4 .  ? 21.598  2.340   2.861   1.00 30.16 ? 209 HOH A O   1 
HETATM 1226 O O   . HOH F 4 .  ? 15.279  -3.927  2.140   1.00 27.44 ? 210 HOH A O   1 
HETATM 1227 O O   . HOH F 4 .  ? -0.185  9.549   3.006   1.00 33.93 ? 211 HOH A O   1 
HETATM 1228 O O   . HOH F 4 .  ? 19.052  1.548   6.465   1.00 26.76 ? 212 HOH A O   1 
HETATM 1229 O O   . HOH F 4 .  ? 8.124   16.550  -4.443  1.00 17.97 ? 213 HOH A O   1 
HETATM 1230 O O   . HOH F 4 .  ? 9.765   -3.077  3.462   1.00 26.69 ? 214 HOH A O   1 
HETATM 1231 O O   . HOH F 4 .  ? 6.213   3.715   3.965   1.00 22.10 ? 215 HOH A O   1 
HETATM 1232 O O   . HOH F 4 .  ? 7.172   8.503   6.256   1.00 33.36 ? 216 HOH A O   1 
HETATM 1233 O O   . HOH F 4 .  ? 5.656   14.952  2.541   1.00 21.76 ? 217 HOH A O   1 
HETATM 1234 O O   . HOH F 4 .  ? 5.381   4.631   7.652   1.00 36.64 ? 218 HOH A O   1 
HETATM 1235 O O   . HOH F 4 .  ? 21.862  -2.249  0.115   1.00 28.57 ? 219 HOH A O   1 
HETATM 1236 O O   . HOH F 4 .  ? 8.741   -5.999  -8.017  1.00 16.31 ? 220 HOH A O   1 
HETATM 1237 O O   . HOH F 4 .  ? 12.674  -4.813  2.346   1.00 27.01 ? 221 HOH A O   1 
HETATM 1238 O O   . HOH F 4 .  ? 4.531   7.392   -13.241 1.00 30.74 ? 222 HOH A O   1 
HETATM 1239 O O   . HOH F 4 .  ? 9.933   14.356  -5.410  1.00 13.87 ? 223 HOH A O   1 
HETATM 1240 O O   . HOH F 4 .  ? 10.431  1.849   5.545   1.00 18.54 ? 224 HOH A O   1 
HETATM 1241 O O   . HOH F 4 .  ? 26.508  15.699  -0.926  1.00 43.25 ? 225 HOH A O   1 
HETATM 1242 O O   . HOH F 4 .  ? 3.470   9.617   4.066   1.00 26.84 ? 226 HOH A O   1 
HETATM 1243 O O   . HOH F 4 .  ? 12.588  8.517   6.535   1.00 31.05 ? 227 HOH A O   1 
HETATM 1244 O O   . HOH F 4 .  ? 12.650  -11.858 -4.336  1.00 25.14 ? 228 HOH A O   1 
HETATM 1245 O O   . HOH F 4 .  ? 15.438  -4.126  -17.004 1.00 30.35 ? 229 HOH A O   1 
HETATM 1246 O O   . HOH F 4 .  ? 5.925   20.218  -7.605  1.00 26.10 ? 230 HOH A O   1 
HETATM 1247 O O   . HOH F 4 .  ? 8.003   9.458   -11.444 1.00 31.54 ? 231 HOH A O   1 
HETATM 1248 O O   . HOH F 4 .  ? 10.655  18.586  -13.364 1.00 19.06 ? 232 HOH A O   1 
HETATM 1249 O O   . HOH F 4 .  ? 2.708   -4.421  -5.098  0.60 21.95 ? 233 HOH A O   1 
HETATM 1250 O O   . HOH F 4 .  ? 18.341  -5.310  -3.297  1.00 14.84 ? 234 HOH A O   1 
HETATM 1251 O O   . HOH F 4 .  ? 5.285   -9.365  -0.948  1.00 36.25 ? 235 HOH A O   1 
HETATM 1252 O O   . HOH F 4 .  ? 9.015   0.868   -11.963 1.00 16.35 ? 236 HOH A O   1 
HETATM 1253 O O   . HOH F 4 .  ? 7.780   2.445   4.607   1.00 23.17 ? 237 HOH A O   1 
HETATM 1254 O O   . HOH F 4 .  ? 9.811   21.969  -12.851 1.00 25.75 ? 238 HOH A O   1 
HETATM 1255 O O   . HOH F 4 .  ? 10.801  5.893   -13.652 1.00 33.61 ? 239 HOH A O   1 
HETATM 1256 O O   . HOH F 4 .  ? 15.554  7.082   7.441   1.00 36.82 ? 240 HOH A O   1 
HETATM 1257 O O   . HOH F 4 .  ? 10.053  -5.985  1.938   1.00 22.36 ? 241 HOH A O   1 
HETATM 1258 O O   . HOH F 4 .  ? 11.262  -11.853 -1.982  1.00 21.39 ? 242 HOH A O   1 
HETATM 1259 O O   . HOH F 4 .  ? 6.034   1.068   6.325   1.00 26.13 ? 243 HOH A O   1 
HETATM 1260 O O   . HOH F 4 .  ? 18.061  -3.048  -1.628  1.00 15.92 ? 244 HOH A O   1 
HETATM 1261 O O   . HOH F 4 .  ? 14.432  8.993   4.639   1.00 34.31 ? 245 HOH A O   1 
HETATM 1262 O O   . HOH F 4 .  ? 0.739   12.299  -4.627  1.00 29.15 ? 246 HOH A O   1 
HETATM 1263 O O   . HOH F 4 .  ? 2.795   13.123  -2.814  1.00 27.88 ? 247 HOH A O   1 
HETATM 1264 O O   . HOH F 4 .  ? 12.319  15.112  5.246   1.00 20.19 ? 248 HOH A O   1 
HETATM 1265 O O   . HOH F 4 .  ? 22.383  6.257   -9.471  1.00 30.09 ? 249 HOH A O   1 
HETATM 1266 O O   A HOH F 4 .  ? 2.992   -6.473  0.133   0.60 13.37 ? 250 HOH A O   1 
HETATM 1267 O O   B HOH F 4 .  ? 3.475   -6.642  0.460   0.40 15.21 ? 250 HOH A O   1 
HETATM 1268 O O   . HOH F 4 .  ? 1.242   1.951   1.528   1.00 13.04 ? 251 HOH A O   1 
HETATM 1269 O O   . HOH F 4 .  ? 2.424   -5.777  -3.662  0.50 20.94 ? 252 HOH A O   1 
HETATM 1270 O O   . HOH F 4 .  ? 4.781   9.252   -9.757  1.00 18.29 ? 253 HOH A O   1 
HETATM 1271 O O   . HOH F 4 .  ? 14.369  4.677   -13.370 1.00 23.00 ? 254 HOH A O   1 
HETATM 1272 O O   . HOH F 4 .  ? 17.504  -1.784  5.860   1.00 24.38 ? 255 HOH A O   1 
HETATM 1273 O O   . HOH F 4 .  ? 1.807   14.493  -0.592  1.00 35.50 ? 256 HOH A O   1 
HETATM 1274 O O   . HOH F 4 .  ? 11.845  -6.973  4.176   1.00 39.56 ? 257 HOH A O   1 
HETATM 1275 O O   . HOH F 4 .  ? 17.688  -1.516  -16.764 1.00 22.66 ? 258 HOH A O   1 
HETATM 1276 O O   . HOH F 4 .  ? 11.331  9.106   -11.513 1.00 31.11 ? 259 HOH A O   1 
HETATM 1277 O O   . HOH F 4 .  ? 16.269  -9.341  -3.815  1.00 20.88 ? 260 HOH A O   1 
HETATM 1278 O O   . HOH F 4 .  ? 4.738   14.214  -13.492 1.00 42.92 ? 261 HOH A O   1 
HETATM 1279 O O   . HOH F 4 .  ? 4.591   13.635  -10.609 1.00 25.73 ? 262 HOH A O   1 
HETATM 1280 O O   . HOH F 4 .  ? 8.577   10.686  5.225   1.00 21.66 ? 263 HOH A O   1 
HETATM 1281 O O   . HOH F 4 .  ? 20.105  1.269   -14.470 0.69 33.57 ? 264 HOH A O   1 
HETATM 1282 O O   . HOH F 4 .  ? 21.370  18.532  2.859   1.00 27.64 ? 265 HOH A O   1 
HETATM 1283 O O   . HOH F 4 .  ? 4.574   5.258   -14.988 1.00 28.45 ? 266 HOH A O   1 
HETATM 1284 O O   . HOH F 4 .  ? 9.528   -0.378  3.991   1.00 18.26 ? 267 HOH A O   1 
HETATM 1285 O O   . HOH F 4 .  ? 17.841  1.610   10.828  1.00 40.60 ? 268 HOH A O   1 
HETATM 1286 O O   . HOH F 4 .  ? 1.377   13.488  -6.898  1.00 35.11 ? 269 HOH A O   1 
HETATM 1287 O O   . HOH F 4 .  ? 22.386  1.677   -12.508 1.00 37.80 ? 270 HOH A O   1 
HETATM 1288 O O   . HOH F 4 .  ? 12.057  8.763   9.568   1.00 33.11 ? 271 HOH A O   1 
HETATM 1289 O O   . HOH F 4 .  ? 18.973  -3.257  3.133   1.00 31.72 ? 272 HOH A O   1 
HETATM 1290 O O   . HOH F 4 .  ? 28.697  25.892  -0.325  1.00 40.97 ? 273 HOH A O   1 
HETATM 1291 O O   . HOH F 4 .  ? 5.763   -5.936  -11.108 1.00 32.88 ? 274 HOH A O   1 
HETATM 1292 O O   . HOH F 4 .  ? 2.471   -7.547  -5.070  0.33 19.78 ? 275 HOH A O   1 
HETATM 1293 O O   . HOH F 4 .  ? 12.233  20.635  0.372   1.00 37.93 ? 276 HOH A O   1 
HETATM 1294 O O   . HOH F 4 .  ? 11.862  -14.149 -0.976  1.00 36.69 ? 277 HOH A O   1 
HETATM 1295 O O   . HOH F 4 .  ? 7.950   -9.726  -0.499  1.00 30.82 ? 278 HOH A O   1 
HETATM 1296 O O   . HOH F 4 .  ? 10.156  -12.309 -0.139  1.00 38.12 ? 279 HOH A O   1 
HETATM 1297 O O   . HOH F 4 .  ? 17.912  -4.313  0.899   1.00 27.86 ? 280 HOH A O   1 
HETATM 1298 O O   . HOH F 4 .  ? 6.572   12.410  5.629   1.00 27.34 ? 281 HOH A O   1 
HETATM 1299 O O   . HOH F 4 .  ? 8.424   -8.305  1.571   1.00 25.62 ? 282 HOH A O   1 
HETATM 1300 O O   . HOH F 4 .  ? 7.317   21.053  -4.566  1.00 31.83 ? 283 HOH A O   1 
HETATM 1301 O O   . HOH F 4 .  ? 6.259   -12.339 -2.045  1.00 42.09 ? 284 HOH A O   1 
HETATM 1302 O O   . HOH F 4 .  ? 9.962   1.196   8.200   1.00 43.10 ? 285 HOH A O   1 
HETATM 1303 O O   . HOH F 4 .  ? 6.489   18.573  -5.543  1.00 26.92 ? 286 HOH A O   1 
HETATM 1304 O O   . HOH F 4 .  ? 18.433  8.258   -8.796  1.00 32.90 ? 287 HOH A O   1 
HETATM 1305 O O   . HOH F 4 .  ? 3.910   11.680  5.385   1.00 34.00 ? 288 HOH A O   1 
HETATM 1306 O O   . HOH F 4 .  ? 14.490  16.684  6.863   1.00 29.38 ? 289 HOH A O   1 
HETATM 1307 O O   . HOH F 4 .  ? 2.782   15.480  1.962   1.00 37.64 ? 290 HOH A O   1 
HETATM 1308 O O   . HOH F 4 .  ? 17.693  -9.398  -1.679  1.00 25.88 ? 291 HOH A O   1 
HETATM 1309 O O   . HOH F 4 .  ? 10.334  -13.043 2.480   1.00 30.62 ? 292 HOH A O   1 
HETATM 1310 O O   . HOH F 4 .  ? 6.827   15.094  4.870   1.00 24.72 ? 293 HOH A O   1 
HETATM 1311 O O   . HOH F 4 .  ? 3.428   11.423  -10.581 1.00 36.17 ? 294 HOH A O   1 
HETATM 1312 O O   . HOH F 4 .  ? 13.801  -3.806  8.588   1.00 36.70 ? 295 HOH A O   1 
HETATM 1313 O O   . HOH F 4 .  ? 21.996  21.012  1.821   1.00 35.02 ? 296 HOH A O   1 
HETATM 1314 O O   . HOH F 4 .  ? 13.210  12.668  5.819   1.00 36.44 ? 297 HOH A O   1 
HETATM 1315 O O   . HOH F 4 .  ? -1.134  15.211  -9.421  1.00 30.35 ? 298 HOH A O   1 
HETATM 1316 O O   . HOH F 4 .  ? 8.153   -1.125  6.313   1.00 27.42 ? 299 HOH A O   1 
HETATM 1317 O O   . HOH F 4 .  ? 1.301   8.269   5.762   1.00 35.41 ? 300 HOH A O   1 
HETATM 1318 O O   . HOH F 4 .  ? 9.705   15.318  5.863   1.00 28.92 ? 301 HOH A O   1 
HETATM 1319 O O   . HOH F 4 .  ? 12.139  -9.638  5.439   1.00 34.62 ? 302 HOH A O   1 
HETATM 1320 O O   . HOH F 4 .  ? 23.490  12.074  6.329   1.00 46.08 ? 303 HOH A O   1 
HETATM 1321 O O   . HOH F 4 .  ? 6.994   -4.096  4.200   1.00 34.20 ? 304 HOH A O   1 
HETATM 1322 O O   . HOH F 4 .  ? 19.036  5.168   10.795  1.00 43.23 ? 305 HOH A O   1 
HETATM 1323 O O   . HOH F 4 .  ? 2.722   8.576   -14.193 0.64 28.90 ? 306 HOH A O   1 
HETATM 1324 O O   . HOH F 4 .  ? 9.692   -10.312 3.994   1.00 34.58 ? 307 HOH A O   1 
HETATM 1325 O O   . HOH F 4 .  ? 29.472  10.304  3.816   1.00 45.35 ? 308 HOH A O   1 
HETATM 1326 O O   . HOH G 4 .  ? -18.217 1.949   5.045   1.00 30.07 ? 201 HOH B O   1 
HETATM 1327 O O   . HOH G 4 .  ? -20.768 3.772   -4.820  1.00 40.26 ? 202 HOH B O   1 
HETATM 1328 O O   . HOH G 4 .  ? -1.997  -1.108  13.914  1.00 34.22 ? 203 HOH B O   1 
HETATM 1329 O O   . HOH G 4 .  ? -3.046  6.402   4.496   1.00 25.22 ? 204 HOH B O   1 
HETATM 1330 O O   . HOH G 4 .  ? -0.069  -11.810 -1.562  1.00 30.73 ? 205 HOH B O   1 
HETATM 1331 O O   . HOH G 4 .  ? -7.371  -17.716 5.528   1.00 24.28 ? 206 HOH B O   1 
HETATM 1332 O O   . HOH G 4 .  ? 3.245   -4.981  -9.456  1.00 30.10 ? 207 HOH B O   1 
HETATM 1333 O O   . HOH G 4 .  ? 6.078   -1.643  8.756   1.00 38.00 ? 208 HOH B O   1 
HETATM 1334 O O   . HOH G 4 .  ? -20.145 -10.016 17.296  1.00 28.14 ? 209 HOH B O   1 
HETATM 1335 O O   . HOH G 4 .  ? -17.159 3.359   -6.593  1.00 41.04 ? 210 HOH B O   1 
HETATM 1336 O O   . HOH G 4 .  ? -0.056  3.662   7.983   1.00 28.71 ? 211 HOH B O   1 
HETATM 1337 O O   . HOH G 4 .  ? -23.405 -13.174 19.337  1.00 40.69 ? 212 HOH B O   1 
HETATM 1338 O O   . HOH G 4 .  ? 0.427   -2.893  -11.025 1.00 22.63 ? 213 HOH B O   1 
HETATM 1339 O O   . HOH G 4 .  ? -4.495  -7.686  -10.766 1.00 32.23 ? 214 HOH B O   1 
HETATM 1340 O O   . HOH G 4 .  ? -11.332 -12.351 17.497  1.00 23.41 ? 215 HOH B O   1 
HETATM 1341 O O   . HOH G 4 .  ? -19.132 -10.512 7.044   1.00 38.95 ? 216 HOH B O   1 
HETATM 1342 O O   . HOH G 4 .  ? -2.202  -13.741 8.624   1.00 33.51 ? 217 HOH B O   1 
HETATM 1343 O O   . HOH G 4 .  ? 0.439   0.602   -8.659  1.00 15.52 ? 218 HOH B O   1 
HETATM 1344 O O   . HOH G 4 .  ? -24.361 -4.330  17.912  1.00 18.17 ? 219 HOH B O   1 
HETATM 1345 O O   . HOH G 4 .  ? -25.954 -6.528  12.993  1.00 35.59 ? 220 HOH B O   1 
HETATM 1346 O O   . HOH G 4 .  ? -17.603 0.173   2.177   1.00 21.43 ? 221 HOH B O   1 
HETATM 1347 O O   . HOH G 4 .  ? -2.684  -11.305 5.650   1.00 16.02 ? 222 HOH B O   1 
HETATM 1348 O O   . HOH G 4 .  ? -3.692  3.677   -2.647  1.00 14.88 ? 223 HOH B O   1 
HETATM 1349 O O   . HOH G 4 .  ? -2.536  -11.662 10.987  1.00 26.63 ? 224 HOH B O   1 
HETATM 1350 O O   . HOH G 4 .  ? -17.006 0.746   -5.476  1.00 21.48 ? 225 HOH B O   1 
HETATM 1351 O O   . HOH G 4 .  ? -8.625  -13.691 14.952  1.00 26.61 ? 226 HOH B O   1 
HETATM 1352 O O   . HOH G 4 .  ? -31.161 -7.472  15.742  1.00 39.45 ? 227 HOH B O   1 
HETATM 1353 O O   . HOH G 4 .  ? 5.729   -2.327  5.524   1.00 20.33 ? 228 HOH B O   1 
HETATM 1354 O O   . HOH G 4 .  ? -13.266 4.470   8.895   0.83 34.91 ? 229 HOH B O   1 
HETATM 1355 O O   . HOH G 4 .  ? -28.165 -4.160  15.580  1.00 31.96 ? 230 HOH B O   1 
HETATM 1356 O O   . HOH G 4 .  ? -4.806  -15.062 1.727   1.00 20.06 ? 231 HOH B O   1 
HETATM 1357 O O   . HOH G 4 .  ? -2.509  -3.476  12.607  1.00 24.79 ? 232 HOH B O   1 
HETATM 1358 O O   . HOH G 4 .  ? -10.609 -7.267  -6.549  1.00 26.00 ? 233 HOH B O   1 
HETATM 1359 O O   . HOH G 4 .  ? -15.609 -4.664  -1.979  1.00 16.36 ? 234 HOH B O   1 
HETATM 1360 O O   . HOH G 4 .  ? -23.945 -5.287  13.814  1.00 19.92 ? 235 HOH B O   1 
HETATM 1361 O O   . HOH G 4 .  ? -20.166 -9.465  3.637   1.00 26.40 ? 236 HOH B O   1 
HETATM 1362 O O   . HOH G 4 .  ? 2.523   0.516   7.093   1.00 17.30 ? 237 HOH B O   1 
HETATM 1363 O O   . HOH G 4 .  ? -2.129  -1.207  -8.843  1.00 17.54 ? 238 HOH B O   1 
HETATM 1364 O O   . HOH G 4 .  ? -1.286  -6.233  12.492  1.00 24.63 ? 239 HOH B O   1 
HETATM 1365 O O   . HOH G 4 .  ? -3.128  -8.066  13.367  1.00 24.16 ? 240 HOH B O   1 
HETATM 1366 O O   . HOH G 4 .  ? -2.683  2.706   -0.212  1.00 16.37 ? 241 HOH B O   1 
HETATM 1367 O O   . HOH G 4 .  ? -6.725  -18.108 8.384   1.00 33.30 ? 242 HOH B O   1 
HETATM 1368 O O   . HOH G 4 .  ? -5.280  -14.893 10.346  1.00 21.51 ? 243 HOH B O   1 
HETATM 1369 O O   . HOH G 4 .  ? -13.190 -14.319 11.162  1.00 21.86 ? 244 HOH B O   1 
HETATM 1370 O O   . HOH G 4 .  ? -2.319  -11.734 -5.631  1.00 26.38 ? 245 HOH B O   1 
HETATM 1371 O O   . HOH G 4 .  ? -21.040 -12.054 11.349  1.00 35.33 ? 246 HOH B O   1 
HETATM 1372 O O   . HOH G 4 .  ? -18.844 -7.190  5.660   1.00 33.52 ? 247 HOH B O   1 
HETATM 1373 O O   . HOH G 4 .  ? -0.026  -7.386  5.600   1.00 20.41 ? 248 HOH B O   1 
HETATM 1374 O O   . HOH G 4 .  ? -5.269  -12.445 13.712  1.00 29.32 ? 249 HOH B O   1 
HETATM 1375 O O   . HOH G 4 .  ? -20.276 -11.037 9.116   1.00 28.75 ? 250 HOH B O   1 
HETATM 1376 O O   . HOH G 4 .  ? -18.925 -3.326  2.111   1.00 27.78 ? 251 HOH B O   1 
HETATM 1377 O O   . HOH G 4 .  ? -18.747 -12.225 18.037  1.00 19.86 ? 252 HOH B O   1 
HETATM 1378 O O   . HOH G 4 .  ? -0.280  -5.763  -3.132  1.00 23.39 ? 253 HOH B O   1 
HETATM 1379 O O   . HOH G 4 .  ? -4.115  -10.363 12.787  1.00 22.12 ? 254 HOH B O   1 
HETATM 1380 O O   . HOH G 4 .  ? -0.553  -9.906  6.595   1.00 21.34 ? 255 HOH B O   1 
HETATM 1381 O O   . HOH G 4 .  ? -7.501  3.157   13.860  1.00 20.41 ? 256 HOH B O   1 
HETATM 1382 O O   . HOH G 4 .  ? -13.556 7.101   6.669   1.00 35.06 ? 257 HOH B O   1 
HETATM 1383 O O   . HOH G 4 .  ? -0.740  0.765   -0.083  1.00 13.05 ? 258 HOH B O   1 
HETATM 1384 O O   . HOH G 4 .  ? -21.057 -8.120  -0.579  1.00 28.72 ? 259 HOH B O   1 
HETATM 1385 O O   . HOH G 4 .  ? -4.193  -5.607  16.535  1.00 22.65 ? 260 HOH B O   1 
HETATM 1386 O O   . HOH G 4 .  ? -4.751  -4.637  14.012  1.00 27.48 ? 261 HOH B O   1 
HETATM 1387 O O   . HOH G 4 .  ? -12.027 -17.265 2.956   1.00 19.87 ? 262 HOH B O   1 
HETATM 1388 O O   . HOH G 4 .  ? 0.645   -3.544  12.047  1.00 26.06 ? 263 HOH B O   1 
HETATM 1389 O O   . HOH G 4 .  ? -0.612  3.946   2.387   1.00 18.94 ? 264 HOH B O   1 
HETATM 1390 O O   . HOH G 4 .  ? -1.915  -8.870  -8.174  1.00 35.62 ? 265 HOH B O   1 
HETATM 1391 O O   . HOH G 4 .  ? -18.610 -3.849  5.805   1.00 32.33 ? 266 HOH B O   1 
HETATM 1392 O O   . HOH G 4 .  ? -17.612 -10.705 5.494   1.00 23.13 ? 267 HOH B O   1 
HETATM 1393 O O   . HOH G 4 .  ? -17.986 5.141   -3.691  1.00 27.39 ? 268 HOH B O   1 
HETATM 1394 O O   A HOH G 4 .  ? -0.545  -7.671  2.782   0.69 15.59 ? 269 HOH B O   1 
HETATM 1395 O O   B HOH G 4 .  ? -1.427  -8.020  4.000   0.31 15.73 ? 269 HOH B O   1 
HETATM 1396 O O   . HOH G 4 .  ? -16.225 -14.445 14.448  1.00 37.14 ? 270 HOH B O   1 
HETATM 1397 O O   . HOH G 4 .  ? 0.173   -6.828  0.112   1.00 22.59 ? 271 HOH B O   1 
HETATM 1398 O O   . HOH G 4 .  ? 5.623   -4.968  7.446   1.00 35.50 ? 272 HOH B O   1 
HETATM 1399 O O   . HOH G 4 .  ? -16.735 6.298   0.194   1.00 38.57 ? 273 HOH B O   1 
HETATM 1400 O O   . HOH G 4 .  ? -5.428  -8.705  18.941  1.00 32.53 ? 274 HOH B O   1 
HETATM 1401 O O   . HOH G 4 .  ? -25.744 -8.982  6.954   0.95 43.43 ? 275 HOH B O   1 
HETATM 1402 O O   . HOH G 4 .  ? -0.519  -5.710  -7.837  1.00 32.86 ? 276 HOH B O   1 
HETATM 1403 O O   . HOH G 4 .  ? -2.216  -4.281  -10.821 1.00 33.70 ? 277 HOH B O   1 
HETATM 1404 O O   . HOH G 4 .  ? -13.130 7.044   9.182   1.00 39.09 ? 278 HOH B O   1 
HETATM 1405 O O   . HOH G 4 .  ? 3.405   -10.114 0.628   1.00 35.43 ? 279 HOH B O   1 
HETATM 1406 O O   . HOH G 4 .  ? -5.338  -17.469 3.413   1.00 28.22 ? 280 HOH B O   1 
HETATM 1407 O O   . HOH G 4 .  ? -21.879 -9.437  7.112   1.00 32.52 ? 281 HOH B O   1 
HETATM 1408 O O   . HOH G 4 .  ? 1.352   -9.666  2.823   1.00 29.58 ? 282 HOH B O   1 
HETATM 1409 O O   . HOH G 4 .  ? -27.238 -9.852  14.338  1.00 40.95 ? 283 HOH B O   1 
HETATM 1410 O O   . HOH G 4 .  ? 0.986   -12.012 3.102   1.00 35.12 ? 284 HOH B O   1 
HETATM 1411 O O   . HOH G 4 .  ? 2.585   -8.337  5.656   1.00 35.07 ? 285 HOH B O   1 
HETATM 1412 O O   . HOH G 4 .  ? 3.066   0.033   9.908   1.00 35.68 ? 286 HOH B O   1 
HETATM 1413 O O   . HOH G 4 .  ? -14.105 7.354   13.326  1.00 34.66 ? 287 HOH B O   1 
HETATM 1414 O O   . HOH G 4 .  ? -0.331  -7.313  -5.420  1.00 32.72 ? 288 HOH B O   1 
HETATM 1415 O O   . HOH G 4 .  ? -5.894  -16.950 0.172   1.00 25.34 ? 289 HOH B O   1 
HETATM 1416 O O   . HOH G 4 .  ? -12.145 -16.405 12.516  1.00 31.16 ? 290 HOH B O   1 
HETATM 1417 O O   . HOH G 4 .  ? -10.402 -15.930 14.448  1.00 29.53 ? 291 HOH B O   1 
HETATM 1418 O O   . HOH G 4 .  ? 2.057   -1.562  12.268  1.00 40.62 ? 292 HOH B O   1 
HETATM 1419 O O   . HOH G 4 .  ? -0.883  -13.349 4.780   1.00 37.36 ? 293 HOH B O   1 
HETATM 1420 O O   . HOH G 4 .  ? -14.558 2.671   8.128   1.00 38.46 ? 294 HOH B O   1 
HETATM 1421 O O   . HOH G 4 .  ? 2.772   -13.226 -1.617  1.00 44.16 ? 295 HOH B O   1 
HETATM 1422 O O   . HOH G 4 .  ? -3.822  4.706   22.538  1.00 49.36 ? 296 HOH B O   1 
HETATM 1423 O O   . HOH G 4 .  ? -3.676  -16.884 9.496   0.83 36.18 ? 297 HOH B O   1 
HETATM 1424 O O   . HOH G 4 .  ? -9.740  -19.151 11.347  1.00 30.66 ? 298 HOH B O   1 
HETATM 1425 O O   . HOH G 4 .  ? -11.806 -15.227 17.554  1.00 37.90 ? 299 HOH B O   1 
HETATM 1426 O O   . HOH G 4 .  ? -5.481  -18.746 11.601  1.00 40.38 ? 300 HOH B O   1 
HETATM 1427 O O   . HOH G 4 .  ? -21.021 -7.768  5.245   1.00 36.08 ? 301 HOH B O   1 
HETATM 1428 O O   . HOH G 4 .  ? 2.107   -4.763  -11.979 1.00 30.32 ? 302 HOH B O   1 
HETATM 1429 O O   . HOH G 4 .  ? -0.527  5.604   4.755   1.00 26.47 ? 303 HOH B O   1 
HETATM 1430 O O   . HOH G 4 .  ? 4.768   -9.697  10.802  1.00 47.78 ? 304 HOH B O   1 
HETATM 1431 O O   . HOH G 4 .  ? -4.311  -15.081 12.934  1.00 38.46 ? 305 HOH B O   1 
HETATM 1432 O O   . HOH G 4 .  ? -0.751  -12.736 -3.924  1.00 33.77 ? 306 HOH B O   1 
HETATM 1433 O O   . HOH G 4 .  ? -20.668 -5.316  3.849   1.00 41.09 ? 307 HOH B O   1 
HETATM 1434 O O   . HOH G 4 .  ? -20.232 -14.723 17.832  1.00 35.85 ? 308 HOH B O   1 
HETATM 1435 O O   . HOH G 4 .  ? -8.746  -20.104 9.060   1.00 26.27 ? 309 HOH B O   1 
HETATM 1436 O O   . HOH G 4 .  ? 1.094   -9.155  -1.077  1.00 27.83 ? 310 HOH B O   1 
HETATM 1437 O O   . HOH G 4 .  ? -5.473  6.920   11.322  1.00 42.48 ? 311 HOH B O   1 
HETATM 1438 O O   . HOH G 4 .  ? -8.567  -12.631 17.407  1.00 24.42 ? 312 HOH B O   1 
HETATM 1439 O O   . HOH G 4 .  ? -20.561 -14.337 15.155  1.00 42.21 ? 313 HOH B O   1 
HETATM 1440 O O   . HOH G 4 .  ? -17.492 -16.429 16.776  1.00 39.03 ? 314 HOH B O   1 
HETATM 1441 O O   . HOH G 4 .  ? -8.826  -19.893 6.754   1.00 26.25 ? 315 HOH B O   1 
HETATM 1442 O O   . HOH G 4 .  ? -4.956  -18.697 7.000   1.00 32.52 ? 316 HOH B O   1 
HETATM 1443 O O   . HOH G 4 .  ? -6.056  -11.284 17.981  1.00 26.39 ? 317 HOH B O   1 
HETATM 1444 O O   . HOH G 4 .  ? -21.220 -18.474 21.068  0.68 33.83 ? 318 HOH B O   1 
HETATM 1445 O O   . HOH H 4 .  ? 25.221  -6.359  -1.917  1.00 28.46 ? 201 HOH C O   1 
HETATM 1446 O O   . HOH H 4 .  ? -1.702  4.008   -15.312 1.00 36.58 ? 202 HOH C O   1 
HETATM 1447 O O   . HOH H 4 .  ? 4.427   -4.720  -13.046 1.00 29.82 ? 203 HOH C O   1 
HETATM 1448 O O   . HOH H 4 .  ? 15.691  -3.945  -9.686  1.00 12.91 ? 204 HOH C O   1 
HETATM 1449 O O   . HOH H 4 .  ? 13.146  -2.654  -15.672 1.00 20.40 ? 205 HOH C O   1 
HETATM 1450 O O   . HOH H 4 .  ? -1.624  5.305   -4.075  1.00 13.80 ? 206 HOH C O   1 
HETATM 1451 O O   . HOH H 4 .  ? 8.330   -5.503  -10.799 1.00 20.52 ? 207 HOH C O   1 
HETATM 1452 O O   . HOH H 4 .  ? 19.500  -7.333  -1.898  1.00 19.23 ? 208 HOH C O   1 
HETATM 1453 O O   . HOH H 4 .  ? 5.609   0.517   -16.430 1.00 30.73 ? 209 HOH C O   1 
HETATM 1454 O O   . HOH H 4 .  ? 22.961  2.761   -7.176  1.00 30.32 ? 210 HOH C O   1 
HETATM 1455 O O   . HOH H 4 .  ? 8.836   -3.586  -17.447 1.00 27.79 ? 211 HOH C O   1 
HETATM 1456 O O   . HOH H 4 .  ? -1.040  -0.550  -11.457 1.00 17.47 ? 212 HOH C O   1 
HETATM 1457 O O   . HOH H 4 .  ? 2.627   3.399   -15.363 1.00 25.68 ? 213 HOH C O   1 
HETATM 1458 O O   . HOH H 4 .  ? 13.225  -5.945  -18.511 1.00 40.12 ? 214 HOH C O   1 
HETATM 1459 O O   . HOH H 4 .  ? 2.926   -5.482  -15.856 0.72 38.70 ? 215 HOH C O   1 
HETATM 1460 O O   . HOH I 4 .  ? -20.826 -14.581 -3.366  1.00 38.38 ? 301 HOH D O   1 
HETATM 1461 O O   . HOH I 4 .  ? -8.366  -11.567 -5.585  1.00 21.05 ? 302 HOH D O   1 
HETATM 1462 O O   . HOH I 4 .  ? -14.970 -11.571 -7.851  1.00 34.80 ? 303 HOH D O   1 
HETATM 1463 O O   . HOH I 4 .  ? -8.862  5.840   -11.268 1.00 14.70 ? 304 HOH D O   1 
HETATM 1464 O O   . HOH I 4 .  ? -15.998 1.317   -13.752 1.00 30.95 ? 305 HOH D O   1 
HETATM 1465 O O   . HOH I 4 .  ? -12.018 -4.532  -7.443  1.00 19.20 ? 306 HOH D O   1 
HETATM 1466 O O   . HOH I 4 .  ? -20.107 -6.730  -4.436  1.00 28.76 ? 307 HOH D O   1 
HETATM 1467 O O   . HOH I 4 .  ? -14.996 -8.433  -8.227  1.00 27.49 ? 308 HOH D O   1 
HETATM 1468 O O   . HOH I 4 .  ? -10.710 1.983   -3.987  1.00 15.25 ? 309 HOH D O   1 
HETATM 1469 O O   . HOH I 4 .  ? -19.194 -17.817 -2.761  1.00 28.23 ? 310 HOH D O   1 
HETATM 1470 O O   . HOH I 4 .  ? -16.329 -14.184 -4.503  1.00 28.26 ? 311 HOH D O   1 
HETATM 1471 O O   . HOH I 4 .  ? -3.568  10.347  -0.155  1.00 27.21 ? 312 HOH D O   1 
HETATM 1472 O O   . HOH I 4 .  ? -8.715  -14.256 -2.987  1.00 20.53 ? 313 HOH D O   1 
HETATM 1473 O O   . HOH I 4 .  ? -11.568 -16.304 -0.227  1.00 27.27 ? 314 HOH D O   1 
HETATM 1474 O O   . HOH I 4 .  ? -18.802 -2.772  -8.100  1.00 28.85 ? 315 HOH D O   1 
HETATM 1475 O O   . HOH I 4 .  ? -21.029 -10.098 -2.603  1.00 31.81 ? 316 HOH D O   1 
HETATM 1476 O O   . HOH I 4 .  ? -16.951 -19.208 0.755   1.00 27.33 ? 317 HOH D O   1 
HETATM 1477 O O   . HOH I 4 .  ? -18.288 4.507   -10.431 1.00 37.86 ? 318 HOH D O   1 
HETATM 1478 O O   . HOH I 4 .  ? -16.336 -13.652 -7.166  1.00 40.55 ? 319 HOH D O   1 
HETATM 1479 O O   . HOH I 4 .  ? -2.151  8.220   1.937   1.00 28.10 ? 320 HOH D O   1 
HETATM 1480 O O   . HOH I 4 .  ? -2.169  12.815  -0.236  1.00 36.48 ? 321 HOH D O   1 
HETATM 1481 O O   . HOH I 4 .  ? -17.512 -9.218  -9.976  1.00 40.85 ? 322 HOH D O   1 
HETATM 1482 O O   . HOH I 4 .  ? -19.399 -7.746  -9.635  1.00 43.70 ? 323 HOH D O   1 
HETATM 1483 O O   . HOH I 4 .  ? -14.850 -19.427 2.561   1.00 22.61 ? 324 HOH D O   1 
HETATM 1484 O O   . HOH I 4 .  ? -18.494 -13.974 -8.823  0.82 36.74 ? 325 HOH D O   1 
# 
loop_
_pdbx_poly_seq_scheme.asym_id 
_pdbx_poly_seq_scheme.entity_id 
_pdbx_poly_seq_scheme.seq_id 
_pdbx_poly_seq_scheme.mon_id 
_pdbx_poly_seq_scheme.ndb_seq_num 
_pdbx_poly_seq_scheme.pdb_seq_num 
_pdbx_poly_seq_scheme.auth_seq_num 
_pdbx_poly_seq_scheme.pdb_mon_id 
_pdbx_poly_seq_scheme.auth_mon_id 
_pdbx_poly_seq_scheme.pdb_strand_id 
_pdbx_poly_seq_scheme.pdb_ins_code 
_pdbx_poly_seq_scheme.hetero 
A 1 1  GLY 1  102 ?   ?   ?   A . n 
A 1 2  PRO 2  103 ?   ?   ?   A . n 
A 1 3  GLY 3  104 ?   ?   ?   A . n 
A 1 4  SER 4  105 ?   ?   ?   A . n 
A 1 5  GLU 5  106 ?   ?   ?   A . n 
A 1 6  PHE 6  107 ?   ?   ?   A . n 
A 1 7  ARG 7  108 108 ARG ARG A . n 
A 1 8  ARG 8  109 109 ARG ARG A . n 
A 1 9  ARG 9  110 110 ARG ARG A . n 
A 1 10 ARG 10 111 111 ARG ARG A . n 
A 1 11 ARG 11 112 112 ARG ARG A . n 
A 1 12 CYS 12 113 113 CYS CYS A . n 
A 1 13 GLN 13 114 114 GLN GLN A . n 
A 1 14 VAL 14 115 115 VAL VAL A . n 
A 1 15 ALA 15 116 116 ALA ALA A . n 
A 1 16 PHE 16 117 117 PHE PHE A . n 
A 1 17 SER 17 118 118 SER SER A . n 
A 1 18 TYR 18 119 119 TYR TYR A . n 
A 1 19 LEU 19 120 120 LEU LEU A . n 
A 1 20 PRO 20 121 121 PRO PRO A . n 
A 1 21 GLN 21 122 122 GLN GLN A . n 
A 1 22 ASN 22 123 123 ASN ASN A . n 
A 1 23 ASP 23 124 124 ASP ASP A . n 
A 1 24 ASP 24 125 125 ASP ASP A . n 
A 1 25 GLU 25 126 126 GLU GLU A . n 
A 1 26 LEU 26 127 127 LEU LEU A . n 
A 1 27 GLU 27 128 128 GLU GLU A . n 
A 1 28 LEU 28 129 129 LEU LEU A . n 
A 1 29 LYS 29 130 130 LYS LYS A . n 
A 1 30 VAL 30 131 131 VAL VAL A . n 
A 1 31 GLY 31 132 132 GLY GLY A . n 
A 1 32 ASP 32 133 133 ASP ASP A . n 
A 1 33 ILE 33 134 134 ILE ILE A . n 
A 1 34 ILE 34 135 135 ILE ILE A . n 
A 1 35 GLU 35 136 136 GLU GLU A . n 
A 1 36 VAL 36 137 137 VAL VAL A . n 
A 1 37 VAL 37 138 138 VAL VAL A . n 
A 1 38 GLY 38 139 139 GLY GLY A . n 
A 1 39 GLU 39 140 140 GLU GLU A . n 
A 1 40 VAL 40 141 141 VAL VAL A . n 
A 1 41 GLU 41 142 142 GLU GLU A . n 
A 1 42 GLU 42 143 143 GLU GLU A . n 
A 1 43 GLY 43 144 144 GLY GLY A . n 
A 1 44 TRP 44 145 145 TRP TRP A . n 
A 1 45 TRP 45 146 146 TRP TRP A . n 
A 1 46 GLU 46 147 147 GLU GLU A . n 
A 1 47 GLY 47 148 148 GLY GLY A . n 
A 1 48 VAL 48 149 149 VAL VAL A . n 
A 1 49 LEU 49 150 150 LEU LEU A . n 
A 1 50 ASN 50 151 151 ASN ASN A . n 
A 1 51 GLY 51 152 152 GLY GLY A . n 
A 1 52 LYS 52 153 153 LYS LYS A . n 
A 1 53 THR 53 154 154 THR THR A . n 
A 1 54 GLY 54 155 155 GLY GLY A . n 
A 1 55 MET 55 156 156 MET MET A . n 
A 1 56 PHE 56 157 157 PHE PHE A . n 
A 1 57 PRO 57 158 158 PRO PRO A . n 
A 1 58 SER 58 159 159 SER SER A . n 
A 1 59 ASN 59 160 160 ASN ASN A . n 
A 1 60 PHE 60 161 161 PHE PHE A . n 
A 1 61 ILE 61 162 162 ILE ILE A . n 
A 1 62 LYS 62 163 163 LYS LYS A . n 
A 1 63 GLU 63 164 164 GLU GLU A . n 
A 1 64 LEU 64 165 165 LEU LEU A . n 
A 1 65 SER 65 166 166 SER SER A . n 
A 1 66 GLY 66 167 167 GLY GLY A . n 
B 1 1  GLY 1  102 ?   ?   ?   B . n 
B 1 2  PRO 2  103 ?   ?   ?   B . n 
B 1 3  GLY 3  104 ?   ?   ?   B . n 
B 1 4  SER 4  105 ?   ?   ?   B . n 
B 1 5  GLU 5  106 ?   ?   ?   B . n 
B 1 6  PHE 6  107 ?   ?   ?   B . n 
B 1 7  ARG 7  108 ?   ?   ?   B . n 
B 1 8  ARG 8  109 109 ARG ARG B . n 
B 1 9  ARG 9  110 110 ARG ARG B . n 
B 1 10 ARG 10 111 111 ARG ARG B . n 
B 1 11 ARG 11 112 112 ARG ARG B . n 
B 1 12 CYS 12 113 113 CYS CYS B . n 
B 1 13 GLN 13 114 114 GLN GLN B . n 
B 1 14 VAL 14 115 115 VAL VAL B . n 
B 1 15 ALA 15 116 116 ALA ALA B . n 
B 1 16 PHE 16 117 117 PHE PHE B . n 
B 1 17 SER 17 118 118 SER SER B . n 
B 1 18 TYR 18 119 119 TYR TYR B . n 
B 1 19 LEU 19 120 120 LEU LEU B . n 
B 1 20 PRO 20 121 121 PRO PRO B . n 
B 1 21 GLN 21 122 122 GLN GLN B . n 
B 1 22 ASN 22 123 123 ASN ASN B . n 
B 1 23 ASP 23 124 124 ASP ASP B . n 
B 1 24 ASP 24 125 125 ASP ASP B . n 
B 1 25 GLU 25 126 126 GLU GLU B . n 
B 1 26 LEU 26 127 127 LEU LEU B . n 
B 1 27 GLU 27 128 128 GLU GLU B . n 
B 1 28 LEU 28 129 129 LEU LEU B . n 
B 1 29 LYS 29 130 130 LYS LYS B . n 
B 1 30 VAL 30 131 131 VAL VAL B . n 
B 1 31 GLY 31 132 132 GLY GLY B . n 
B 1 32 ASP 32 133 133 ASP ASP B . n 
B 1 33 ILE 33 134 134 ILE ILE B . n 
B 1 34 ILE 34 135 135 ILE ILE B . n 
B 1 35 GLU 35 136 136 GLU GLU B . n 
B 1 36 VAL 36 137 137 VAL VAL B . n 
B 1 37 VAL 37 138 138 VAL VAL B . n 
B 1 38 GLY 38 139 139 GLY GLY B . n 
B 1 39 GLU 39 140 140 GLU GLU B . n 
B 1 40 VAL 40 141 141 VAL VAL B . n 
B 1 41 GLU 41 142 142 GLU GLU B . n 
B 1 42 GLU 42 143 143 GLU GLU B . n 
B 1 43 GLY 43 144 144 GLY GLY B . n 
B 1 44 TRP 44 145 145 TRP TRP B . n 
B 1 45 TRP 45 146 146 TRP TRP B . n 
B 1 46 GLU 46 147 147 GLU GLU B . n 
B 1 47 GLY 47 148 148 GLY GLY B . n 
B 1 48 VAL 48 149 149 VAL VAL B . n 
B 1 49 LEU 49 150 150 LEU LEU B . n 
B 1 50 ASN 50 151 151 ASN ASN B . n 
B 1 51 GLY 51 152 152 GLY GLY B . n 
B 1 52 LYS 52 153 153 LYS LYS B . n 
B 1 53 THR 53 154 154 THR THR B . n 
B 1 54 GLY 54 155 155 GLY GLY B . n 
B 1 55 MET 55 156 156 MET MET B . n 
B 1 56 PHE 56 157 157 PHE PHE B . n 
B 1 57 PRO 57 158 158 PRO PRO B . n 
B 1 58 SER 58 159 159 SER SER B . n 
B 1 59 ASN 59 160 160 ASN ASN B . n 
B 1 60 PHE 60 161 161 PHE PHE B . n 
B 1 61 ILE 61 162 162 ILE ILE B . n 
B 1 62 LYS 62 163 163 LYS LYS B . n 
B 1 63 GLU 63 164 164 GLU GLU B . n 
B 1 64 LEU 64 165 165 LEU LEU B . n 
B 1 65 SER 65 166 166 SER SER B . n 
B 1 66 GLY 66 167 167 GLY GLY B . n 
C 2 1  ARG 1  159 159 ARG ARG C . n 
C 2 2  PRO 2  160 160 PRO PRO C . n 
C 2 3  VAL 3  161 161 VAL VAL C . n 
C 2 4  PRO 4  162 162 PRO PRO C . n 
C 2 5  MET 5  163 163 MET MET C . n 
C 2 6  LYS 6  164 164 LYS LYS C . n 
C 2 7  ARG 7  165 165 ARG ARG C . n 
C 2 8  HIS 8  166 166 HIS HIS C . n 
C 2 9  ILE 9  167 167 ILE ILE C . n 
C 2 10 PHE 10 168 168 PHE PHE C . n 
C 2 11 ARG 11 169 169 ARG ARG C . n 
D 2 1  ARG 1  133 133 ARG ARG D . n 
D 2 2  PRO 2  134 134 PRO PRO D . n 
D 2 3  VAL 3  135 135 VAL VAL D . n 
D 2 4  PRO 4  136 136 PRO PRO D . n 
D 2 5  MET 5  137 137 MET MET D . n 
D 2 6  LYS 6  138 138 LYS LYS D . n 
D 2 7  ARG 7  139 139 ARG ARG D . n 
D 2 8  HIS 8  140 140 HIS HIS D . n 
D 2 9  ILE 9  141 141 ILE ILE D . n 
D 2 10 PHE 10 142 142 PHE PHE D . n 
D 2 11 ARG 11 143 143 ARG ARG D . n 
# 
loop_
_pdbx_nonpoly_scheme.asym_id 
_pdbx_nonpoly_scheme.entity_id 
_pdbx_nonpoly_scheme.mon_id 
_pdbx_nonpoly_scheme.ndb_seq_num 
_pdbx_nonpoly_scheme.pdb_seq_num 
_pdbx_nonpoly_scheme.auth_seq_num 
_pdbx_nonpoly_scheme.pdb_mon_id 
_pdbx_nonpoly_scheme.auth_mon_id 
_pdbx_nonpoly_scheme.pdb_strand_id 
_pdbx_nonpoly_scheme.pdb_ins_code 
E 3 ACT 1   201 1   ACT ACT D . 
F 4 HOH 1   201 431 HOH HOH A . 
F 4 HOH 2   202 435 HOH HOH A . 
F 4 HOH 3   203 480 HOH HOH A . 
F 4 HOH 4   204 204 HOH HOH A . 
F 4 HOH 5   205 210 HOH HOH A . 
F 4 HOH 6   206 179 HOH HOH A . 
F 4 HOH 7   207 169 HOH HOH A . 
F 4 HOH 8   208 206 HOH HOH A . 
F 4 HOH 9   209 106 HOH HOH A . 
F 4 HOH 10  210 157 HOH HOH A . 
F 4 HOH 11  211 147 HOH HOH A . 
F 4 HOH 12  212 65  HOH HOH A . 
F 4 HOH 13  213 58  HOH HOH A . 
F 4 HOH 14  214 178 HOH HOH A . 
F 4 HOH 15  215 98  HOH HOH A . 
F 4 HOH 16  216 140 HOH HOH A . 
F 4 HOH 17  217 48  HOH HOH A . 
F 4 HOH 18  218 447 HOH HOH A . 
F 4 HOH 19  219 107 HOH HOH A . 
F 4 HOH 20  220 7   HOH HOH A . 
F 4 HOH 21  221 101 HOH HOH A . 
F 4 HOH 22  222 160 HOH HOH A . 
F 4 HOH 23  223 18  HOH HOH A . 
F 4 HOH 24  224 47  HOH HOH A . 
F 4 HOH 25  225 181 HOH HOH A . 
F 4 HOH 26  226 132 HOH HOH A . 
F 4 HOH 27  227 139 HOH HOH A . 
F 4 HOH 28  228 103 HOH HOH A . 
F 4 HOH 29  229 116 HOH HOH A . 
F 4 HOH 30  230 97  HOH HOH A . 
F 4 HOH 31  231 145 HOH HOH A . 
F 4 HOH 32  232 32  HOH HOH A . 
F 4 HOH 33  233 126 HOH HOH A . 
F 4 HOH 34  234 1   HOH HOH A . 
F 4 HOH 35  235 153 HOH HOH A . 
F 4 HOH 36  236 5   HOH HOH A . 
F 4 HOH 37  237 144 HOH HOH A . 
F 4 HOH 38  238 82  HOH HOH A . 
F 4 HOH 39  239 146 HOH HOH A . 
F 4 HOH 40  240 154 HOH HOH A . 
F 4 HOH 41  241 55  HOH HOH A . 
F 4 HOH 42  242 13  HOH HOH A . 
F 4 HOH 43  243 84  HOH HOH A . 
F 4 HOH 44  244 8   HOH HOH A . 
F 4 HOH 45  245 142 HOH HOH A . 
F 4 HOH 46  246 152 HOH HOH A . 
F 4 HOH 47  247 127 HOH HOH A . 
F 4 HOH 48  248 10  HOH HOH A . 
F 4 HOH 49  249 117 HOH HOH A . 
F 4 HOH 50  250 23  HOH HOH A . 
F 4 HOH 51  251 20  HOH HOH A . 
F 4 HOH 52  252 403 HOH HOH A . 
F 4 HOH 53  253 35  HOH HOH A . 
F 4 HOH 54  254 137 HOH HOH A . 
F 4 HOH 55  255 66  HOH HOH A . 
F 4 HOH 56  256 420 HOH HOH A . 
F 4 HOH 57  257 471 HOH HOH A . 
F 4 HOH 58  258 83  HOH HOH A . 
F 4 HOH 59  259 221 HOH HOH A . 
F 4 HOH 60  260 34  HOH HOH A . 
F 4 HOH 61  261 162 HOH HOH A . 
F 4 HOH 62  262 31  HOH HOH A . 
F 4 HOH 63  263 46  HOH HOH A . 
F 4 HOH 64  264 494 HOH HOH A . 
F 4 HOH 65  265 78  HOH HOH A . 
F 4 HOH 66  266 62  HOH HOH A . 
F 4 HOH 67  267 30  HOH HOH A . 
F 4 HOH 68  268 182 HOH HOH A . 
F 4 HOH 69  269 128 HOH HOH A . 
F 4 HOH 70  270 216 HOH HOH A . 
F 4 HOH 71  271 487 HOH HOH A . 
F 4 HOH 72  272 112 HOH HOH A . 
F 4 HOH 73  273 192 HOH HOH A . 
F 4 HOH 74  274 190 HOH HOH A . 
F 4 HOH 75  275 218 HOH HOH A . 
F 4 HOH 76  276 496 HOH HOH A . 
F 4 HOH 77  277 183 HOH HOH A . 
F 4 HOH 78  278 53  HOH HOH A . 
F 4 HOH 79  279 481 HOH HOH A . 
F 4 HOH 80  280 113 HOH HOH A . 
F 4 HOH 81  281 89  HOH HOH A . 
F 4 HOH 82  282 440 HOH HOH A . 
F 4 HOH 83  283 168 HOH HOH A . 
F 4 HOH 84  284 353 HOH HOH A . 
F 4 HOH 85  285 493 HOH HOH A . 
F 4 HOH 86  286 402 HOH HOH A . 
F 4 HOH 87  287 404 HOH HOH A . 
F 4 HOH 88  288 115 HOH HOH A . 
F 4 HOH 89  289 434 HOH HOH A . 
F 4 HOH 90  290 114 HOH HOH A . 
F 4 HOH 91  291 418 HOH HOH A . 
F 4 HOH 92  292 350 HOH HOH A . 
F 4 HOH 93  293 88  HOH HOH A . 
F 4 HOH 94  294 102 HOH HOH A . 
F 4 HOH 95  295 405 HOH HOH A . 
F 4 HOH 96  296 111 HOH HOH A . 
F 4 HOH 97  297 202 HOH HOH A . 
F 4 HOH 98  298 90  HOH HOH A . 
F 4 HOH 99  299 64  HOH HOH A . 
F 4 HOH 100 300 87  HOH HOH A . 
F 4 HOH 101 301 442 HOH HOH A . 
F 4 HOH 102 302 441 HOH HOH A . 
F 4 HOH 103 303 349 HOH HOH A . 
F 4 HOH 104 304 189 HOH HOH A . 
F 4 HOH 105 305 489 HOH HOH A . 
F 4 HOH 106 306 356 HOH HOH A . 
F 4 HOH 107 307 347 HOH HOH A . 
F 4 HOH 108 308 491 HOH HOH A . 
G 4 HOH 1   201 177 HOH HOH B . 
G 4 HOH 2   202 461 HOH HOH B . 
G 4 HOH 3   203 468 HOH HOH B . 
G 4 HOH 4   204 45  HOH HOH B . 
G 4 HOH 5   205 131 HOH HOH B . 
G 4 HOH 6   206 80  HOH HOH B . 
G 4 HOH 7   207 134 HOH HOH B . 
G 4 HOH 8   208 188 HOH HOH B . 
G 4 HOH 9   209 96  HOH HOH B . 
G 4 HOH 10  210 499 HOH HOH B . 
G 4 HOH 11  211 68  HOH HOH B . 
G 4 HOH 12  212 498 HOH HOH B . 
G 4 HOH 13  213 95  HOH HOH B . 
G 4 HOH 14  214 351 HOH HOH B . 
G 4 HOH 15  215 37  HOH HOH B . 
G 4 HOH 16  216 457 HOH HOH B . 
G 4 HOH 17  217 166 HOH HOH B . 
G 4 HOH 18  218 28  HOH HOH B . 
G 4 HOH 19  219 24  HOH HOH B . 
G 4 HOH 20  220 199 HOH HOH B . 
G 4 HOH 21  221 171 HOH HOH B . 
G 4 HOH 22  222 4   HOH HOH B . 
G 4 HOH 23  223 19  HOH HOH B . 
G 4 HOH 24  224 74  HOH HOH B . 
G 4 HOH 25  225 463 HOH HOH B . 
G 4 HOH 26  226 72  HOH HOH B . 
G 4 HOH 27  227 143 HOH HOH B . 
G 4 HOH 28  228 41  HOH HOH B . 
G 4 HOH 29  229 460 HOH HOH B . 
G 4 HOH 30  230 100 HOH HOH B . 
G 4 HOH 31  231 14  HOH HOH B . 
G 4 HOH 32  232 61  HOH HOH B . 
G 4 HOH 33  233 51  HOH HOH B . 
G 4 HOH 34  234 29  HOH HOH B . 
G 4 HOH 35  235 56  HOH HOH B . 
G 4 HOH 36  236 43  HOH HOH B . 
G 4 HOH 37  237 11  HOH HOH B . 
G 4 HOH 38  238 12  HOH HOH B . 
G 4 HOH 39  239 63  HOH HOH B . 
G 4 HOH 40  240 75  HOH HOH B . 
G 4 HOH 41  241 25  HOH HOH B . 
G 4 HOH 42  242 165 HOH HOH B . 
G 4 HOH 43  243 50  HOH HOH B . 
G 4 HOH 44  244 9   HOH HOH B . 
G 4 HOH 45  245 406 HOH HOH B . 
G 4 HOH 46  246 205 HOH HOH B . 
G 4 HOH 47  247 151 HOH HOH B . 
G 4 HOH 48  248 17  HOH HOH B . 
G 4 HOH 49  249 200 HOH HOH B . 
G 4 HOH 50  250 39  HOH HOH B . 
G 4 HOH 51  251 141 HOH HOH B . 
G 4 HOH 52  252 42  HOH HOH B . 
G 4 HOH 53  253 81  HOH HOH B . 
G 4 HOH 54  254 40  HOH HOH B . 
G 4 HOH 55  255 57  HOH HOH B . 
G 4 HOH 56  256 44  HOH HOH B . 
G 4 HOH 57  257 77  HOH HOH B . 
G 4 HOH 58  258 2   HOH HOH B . 
G 4 HOH 59  259 76  HOH HOH B . 
G 4 HOH 60  260 71  HOH HOH B . 
G 4 HOH 61  261 158 HOH HOH B . 
G 4 HOH 62  262 26  HOH HOH B . 
G 4 HOH 63  263 60  HOH HOH B . 
G 4 HOH 64  264 22  HOH HOH B . 
G 4 HOH 65  265 184 HOH HOH B . 
G 4 HOH 66  266 502 HOH HOH B . 
G 4 HOH 67  267 85  HOH HOH B . 
G 4 HOH 68  268 462 HOH HOH B . 
G 4 HOH 69  269 73  HOH HOH B . 
G 4 HOH 70  270 483 HOH HOH B . 
G 4 HOH 71  271 33  HOH HOH B . 
G 4 HOH 72  272 470 HOH HOH B . 
G 4 HOH 73  273 466 HOH HOH B . 
G 4 HOH 74  274 191 HOH HOH B . 
G 4 HOH 75  275 427 HOH HOH B . 
G 4 HOH 76  276 129 HOH HOH B . 
G 4 HOH 77  277 459 HOH HOH B . 
G 4 HOH 78  278 449 HOH HOH B . 
G 4 HOH 79  279 198 HOH HOH B . 
G 4 HOH 80  280 108 HOH HOH B . 
G 4 HOH 81  281 105 HOH HOH B . 
G 4 HOH 82  282 196 HOH HOH B . 
G 4 HOH 83  283 473 HOH HOH B . 
G 4 HOH 84  284 136 HOH HOH B . 
G 4 HOH 85  285 445 HOH HOH B . 
G 4 HOH 86  286 197 HOH HOH B . 
G 4 HOH 87  287 467 HOH HOH B . 
G 4 HOH 88  288 458 HOH HOH B . 
G 4 HOH 89  289 104 HOH HOH B . 
G 4 HOH 90  290 170 HOH HOH B . 
G 4 HOH 91  291 119 HOH HOH B . 
G 4 HOH 92  292 217 HOH HOH B . 
G 4 HOH 93  293 476 HOH HOH B . 
G 4 HOH 94  294 409 HOH HOH B . 
G 4 HOH 95  295 482 HOH HOH B . 
G 4 HOH 96  296 428 HOH HOH B . 
G 4 HOH 97  297 503 HOH HOH B . 
G 4 HOH 98  298 121 HOH HOH B . 
G 4 HOH 99  299 478 HOH HOH B . 
G 4 HOH 100 300 425 HOH HOH B . 
G 4 HOH 101 301 167 HOH HOH B . 
G 4 HOH 102 302 94  HOH HOH B . 
G 4 HOH 103 303 52  HOH HOH B . 
G 4 HOH 104 304 469 HOH HOH B . 
G 4 HOH 105 305 209 HOH HOH B . 
G 4 HOH 106 306 407 HOH HOH B . 
G 4 HOH 107 307 443 HOH HOH B . 
G 4 HOH 108 308 497 HOH HOH B . 
G 4 HOH 109 309 120 HOH HOH B . 
G 4 HOH 110 310 49  HOH HOH B . 
G 4 HOH 111 311 408 HOH HOH B . 
G 4 HOH 112 312 122 HOH HOH B . 
G 4 HOH 113 313 423 HOH HOH B . 
G 4 HOH 114 314 222 HOH HOH B . 
G 4 HOH 115 315 433 HOH HOH B . 
G 4 HOH 116 316 123 HOH HOH B . 
G 4 HOH 117 317 125 HOH HOH B . 
G 4 HOH 118 318 506 HOH HOH B . 
H 4 HOH 1   201 110 HOH HOH C . 
H 4 HOH 2   202 509 HOH HOH C . 
H 4 HOH 3   203 69  HOH HOH C . 
H 4 HOH 4   204 3   HOH HOH C . 
H 4 HOH 5   205 59  HOH HOH C . 
H 4 HOH 6   206 15  HOH HOH C . 
H 4 HOH 7   207 38  HOH HOH C . 
H 4 HOH 8   208 21  HOH HOH C . 
H 4 HOH 9   209 91  HOH HOH C . 
H 4 HOH 10  210 175 HOH HOH C . 
H 4 HOH 11  211 86  HOH HOH C . 
H 4 HOH 12  212 27  HOH HOH C . 
H 4 HOH 13  213 93  HOH HOH C . 
H 4 HOH 14  214 475 HOH HOH C . 
H 4 HOH 15  215 505 HOH HOH C . 
I 4 HOH 1   301 419 HOH HOH D . 
I 4 HOH 2   302 36  HOH HOH D . 
I 4 HOH 3   303 193 HOH HOH D . 
I 4 HOH 4   304 6   HOH HOH D . 
I 4 HOH 5   305 156 HOH HOH D . 
I 4 HOH 6   306 118 HOH HOH D . 
I 4 HOH 7   307 138 HOH HOH D . 
I 4 HOH 8   308 124 HOH HOH D . 
I 4 HOH 9   309 16  HOH HOH D . 
I 4 HOH 10  310 155 HOH HOH D . 
I 4 HOH 11  311 92  HOH HOH D . 
I 4 HOH 12  312 135 HOH HOH D . 
I 4 HOH 13  313 54  HOH HOH D . 
I 4 HOH 14  314 130 HOH HOH D . 
I 4 HOH 15  315 465 HOH HOH D . 
I 4 HOH 16  316 109 HOH HOH D . 
I 4 HOH 17  317 148 HOH HOH D . 
I 4 HOH 18  318 414 HOH HOH D . 
I 4 HOH 19  319 421 HOH HOH D . 
I 4 HOH 20  320 357 HOH HOH D . 
I 4 HOH 21  321 400 HOH HOH D . 
I 4 HOH 22  322 355 HOH HOH D . 
I 4 HOH 23  323 448 HOH HOH D . 
I 4 HOH 24  324 70  HOH HOH D . 
I 4 HOH 25  325 479 HOH HOH D . 
# 
loop_
_pdbx_struct_assembly.id 
_pdbx_struct_assembly.details 
_pdbx_struct_assembly.method_details 
_pdbx_struct_assembly.oligomeric_details 
_pdbx_struct_assembly.oligomeric_count 
1 author_and_software_defined_assembly PISA dimeric 2 
2 author_and_software_defined_assembly PISA dimeric 2 
# 
loop_
_pdbx_struct_assembly_gen.assembly_id 
_pdbx_struct_assembly_gen.oper_expression 
_pdbx_struct_assembly_gen.asym_id_list 
1 1 A,C,F,H   
2 1 B,D,E,G,I 
# 
loop_
_pdbx_struct_assembly_prop.biol_id 
_pdbx_struct_assembly_prop.type 
_pdbx_struct_assembly_prop.value 
_pdbx_struct_assembly_prop.details 
1 'ABSA (A^2)' 1230 ? 
1 MORE         -3   ? 
1 'SSA (A^2)'  5120 ? 
2 'ABSA (A^2)' 1270 ? 
2 MORE         -5   ? 
2 'SSA (A^2)'  5060 ? 
# 
_pdbx_struct_oper_list.id                   1 
_pdbx_struct_oper_list.type                 'identity operation' 
_pdbx_struct_oper_list.name                 1_555 
_pdbx_struct_oper_list.symmetry_operation   x,y,z 
_pdbx_struct_oper_list.matrix[1][1]         1.0000000000 
_pdbx_struct_oper_list.matrix[1][2]         0.0000000000 
_pdbx_struct_oper_list.matrix[1][3]         0.0000000000 
_pdbx_struct_oper_list.vector[1]            0.0000000000 
_pdbx_struct_oper_list.matrix[2][1]         0.0000000000 
_pdbx_struct_oper_list.matrix[2][2]         1.0000000000 
_pdbx_struct_oper_list.matrix[2][3]         0.0000000000 
_pdbx_struct_oper_list.vector[2]            0.0000000000 
_pdbx_struct_oper_list.matrix[3][1]         0.0000000000 
_pdbx_struct_oper_list.matrix[3][2]         0.0000000000 
_pdbx_struct_oper_list.matrix[3][3]         1.0000000000 
_pdbx_struct_oper_list.vector[3]            0.0000000000 
# 
loop_
_pdbx_audit_revision_history.ordinal 
_pdbx_audit_revision_history.data_content_type 
_pdbx_audit_revision_history.major_revision 
_pdbx_audit_revision_history.minor_revision 
_pdbx_audit_revision_history.revision_date 
1 'Structure model' 1 0 2018-04-11 
2 'Structure model' 1 1 2018-04-25 
3 'Structure model' 1 2 2023-11-22 
# 
_pdbx_audit_revision_details.ordinal             1 
_pdbx_audit_revision_details.revision_ordinal    1 
_pdbx_audit_revision_details.data_content_type   'Structure model' 
_pdbx_audit_revision_details.provider            repository 
_pdbx_audit_revision_details.type                'Initial release' 
_pdbx_audit_revision_details.description         ? 
_pdbx_audit_revision_details.details             ? 
# 
loop_
_pdbx_audit_revision_group.ordinal 
_pdbx_audit_revision_group.revision_ordinal 
_pdbx_audit_revision_group.data_content_type 
_pdbx_audit_revision_group.group 
1 2 'Structure model' 'Data collection'        
2 2 'Structure model' 'Database references'    
3 3 'Structure model' 'Data collection'        
4 3 'Structure model' 'Database references'    
5 3 'Structure model' 'Refinement description' 
# 
loop_
_pdbx_audit_revision_category.ordinal 
_pdbx_audit_revision_category.revision_ordinal 
_pdbx_audit_revision_category.data_content_type 
_pdbx_audit_revision_category.category 
1 2 'Structure model' citation                      
2 3 'Structure model' chem_comp_atom                
3 3 'Structure model' chem_comp_bond                
4 3 'Structure model' database_2                    
5 3 'Structure model' pdbx_initial_refinement_model 
# 
loop_
_pdbx_audit_revision_item.ordinal 
_pdbx_audit_revision_item.revision_ordinal 
_pdbx_audit_revision_item.data_content_type 
_pdbx_audit_revision_item.item 
1 2 'Structure model' '_citation.journal_volume'            
2 2 'Structure model' '_citation.page_first'                
3 2 'Structure model' '_citation.page_last'                 
4 3 'Structure model' '_database_2.pdbx_DOI'                
5 3 'Structure model' '_database_2.pdbx_database_accession' 
# 
loop_
_software.citation_id 
_software.classification 
_software.compiler_name 
_software.compiler_version 
_software.contact_author 
_software.contact_author_email 
_software.date 
_software.description 
_software.dependencies 
_software.hardware 
_software.language 
_software.location 
_software.mods 
_software.name 
_software.os 
_software.os_version 
_software.type 
_software.version 
_software.pdbx_ordinal 
? 'data collection' ? ? ? ? ? ? ? ? ? ? ? HKL-2000    ? ? ? .               1 
? 'data scaling'    ? ? ? ? ? ? ? ? ? ? ? HKL-2000    ? ? ? .               2 
? refinement        ? ? ? ? ? ? ? ? ? ? ? PHENIX      ? ? ? '(1.11.1_2575)' 3 
? 'data extraction' ? ? ? ? ? ? ? ? ? ? ? PDB_EXTRACT ? ? ? 3.22            4 
? 'data reduction'  ? ? ? ? ? ? ? ? ? ? ? HKL-2000    ? ? ? .               5 
? phasing           ? ? ? ? ? ? ? ? ? ? ? PHASER      ? ? ? .               6 
# 
loop_
_pdbx_validate_close_contact.id 
_pdbx_validate_close_contact.PDB_model_num 
_pdbx_validate_close_contact.auth_atom_id_1 
_pdbx_validate_close_contact.auth_asym_id_1 
_pdbx_validate_close_contact.auth_comp_id_1 
_pdbx_validate_close_contact.auth_seq_id_1 
_pdbx_validate_close_contact.PDB_ins_code_1 
_pdbx_validate_close_contact.label_alt_id_1 
_pdbx_validate_close_contact.auth_atom_id_2 
_pdbx_validate_close_contact.auth_asym_id_2 
_pdbx_validate_close_contact.auth_comp_id_2 
_pdbx_validate_close_contact.auth_seq_id_2 
_pdbx_validate_close_contact.PDB_ins_code_2 
_pdbx_validate_close_contact.label_alt_id_2 
_pdbx_validate_close_contact.dist 
1 1 O   A HOH 215 ? ? O A HOH 237 ? ? 2.12 
2 1 O   B HOH 216 ? ? O B HOH 267 ? ? 2.18 
3 1 OE2 B GLU 140 ? B O B HOH 201 ? ? 2.18 
# 
loop_
_pdbx_distant_solvent_atoms.id 
_pdbx_distant_solvent_atoms.PDB_model_num 
_pdbx_distant_solvent_atoms.auth_atom_id 
_pdbx_distant_solvent_atoms.label_alt_id 
_pdbx_distant_solvent_atoms.auth_asym_id 
_pdbx_distant_solvent_atoms.auth_comp_id 
_pdbx_distant_solvent_atoms.auth_seq_id 
_pdbx_distant_solvent_atoms.PDB_ins_code 
_pdbx_distant_solvent_atoms.neighbor_macromolecule_distance 
_pdbx_distant_solvent_atoms.neighbor_ligand_distance 
1 1 O ? B HOH 318 ? 8.18 . 
2 1 O ? D HOH 325 ? 6.50 . 
# 
loop_
_pdbx_unobs_or_zero_occ_atoms.id 
_pdbx_unobs_or_zero_occ_atoms.PDB_model_num 
_pdbx_unobs_or_zero_occ_atoms.polymer_flag 
_pdbx_unobs_or_zero_occ_atoms.occupancy_flag 
_pdbx_unobs_or_zero_occ_atoms.auth_asym_id 
_pdbx_unobs_or_zero_occ_atoms.auth_comp_id 
_pdbx_unobs_or_zero_occ_atoms.auth_seq_id 
_pdbx_unobs_or_zero_occ_atoms.PDB_ins_code 
_pdbx_unobs_or_zero_occ_atoms.auth_atom_id 
_pdbx_unobs_or_zero_occ_atoms.label_alt_id 
_pdbx_unobs_or_zero_occ_atoms.label_asym_id 
_pdbx_unobs_or_zero_occ_atoms.label_comp_id 
_pdbx_unobs_or_zero_occ_atoms.label_seq_id 
_pdbx_unobs_or_zero_occ_atoms.label_atom_id 
1  1 Y 1 A ARG 108 ? CG  ? A ARG 7  CG  
2  1 Y 1 A ARG 108 ? CD  ? A ARG 7  CD  
3  1 Y 1 A ARG 108 ? NE  ? A ARG 7  NE  
4  1 Y 1 A ARG 108 ? CZ  ? A ARG 7  CZ  
5  1 Y 1 A ARG 108 ? NH1 ? A ARG 7  NH1 
6  1 Y 1 A ARG 108 ? NH2 ? A ARG 7  NH2 
7  1 Y 1 A ARG 110 ? NE  ? A ARG 9  NE  
8  1 Y 1 A ARG 110 ? CZ  ? A ARG 9  CZ  
9  1 Y 1 A ARG 110 ? NH1 ? A ARG 9  NH1 
10 1 Y 1 A ARG 110 ? NH2 ? A ARG 9  NH2 
11 1 Y 1 A GLU 143 ? CD  ? A GLU 42 CD  
12 1 Y 1 A GLU 143 ? OE1 ? A GLU 42 OE1 
13 1 Y 1 A GLU 143 ? OE2 ? A GLU 42 OE2 
14 1 Y 1 B ARG 109 ? CG  ? B ARG 8  CG  
15 1 Y 1 B ARG 109 ? CD  ? B ARG 8  CD  
16 1 Y 1 B ARG 109 ? NE  ? B ARG 8  NE  
17 1 Y 1 B ARG 109 ? CZ  ? B ARG 8  CZ  
18 1 Y 1 B ARG 109 ? NH1 ? B ARG 8  NH1 
19 1 Y 1 B ARG 109 ? NH2 ? B ARG 8  NH2 
20 1 Y 1 B ARG 110 ? NE  ? B ARG 9  NE  
21 1 Y 1 B ARG 110 ? CZ  ? B ARG 9  CZ  
22 1 Y 1 B ARG 110 ? NH1 ? B ARG 9  NH1 
23 1 Y 1 B ARG 110 ? NH2 ? B ARG 9  NH2 
24 1 Y 1 B LYS 130 ? CD  ? B LYS 29 CD  
25 1 Y 1 B LYS 130 ? CE  ? B LYS 29 CE  
26 1 Y 1 B LYS 130 ? NZ  ? B LYS 29 NZ  
27 1 Y 1 C LYS 164 ? CD  ? C LYS 6  CD  
28 1 Y 1 C LYS 164 ? CE  ? C LYS 6  CE  
29 1 Y 1 C LYS 164 ? NZ  ? C LYS 6  NZ  
30 1 Y 1 D LYS 138 ? CD  ? D LYS 6  CD  
31 1 Y 1 D LYS 138 ? CE  ? D LYS 6  CE  
32 1 Y 1 D LYS 138 ? NZ  ? D LYS 6  NZ  
# 
loop_
_pdbx_unobs_or_zero_occ_residues.id 
_pdbx_unobs_or_zero_occ_residues.PDB_model_num 
_pdbx_unobs_or_zero_occ_residues.polymer_flag 
_pdbx_unobs_or_zero_occ_residues.occupancy_flag 
_pdbx_unobs_or_zero_occ_residues.auth_asym_id 
_pdbx_unobs_or_zero_occ_residues.auth_comp_id 
_pdbx_unobs_or_zero_occ_residues.auth_seq_id 
_pdbx_unobs_or_zero_occ_residues.PDB_ins_code 
_pdbx_unobs_or_zero_occ_residues.label_asym_id 
_pdbx_unobs_or_zero_occ_residues.label_comp_id 
_pdbx_unobs_or_zero_occ_residues.label_seq_id 
1  1 Y 1 A GLY 102 ? A GLY 1 
2  1 Y 1 A PRO 103 ? A PRO 2 
3  1 Y 1 A GLY 104 ? A GLY 3 
4  1 Y 1 A SER 105 ? A SER 4 
5  1 Y 1 A GLU 106 ? A GLU 5 
6  1 Y 1 A PHE 107 ? A PHE 6 
7  1 Y 1 B GLY 102 ? B GLY 1 
8  1 Y 1 B PRO 103 ? B PRO 2 
9  1 Y 1 B GLY 104 ? B GLY 3 
10 1 Y 1 B SER 105 ? B SER 4 
11 1 Y 1 B GLU 106 ? B GLU 5 
12 1 Y 1 B PHE 107 ? B PHE 6 
13 1 Y 1 B ARG 108 ? B ARG 7 
# 
loop_
_chem_comp_atom.comp_id 
_chem_comp_atom.atom_id 
_chem_comp_atom.type_symbol 
_chem_comp_atom.pdbx_aromatic_flag 
_chem_comp_atom.pdbx_stereo_config 
_chem_comp_atom.pdbx_ordinal 
ACT C    C N N 1   
ACT O    O N N 2   
ACT OXT  O N N 3   
ACT CH3  C N N 4   
ACT H1   H N N 5   
ACT H2   H N N 6   
ACT H3   H N N 7   
ALA N    N N N 8   
ALA CA   C N S 9   
ALA C    C N N 10  
ALA O    O N N 11  
ALA CB   C N N 12  
ALA OXT  O N N 13  
ALA H    H N N 14  
ALA H2   H N N 15  
ALA HA   H N N 16  
ALA HB1  H N N 17  
ALA HB2  H N N 18  
ALA HB3  H N N 19  
ALA HXT  H N N 20  
ARG N    N N N 21  
ARG CA   C N S 22  
ARG C    C N N 23  
ARG O    O N N 24  
ARG CB   C N N 25  
ARG CG   C N N 26  
ARG CD   C N N 27  
ARG NE   N N N 28  
ARG CZ   C N N 29  
ARG NH1  N N N 30  
ARG NH2  N N N 31  
ARG OXT  O N N 32  
ARG H    H N N 33  
ARG H2   H N N 34  
ARG HA   H N N 35  
ARG HB2  H N N 36  
ARG HB3  H N N 37  
ARG HG2  H N N 38  
ARG HG3  H N N 39  
ARG HD2  H N N 40  
ARG HD3  H N N 41  
ARG HE   H N N 42  
ARG HH11 H N N 43  
ARG HH12 H N N 44  
ARG HH21 H N N 45  
ARG HH22 H N N 46  
ARG HXT  H N N 47  
ASN N    N N N 48  
ASN CA   C N S 49  
ASN C    C N N 50  
ASN O    O N N 51  
ASN CB   C N N 52  
ASN CG   C N N 53  
ASN OD1  O N N 54  
ASN ND2  N N N 55  
ASN OXT  O N N 56  
ASN H    H N N 57  
ASN H2   H N N 58  
ASN HA   H N N 59  
ASN HB2  H N N 60  
ASN HB3  H N N 61  
ASN HD21 H N N 62  
ASN HD22 H N N 63  
ASN HXT  H N N 64  
ASP N    N N N 65  
ASP CA   C N S 66  
ASP C    C N N 67  
ASP O    O N N 68  
ASP CB   C N N 69  
ASP CG   C N N 70  
ASP OD1  O N N 71  
ASP OD2  O N N 72  
ASP OXT  O N N 73  
ASP H    H N N 74  
ASP H2   H N N 75  
ASP HA   H N N 76  
ASP HB2  H N N 77  
ASP HB3  H N N 78  
ASP HD2  H N N 79  
ASP HXT  H N N 80  
CYS N    N N N 81  
CYS CA   C N R 82  
CYS C    C N N 83  
CYS O    O N N 84  
CYS CB   C N N 85  
CYS SG   S N N 86  
CYS OXT  O N N 87  
CYS H    H N N 88  
CYS H2   H N N 89  
CYS HA   H N N 90  
CYS HB2  H N N 91  
CYS HB3  H N N 92  
CYS HG   H N N 93  
CYS HXT  H N N 94  
GLN N    N N N 95  
GLN CA   C N S 96  
GLN C    C N N 97  
GLN O    O N N 98  
GLN CB   C N N 99  
GLN CG   C N N 100 
GLN CD   C N N 101 
GLN OE1  O N N 102 
GLN NE2  N N N 103 
GLN OXT  O N N 104 
GLN H    H N N 105 
GLN H2   H N N 106 
GLN HA   H N N 107 
GLN HB2  H N N 108 
GLN HB3  H N N 109 
GLN HG2  H N N 110 
GLN HG3  H N N 111 
GLN HE21 H N N 112 
GLN HE22 H N N 113 
GLN HXT  H N N 114 
GLU N    N N N 115 
GLU CA   C N S 116 
GLU C    C N N 117 
GLU O    O N N 118 
GLU CB   C N N 119 
GLU CG   C N N 120 
GLU CD   C N N 121 
GLU OE1  O N N 122 
GLU OE2  O N N 123 
GLU OXT  O N N 124 
GLU H    H N N 125 
GLU H2   H N N 126 
GLU HA   H N N 127 
GLU HB2  H N N 128 
GLU HB3  H N N 129 
GLU HG2  H N N 130 
GLU HG3  H N N 131 
GLU HE2  H N N 132 
GLU HXT  H N N 133 
GLY N    N N N 134 
GLY CA   C N N 135 
GLY C    C N N 136 
GLY O    O N N 137 
GLY OXT  O N N 138 
GLY H    H N N 139 
GLY H2   H N N 140 
GLY HA2  H N N 141 
GLY HA3  H N N 142 
GLY HXT  H N N 143 
HIS N    N N N 144 
HIS CA   C N S 145 
HIS C    C N N 146 
HIS O    O N N 147 
HIS CB   C N N 148 
HIS CG   C Y N 149 
HIS ND1  N Y N 150 
HIS CD2  C Y N 151 
HIS CE1  C Y N 152 
HIS NE2  N Y N 153 
HIS OXT  O N N 154 
HIS H    H N N 155 
HIS H2   H N N 156 
HIS HA   H N N 157 
HIS HB2  H N N 158 
HIS HB3  H N N 159 
HIS HD1  H N N 160 
HIS HD2  H N N 161 
HIS HE1  H N N 162 
HIS HE2  H N N 163 
HIS HXT  H N N 164 
HOH O    O N N 165 
HOH H1   H N N 166 
HOH H2   H N N 167 
ILE N    N N N 168 
ILE CA   C N S 169 
ILE C    C N N 170 
ILE O    O N N 171 
ILE CB   C N S 172 
ILE CG1  C N N 173 
ILE CG2  C N N 174 
ILE CD1  C N N 175 
ILE OXT  O N N 176 
ILE H    H N N 177 
ILE H2   H N N 178 
ILE HA   H N N 179 
ILE HB   H N N 180 
ILE HG12 H N N 181 
ILE HG13 H N N 182 
ILE HG21 H N N 183 
ILE HG22 H N N 184 
ILE HG23 H N N 185 
ILE HD11 H N N 186 
ILE HD12 H N N 187 
ILE HD13 H N N 188 
ILE HXT  H N N 189 
LEU N    N N N 190 
LEU CA   C N S 191 
LEU C    C N N 192 
LEU O    O N N 193 
LEU CB   C N N 194 
LEU CG   C N N 195 
LEU CD1  C N N 196 
LEU CD2  C N N 197 
LEU OXT  O N N 198 
LEU H    H N N 199 
LEU H2   H N N 200 
LEU HA   H N N 201 
LEU HB2  H N N 202 
LEU HB3  H N N 203 
LEU HG   H N N 204 
LEU HD11 H N N 205 
LEU HD12 H N N 206 
LEU HD13 H N N 207 
LEU HD21 H N N 208 
LEU HD22 H N N 209 
LEU HD23 H N N 210 
LEU HXT  H N N 211 
LYS N    N N N 212 
LYS CA   C N S 213 
LYS C    C N N 214 
LYS O    O N N 215 
LYS CB   C N N 216 
LYS CG   C N N 217 
LYS CD   C N N 218 
LYS CE   C N N 219 
LYS NZ   N N N 220 
LYS OXT  O N N 221 
LYS H    H N N 222 
LYS H2   H N N 223 
LYS HA   H N N 224 
LYS HB2  H N N 225 
LYS HB3  H N N 226 
LYS HG2  H N N 227 
LYS HG3  H N N 228 
LYS HD2  H N N 229 
LYS HD3  H N N 230 
LYS HE2  H N N 231 
LYS HE3  H N N 232 
LYS HZ1  H N N 233 
LYS HZ2  H N N 234 
LYS HZ3  H N N 235 
LYS HXT  H N N 236 
MET N    N N N 237 
MET CA   C N S 238 
MET C    C N N 239 
MET O    O N N 240 
MET CB   C N N 241 
MET CG   C N N 242 
MET SD   S N N 243 
MET CE   C N N 244 
MET OXT  O N N 245 
MET H    H N N 246 
MET H2   H N N 247 
MET HA   H N N 248 
MET HB2  H N N 249 
MET HB3  H N N 250 
MET HG2  H N N 251 
MET HG3  H N N 252 
MET HE1  H N N 253 
MET HE2  H N N 254 
MET HE3  H N N 255 
MET HXT  H N N 256 
PHE N    N N N 257 
PHE CA   C N S 258 
PHE C    C N N 259 
PHE O    O N N 260 
PHE CB   C N N 261 
PHE CG   C Y N 262 
PHE CD1  C Y N 263 
PHE CD2  C Y N 264 
PHE CE1  C Y N 265 
PHE CE2  C Y N 266 
PHE CZ   C Y N 267 
PHE OXT  O N N 268 
PHE H    H N N 269 
PHE H2   H N N 270 
PHE HA   H N N 271 
PHE HB2  H N N 272 
PHE HB3  H N N 273 
PHE HD1  H N N 274 
PHE HD2  H N N 275 
PHE HE1  H N N 276 
PHE HE2  H N N 277 
PHE HZ   H N N 278 
PHE HXT  H N N 279 
PRO N    N N N 280 
PRO CA   C N S 281 
PRO C    C N N 282 
PRO O    O N N 283 
PRO CB   C N N 284 
PRO CG   C N N 285 
PRO CD   C N N 286 
PRO OXT  O N N 287 
PRO H    H N N 288 
PRO HA   H N N 289 
PRO HB2  H N N 290 
PRO HB3  H N N 291 
PRO HG2  H N N 292 
PRO HG3  H N N 293 
PRO HD2  H N N 294 
PRO HD3  H N N 295 
PRO HXT  H N N 296 
SER N    N N N 297 
SER CA   C N S 298 
SER C    C N N 299 
SER O    O N N 300 
SER CB   C N N 301 
SER OG   O N N 302 
SER OXT  O N N 303 
SER H    H N N 304 
SER H2   H N N 305 
SER HA   H N N 306 
SER HB2  H N N 307 
SER HB3  H N N 308 
SER HG   H N N 309 
SER HXT  H N N 310 
THR N    N N N 311 
THR CA   C N S 312 
THR C    C N N 313 
THR O    O N N 314 
THR CB   C N R 315 
THR OG1  O N N 316 
THR CG2  C N N 317 
THR OXT  O N N 318 
THR H    H N N 319 
THR H2   H N N 320 
THR HA   H N N 321 
THR HB   H N N 322 
THR HG1  H N N 323 
THR HG21 H N N 324 
THR HG22 H N N 325 
THR HG23 H N N 326 
THR HXT  H N N 327 
TRP N    N N N 328 
TRP CA   C N S 329 
TRP C    C N N 330 
TRP O    O N N 331 
TRP CB   C N N 332 
TRP CG   C Y N 333 
TRP CD1  C Y N 334 
TRP CD2  C Y N 335 
TRP NE1  N Y N 336 
TRP CE2  C Y N 337 
TRP CE3  C Y N 338 
TRP CZ2  C Y N 339 
TRP CZ3  C Y N 340 
TRP CH2  C Y N 341 
TRP OXT  O N N 342 
TRP H    H N N 343 
TRP H2   H N N 344 
TRP HA   H N N 345 
TRP HB2  H N N 346 
TRP HB3  H N N 347 
TRP HD1  H N N 348 
TRP HE1  H N N 349 
TRP HE3  H N N 350 
TRP HZ2  H N N 351 
TRP HZ3  H N N 352 
TRP HH2  H N N 353 
TRP HXT  H N N 354 
TYR N    N N N 355 
TYR CA   C N S 356 
TYR C    C N N 357 
TYR O    O N N 358 
TYR CB   C N N 359 
TYR CG   C Y N 360 
TYR CD1  C Y N 361 
TYR CD2  C Y N 362 
TYR CE1  C Y N 363 
TYR CE2  C Y N 364 
TYR CZ   C Y N 365 
TYR OH   O N N 366 
TYR OXT  O N N 367 
TYR H    H N N 368 
TYR H2   H N N 369 
TYR HA   H N N 370 
TYR HB2  H N N 371 
TYR HB3  H N N 372 
TYR HD1  H N N 373 
TYR HD2  H N N 374 
TYR HE1  H N N 375 
TYR HE2  H N N 376 
TYR HH   H N N 377 
TYR HXT  H N N 378 
VAL N    N N N 379 
VAL CA   C N S 380 
VAL C    C N N 381 
VAL O    O N N 382 
VAL CB   C N N 383 
VAL CG1  C N N 384 
VAL CG2  C N N 385 
VAL OXT  O N N 386 
VAL H    H N N 387 
VAL H2   H N N 388 
VAL HA   H N N 389 
VAL HB   H N N 390 
VAL HG11 H N N 391 
VAL HG12 H N N 392 
VAL HG13 H N N 393 
VAL HG21 H N N 394 
VAL HG22 H N N 395 
VAL HG23 H N N 396 
VAL HXT  H N N 397 
# 
loop_
_chem_comp_bond.comp_id 
_chem_comp_bond.atom_id_1 
_chem_comp_bond.atom_id_2 
_chem_comp_bond.value_order 
_chem_comp_bond.pdbx_aromatic_flag 
_chem_comp_bond.pdbx_stereo_config 
_chem_comp_bond.pdbx_ordinal 
ACT C   O    doub N N 1   
ACT C   OXT  sing N N 2   
ACT C   CH3  sing N N 3   
ACT CH3 H1   sing N N 4   
ACT CH3 H2   sing N N 5   
ACT CH3 H3   sing N N 6   
ALA N   CA   sing N N 7   
ALA N   H    sing N N 8   
ALA N   H2   sing N N 9   
ALA CA  C    sing N N 10  
ALA CA  CB   sing N N 11  
ALA CA  HA   sing N N 12  
ALA C   O    doub N N 13  
ALA C   OXT  sing N N 14  
ALA CB  HB1  sing N N 15  
ALA CB  HB2  sing N N 16  
ALA CB  HB3  sing N N 17  
ALA OXT HXT  sing N N 18  
ARG N   CA   sing N N 19  
ARG N   H    sing N N 20  
ARG N   H2   sing N N 21  
ARG CA  C    sing N N 22  
ARG CA  CB   sing N N 23  
ARG CA  HA   sing N N 24  
ARG C   O    doub N N 25  
ARG C   OXT  sing N N 26  
ARG CB  CG   sing N N 27  
ARG CB  HB2  sing N N 28  
ARG CB  HB3  sing N N 29  
ARG CG  CD   sing N N 30  
ARG CG  HG2  sing N N 31  
ARG CG  HG3  sing N N 32  
ARG CD  NE   sing N N 33  
ARG CD  HD2  sing N N 34  
ARG CD  HD3  sing N N 35  
ARG NE  CZ   sing N N 36  
ARG NE  HE   sing N N 37  
ARG CZ  NH1  sing N N 38  
ARG CZ  NH2  doub N N 39  
ARG NH1 HH11 sing N N 40  
ARG NH1 HH12 sing N N 41  
ARG NH2 HH21 sing N N 42  
ARG NH2 HH22 sing N N 43  
ARG OXT HXT  sing N N 44  
ASN N   CA   sing N N 45  
ASN N   H    sing N N 46  
ASN N   H2   sing N N 47  
ASN CA  C    sing N N 48  
ASN CA  CB   sing N N 49  
ASN CA  HA   sing N N 50  
ASN C   O    doub N N 51  
ASN C   OXT  sing N N 52  
ASN CB  CG   sing N N 53  
ASN CB  HB2  sing N N 54  
ASN CB  HB3  sing N N 55  
ASN CG  OD1  doub N N 56  
ASN CG  ND2  sing N N 57  
ASN ND2 HD21 sing N N 58  
ASN ND2 HD22 sing N N 59  
ASN OXT HXT  sing N N 60  
ASP N   CA   sing N N 61  
ASP N   H    sing N N 62  
ASP N   H2   sing N N 63  
ASP CA  C    sing N N 64  
ASP CA  CB   sing N N 65  
ASP CA  HA   sing N N 66  
ASP C   O    doub N N 67  
ASP C   OXT  sing N N 68  
ASP CB  CG   sing N N 69  
ASP CB  HB2  sing N N 70  
ASP CB  HB3  sing N N 71  
ASP CG  OD1  doub N N 72  
ASP CG  OD2  sing N N 73  
ASP OD2 HD2  sing N N 74  
ASP OXT HXT  sing N N 75  
CYS N   CA   sing N N 76  
CYS N   H    sing N N 77  
CYS N   H2   sing N N 78  
CYS CA  C    sing N N 79  
CYS CA  CB   sing N N 80  
CYS CA  HA   sing N N 81  
CYS C   O    doub N N 82  
CYS C   OXT  sing N N 83  
CYS CB  SG   sing N N 84  
CYS CB  HB2  sing N N 85  
CYS CB  HB3  sing N N 86  
CYS SG  HG   sing N N 87  
CYS OXT HXT  sing N N 88  
GLN N   CA   sing N N 89  
GLN N   H    sing N N 90  
GLN N   H2   sing N N 91  
GLN CA  C    sing N N 92  
GLN CA  CB   sing N N 93  
GLN CA  HA   sing N N 94  
GLN C   O    doub N N 95  
GLN C   OXT  sing N N 96  
GLN CB  CG   sing N N 97  
GLN CB  HB2  sing N N 98  
GLN CB  HB3  sing N N 99  
GLN CG  CD   sing N N 100 
GLN CG  HG2  sing N N 101 
GLN CG  HG3  sing N N 102 
GLN CD  OE1  doub N N 103 
GLN CD  NE2  sing N N 104 
GLN NE2 HE21 sing N N 105 
GLN NE2 HE22 sing N N 106 
GLN OXT HXT  sing N N 107 
GLU N   CA   sing N N 108 
GLU N   H    sing N N 109 
GLU N   H2   sing N N 110 
GLU CA  C    sing N N 111 
GLU CA  CB   sing N N 112 
GLU CA  HA   sing N N 113 
GLU C   O    doub N N 114 
GLU C   OXT  sing N N 115 
GLU CB  CG   sing N N 116 
GLU CB  HB2  sing N N 117 
GLU CB  HB3  sing N N 118 
GLU CG  CD   sing N N 119 
GLU CG  HG2  sing N N 120 
GLU CG  HG3  sing N N 121 
GLU CD  OE1  doub N N 122 
GLU CD  OE2  sing N N 123 
GLU OE2 HE2  sing N N 124 
GLU OXT HXT  sing N N 125 
GLY N   CA   sing N N 126 
GLY N   H    sing N N 127 
GLY N   H2   sing N N 128 
GLY CA  C    sing N N 129 
GLY CA  HA2  sing N N 130 
GLY CA  HA3  sing N N 131 
GLY C   O    doub N N 132 
GLY C   OXT  sing N N 133 
GLY OXT HXT  sing N N 134 
HIS N   CA   sing N N 135 
HIS N   H    sing N N 136 
HIS N   H2   sing N N 137 
HIS CA  C    sing N N 138 
HIS CA  CB   sing N N 139 
HIS CA  HA   sing N N 140 
HIS C   O    doub N N 141 
HIS C   OXT  sing N N 142 
HIS CB  CG   sing N N 143 
HIS CB  HB2  sing N N 144 
HIS CB  HB3  sing N N 145 
HIS CG  ND1  sing Y N 146 
HIS CG  CD2  doub Y N 147 
HIS ND1 CE1  doub Y N 148 
HIS ND1 HD1  sing N N 149 
HIS CD2 NE2  sing Y N 150 
HIS CD2 HD2  sing N N 151 
HIS CE1 NE2  sing Y N 152 
HIS CE1 HE1  sing N N 153 
HIS NE2 HE2  sing N N 154 
HIS OXT HXT  sing N N 155 
HOH O   H1   sing N N 156 
HOH O   H2   sing N N 157 
ILE N   CA   sing N N 158 
ILE N   H    sing N N 159 
ILE N   H2   sing N N 160 
ILE CA  C    sing N N 161 
ILE CA  CB   sing N N 162 
ILE CA  HA   sing N N 163 
ILE C   O    doub N N 164 
ILE C   OXT  sing N N 165 
ILE CB  CG1  sing N N 166 
ILE CB  CG2  sing N N 167 
ILE CB  HB   sing N N 168 
ILE CG1 CD1  sing N N 169 
ILE CG1 HG12 sing N N 170 
ILE CG1 HG13 sing N N 171 
ILE CG2 HG21 sing N N 172 
ILE CG2 HG22 sing N N 173 
ILE CG2 HG23 sing N N 174 
ILE CD1 HD11 sing N N 175 
ILE CD1 HD12 sing N N 176 
ILE CD1 HD13 sing N N 177 
ILE OXT HXT  sing N N 178 
LEU N   CA   sing N N 179 
LEU N   H    sing N N 180 
LEU N   H2   sing N N 181 
LEU CA  C    sing N N 182 
LEU CA  CB   sing N N 183 
LEU CA  HA   sing N N 184 
LEU C   O    doub N N 185 
LEU C   OXT  sing N N 186 
LEU CB  CG   sing N N 187 
LEU CB  HB2  sing N N 188 
LEU CB  HB3  sing N N 189 
LEU CG  CD1  sing N N 190 
LEU CG  CD2  sing N N 191 
LEU CG  HG   sing N N 192 
LEU CD1 HD11 sing N N 193 
LEU CD1 HD12 sing N N 194 
LEU CD1 HD13 sing N N 195 
LEU CD2 HD21 sing N N 196 
LEU CD2 HD22 sing N N 197 
LEU CD2 HD23 sing N N 198 
LEU OXT HXT  sing N N 199 
LYS N   CA   sing N N 200 
LYS N   H    sing N N 201 
LYS N   H2   sing N N 202 
LYS CA  C    sing N N 203 
LYS CA  CB   sing N N 204 
LYS CA  HA   sing N N 205 
LYS C   O    doub N N 206 
LYS C   OXT  sing N N 207 
LYS CB  CG   sing N N 208 
LYS CB  HB2  sing N N 209 
LYS CB  HB3  sing N N 210 
LYS CG  CD   sing N N 211 
LYS CG  HG2  sing N N 212 
LYS CG  HG3  sing N N 213 
LYS CD  CE   sing N N 214 
LYS CD  HD2  sing N N 215 
LYS CD  HD3  sing N N 216 
LYS CE  NZ   sing N N 217 
LYS CE  HE2  sing N N 218 
LYS CE  HE3  sing N N 219 
LYS NZ  HZ1  sing N N 220 
LYS NZ  HZ2  sing N N 221 
LYS NZ  HZ3  sing N N 222 
LYS OXT HXT  sing N N 223 
MET N   CA   sing N N 224 
MET N   H    sing N N 225 
MET N   H2   sing N N 226 
MET CA  C    sing N N 227 
MET CA  CB   sing N N 228 
MET CA  HA   sing N N 229 
MET C   O    doub N N 230 
MET C   OXT  sing N N 231 
MET CB  CG   sing N N 232 
MET CB  HB2  sing N N 233 
MET CB  HB3  sing N N 234 
MET CG  SD   sing N N 235 
MET CG  HG2  sing N N 236 
MET CG  HG3  sing N N 237 
MET SD  CE   sing N N 238 
MET CE  HE1  sing N N 239 
MET CE  HE2  sing N N 240 
MET CE  HE3  sing N N 241 
MET OXT HXT  sing N N 242 
PHE N   CA   sing N N 243 
PHE N   H    sing N N 244 
PHE N   H2   sing N N 245 
PHE CA  C    sing N N 246 
PHE CA  CB   sing N N 247 
PHE CA  HA   sing N N 248 
PHE C   O    doub N N 249 
PHE C   OXT  sing N N 250 
PHE CB  CG   sing N N 251 
PHE CB  HB2  sing N N 252 
PHE CB  HB3  sing N N 253 
PHE CG  CD1  doub Y N 254 
PHE CG  CD2  sing Y N 255 
PHE CD1 CE1  sing Y N 256 
PHE CD1 HD1  sing N N 257 
PHE CD2 CE2  doub Y N 258 
PHE CD2 HD2  sing N N 259 
PHE CE1 CZ   doub Y N 260 
PHE CE1 HE1  sing N N 261 
PHE CE2 CZ   sing Y N 262 
PHE CE2 HE2  sing N N 263 
PHE CZ  HZ   sing N N 264 
PHE OXT HXT  sing N N 265 
PRO N   CA   sing N N 266 
PRO N   CD   sing N N 267 
PRO N   H    sing N N 268 
PRO CA  C    sing N N 269 
PRO CA  CB   sing N N 270 
PRO CA  HA   sing N N 271 
PRO C   O    doub N N 272 
PRO C   OXT  sing N N 273 
PRO CB  CG   sing N N 274 
PRO CB  HB2  sing N N 275 
PRO CB  HB3  sing N N 276 
PRO CG  CD   sing N N 277 
PRO CG  HG2  sing N N 278 
PRO CG  HG3  sing N N 279 
PRO CD  HD2  sing N N 280 
PRO CD  HD3  sing N N 281 
PRO OXT HXT  sing N N 282 
SER N   CA   sing N N 283 
SER N   H    sing N N 284 
SER N   H2   sing N N 285 
SER CA  C    sing N N 286 
SER CA  CB   sing N N 287 
SER CA  HA   sing N N 288 
SER C   O    doub N N 289 
SER C   OXT  sing N N 290 
SER CB  OG   sing N N 291 
SER CB  HB2  sing N N 292 
SER CB  HB3  sing N N 293 
SER OG  HG   sing N N 294 
SER OXT HXT  sing N N 295 
THR N   CA   sing N N 296 
THR N   H    sing N N 297 
THR N   H2   sing N N 298 
THR CA  C    sing N N 299 
THR CA  CB   sing N N 300 
THR CA  HA   sing N N 301 
THR C   O    doub N N 302 
THR C   OXT  sing N N 303 
THR CB  OG1  sing N N 304 
THR CB  CG2  sing N N 305 
THR CB  HB   sing N N 306 
THR OG1 HG1  sing N N 307 
THR CG2 HG21 sing N N 308 
THR CG2 HG22 sing N N 309 
THR CG2 HG23 sing N N 310 
THR OXT HXT  sing N N 311 
TRP N   CA   sing N N 312 
TRP N   H    sing N N 313 
TRP N   H2   sing N N 314 
TRP CA  C    sing N N 315 
TRP CA  CB   sing N N 316 
TRP CA  HA   sing N N 317 
TRP C   O    doub N N 318 
TRP C   OXT  sing N N 319 
TRP CB  CG   sing N N 320 
TRP CB  HB2  sing N N 321 
TRP CB  HB3  sing N N 322 
TRP CG  CD1  doub Y N 323 
TRP CG  CD2  sing Y N 324 
TRP CD1 NE1  sing Y N 325 
TRP CD1 HD1  sing N N 326 
TRP CD2 CE2  doub Y N 327 
TRP CD2 CE3  sing Y N 328 
TRP NE1 CE2  sing Y N 329 
TRP NE1 HE1  sing N N 330 
TRP CE2 CZ2  sing Y N 331 
TRP CE3 CZ3  doub Y N 332 
TRP CE3 HE3  sing N N 333 
TRP CZ2 CH2  doub Y N 334 
TRP CZ2 HZ2  sing N N 335 
TRP CZ3 CH2  sing Y N 336 
TRP CZ3 HZ3  sing N N 337 
TRP CH2 HH2  sing N N 338 
TRP OXT HXT  sing N N 339 
TYR N   CA   sing N N 340 
TYR N   H    sing N N 341 
TYR N   H2   sing N N 342 
TYR CA  C    sing N N 343 
TYR CA  CB   sing N N 344 
TYR CA  HA   sing N N 345 
TYR C   O    doub N N 346 
TYR C   OXT  sing N N 347 
TYR CB  CG   sing N N 348 
TYR CB  HB2  sing N N 349 
TYR CB  HB3  sing N N 350 
TYR CG  CD1  doub Y N 351 
TYR CG  CD2  sing Y N 352 
TYR CD1 CE1  sing Y N 353 
TYR CD1 HD1  sing N N 354 
TYR CD2 CE2  doub Y N 355 
TYR CD2 HD2  sing N N 356 
TYR CE1 CZ   doub Y N 357 
TYR CE1 HE1  sing N N 358 
TYR CE2 CZ   sing Y N 359 
TYR CE2 HE2  sing N N 360 
TYR CZ  OH   sing N N 361 
TYR OH  HH   sing N N 362 
TYR OXT HXT  sing N N 363 
VAL N   CA   sing N N 364 
VAL N   H    sing N N 365 
VAL N   H2   sing N N 366 
VAL CA  C    sing N N 367 
VAL CA  CB   sing N N 368 
VAL CA  HA   sing N N 369 
VAL C   O    doub N N 370 
VAL C   OXT  sing N N 371 
VAL CB  CG1  sing N N 372 
VAL CB  CG2  sing N N 373 
VAL CB  HB   sing N N 374 
VAL CG1 HG11 sing N N 375 
VAL CG1 HG12 sing N N 376 
VAL CG1 HG13 sing N N 377 
VAL CG2 HG21 sing N N 378 
VAL CG2 HG22 sing N N 379 
VAL CG2 HG23 sing N N 380 
VAL OXT HXT  sing N N 381 
# 
loop_
_pdbx_entity_nonpoly.entity_id 
_pdbx_entity_nonpoly.name 
_pdbx_entity_nonpoly.comp_id 
3 'ACETATE ION' ACT 
4 water         HOH 
# 
_pdbx_initial_refinement_model.id               1 
_pdbx_initial_refinement_model.entity_id_list   ? 
_pdbx_initial_refinement_model.type             'experimental model' 
_pdbx_initial_refinement_model.source_name      PDB 
_pdbx_initial_refinement_model.accession_code   3U23 
_pdbx_initial_refinement_model.details          ? 
# 
_pdbx_struct_assembly_auth_evidence.id                     1 
_pdbx_struct_assembly_auth_evidence.assembly_id            1 
_pdbx_struct_assembly_auth_evidence.experimental_support   'isothermal titration calorimetry' 
_pdbx_struct_assembly_auth_evidence.details                ? 
# 
